data_2WRH
#
_entry.id   2WRH
#
_cell.length_a   103.416
_cell.length_b   155.538
_cell.length_c   157.876
_cell.angle_alpha   90.00
_cell.angle_beta   90.00
_cell.angle_gamma   90.00
#
_symmetry.space_group_name_H-M   'P 21 21 21'
#
loop_
_entity.id
_entity.type
_entity.pdbx_description
1 polymer 'HEMAGGLUTININ HA1 CHAIN'
2 polymer 'HEMAGGLUTININ HA2 CHAIN'
3 non-polymer 'N-acetyl-alpha-neuraminic acid'
#
loop_
_entity_poly.entity_id
_entity_poly.type
_entity_poly.pdbx_seq_one_letter_code
_entity_poly.pdbx_strand_id
1 'polypeptide(L)'
;DTICVGYHANNSTDTVDTVLEKNVTVTHSVNLLEDSHNGKLCSLGIAPLQLGKCNVAGWLLGNPECDLLLTANSWSYIIE
TSNSENGTCYPGEFIDYEELREQLSSVSSFEKFEIFPKASSWPNHETKGVTAACSYSGASSFYRNLLWITKKGTSYPKLS
KSYTNNKGKEVLVLWGVHHPPSVSEQQSLYQNADAYVSVGSSKYNRRFAPEIAARPKVRGQAGRMNYYWTLLDQGDTITF
EATGNLIAPWYAFALNKGSDSGIITSDAPVHNCDTRCQTPHGALNSSLPFQNVHPITIGECPKYVKSTKLRMATGLRNVP
SRQS
;
H,J,L
2 'polypeptide(L)'
;GLFGAIAGFIEGGWTGMIDGWYGYHHQNEQGSGYAADQKSTQNAIDGITSKVNSVIEKMNTQFTAVGKEFNNLERRIENL
NKKVDDGFLDVWTYNAELLVLLENERTLDFHDSNVRNLYEKVKSQLRNNAKEIGNGCFEFYHKCDDECMESVKNGTYDYP
KYSEESKLNREEIDGVKLESMGVYQILAIYSTVASSLVLLVSLGAISFWMCSNGSLQCRICI
;
I,K,M
#
loop_
_chem_comp.id
_chem_comp.type
_chem_comp.name
_chem_comp.formula
SIA D-saccharide, alpha linking 'N-acetyl-alpha-neuraminic acid' 'C11 H19 N O9'
#
# COMPACT_ATOMS: atom_id res chain seq x y z
N ASP A 1 -11.73 -3.57 65.34
CA ASP A 1 -11.34 -4.54 64.32
C ASP A 1 -11.61 -4.00 62.93
N THR A 2 -10.80 -4.40 61.95
CA THR A 2 -10.85 -3.74 60.64
C THR A 2 -10.38 -4.68 59.53
N ILE A 3 -11.18 -4.83 58.48
CA ILE A 3 -10.81 -5.52 57.24
C ILE A 3 -10.48 -4.41 56.23
N CYS A 4 -9.43 -4.59 55.43
CA CYS A 4 -9.08 -3.60 54.41
C CYS A 4 -9.14 -4.17 53.01
N VAL A 5 -9.44 -3.32 52.04
CA VAL A 5 -9.34 -3.69 50.63
C VAL A 5 -8.09 -3.07 50.00
N GLY A 6 -7.41 -3.81 49.13
CA GLY A 6 -6.15 -3.32 48.57
C GLY A 6 -5.65 -4.13 47.40
N TYR A 7 -4.50 -3.72 46.86
CA TYR A 7 -3.97 -4.37 45.68
C TYR A 7 -2.49 -4.72 45.75
N HIS A 8 -2.07 -5.56 44.82
CA HIS A 8 -0.73 -6.10 44.74
C HIS A 8 0.34 -5.03 44.45
N ALA A 9 1.53 -5.28 44.98
CA ALA A 9 2.71 -4.51 44.63
C ALA A 9 3.89 -5.47 44.66
N ASN A 10 4.96 -5.12 43.96
CA ASN A 10 6.16 -5.96 43.98
C ASN A 10 7.43 -5.18 43.67
N ASN A 11 8.54 -5.88 43.49
CA ASN A 11 9.82 -5.25 43.22
C ASN A 11 10.04 -5.02 41.72
N SER A 12 8.97 -5.11 40.94
CA SER A 12 9.04 -4.91 39.49
C SER A 12 9.49 -3.51 39.13
N THR A 13 10.33 -3.42 38.10
CA THR A 13 10.78 -2.14 37.59
C THR A 13 10.39 -2.01 36.13
N ASP A 14 9.54 -2.92 35.67
CA ASP A 14 8.95 -2.83 34.35
C ASP A 14 8.26 -1.48 34.18
N THR A 15 8.44 -0.87 33.01
CA THR A 15 7.95 0.47 32.78
C THR A 15 7.24 0.53 31.43
N VAL A 16 6.02 1.06 31.42
CA VAL A 16 5.25 1.19 30.17
C VAL A 16 4.77 2.62 29.94
N ASP A 17 4.39 2.94 28.71
CA ASP A 17 3.86 4.28 28.38
C ASP A 17 2.35 4.19 28.20
N THR A 18 1.63 5.18 28.75
CA THR A 18 0.19 5.28 28.50
C THR A 18 -0.10 6.52 27.70
N VAL A 19 -1.36 6.78 27.39
CA VAL A 19 -1.71 7.96 26.60
C VAL A 19 -1.62 9.25 27.43
N LEU A 20 -1.87 9.14 28.74
CA LEU A 20 -1.82 10.31 29.62
C LEU A 20 -0.47 10.52 30.32
N GLU A 21 0.30 9.45 30.48
CA GLU A 21 1.48 9.48 31.32
C GLU A 21 2.60 8.63 30.75
N LYS A 22 3.84 9.09 30.85
CA LYS A 22 4.98 8.31 30.40
C LYS A 22 5.68 7.59 31.55
N ASN A 23 6.54 6.64 31.21
CA ASN A 23 7.36 5.92 32.19
C ASN A 23 6.62 5.50 33.46
N VAL A 24 5.49 4.82 33.29
CA VAL A 24 4.72 4.29 34.42
C VAL A 24 5.14 2.88 34.86
N THR A 25 5.58 2.74 36.11
CA THR A 25 6.02 1.44 36.60
C THR A 25 4.79 0.57 36.86
N VAL A 26 4.82 -0.67 36.36
CA VAL A 26 3.70 -1.59 36.52
C VAL A 26 4.21 -2.90 37.09
N THR A 27 3.31 -3.73 37.61
CA THR A 27 3.68 -4.99 38.26
C THR A 27 3.96 -6.14 37.31
N HIS A 28 3.39 -6.07 36.11
CA HIS A 28 3.49 -7.13 35.11
C HIS A 28 3.36 -6.56 33.69
N SER A 29 4.13 -7.08 32.75
CA SER A 29 4.00 -6.64 31.36
C SER A 29 4.48 -7.71 30.39
N VAL A 30 4.14 -7.52 29.11
CA VAL A 30 4.70 -8.37 28.05
C VAL A 30 5.29 -7.49 26.96
N ASN A 31 6.33 -7.99 26.29
CA ASN A 31 6.88 -7.27 25.15
C ASN A 31 6.12 -7.65 23.87
N LEU A 32 5.76 -6.64 23.08
CA LEU A 32 5.06 -6.89 21.83
C LEU A 32 6.01 -6.72 20.64
N LEU A 33 7.21 -6.22 20.92
CA LEU A 33 8.15 -5.89 19.85
C LEU A 33 9.34 -6.83 19.83
N GLU A 34 9.49 -7.59 18.75
CA GLU A 34 10.69 -8.38 18.54
C GLU A 34 11.80 -7.44 18.09
N ASP A 35 12.87 -7.36 18.86
CA ASP A 35 13.91 -6.38 18.57
C ASP A 35 15.29 -7.01 18.47
N SER A 36 15.34 -8.34 18.40
CA SER A 36 16.61 -9.04 18.24
C SER A 36 16.50 -10.19 17.25
N HIS A 37 17.64 -10.63 16.73
CA HIS A 37 17.64 -11.68 15.72
C HIS A 37 18.63 -12.80 16.00
N ASN A 38 18.63 -13.75 15.08
CA ASN A 38 19.33 -15.02 15.24
C ASN A 38 20.83 -14.93 15.08
N GLY A 39 21.29 -14.00 14.27
CA GLY A 39 22.69 -13.93 13.87
C GLY A 39 22.96 -14.92 12.76
N LYS A 40 21.97 -15.74 12.43
CA LYS A 40 22.15 -16.81 11.45
C LYS A 40 21.15 -16.79 10.30
N LEU A 41 21.55 -17.34 9.16
CA LEU A 41 20.66 -17.57 8.02
C LEU A 41 20.15 -19.01 8.10
N CYS A 42 18.84 -19.19 8.10
CA CYS A 42 18.26 -20.50 8.39
C CYS A 42 17.49 -21.12 7.23
N SER A 43 16.69 -22.13 7.56
CA SER A 43 15.84 -22.78 6.58
C SER A 43 14.39 -22.26 6.70
N LEU A 44 13.55 -22.58 5.72
CA LEU A 44 12.12 -22.30 5.82
C LEU A 44 11.28 -23.60 5.90
N GLY A 45 11.88 -24.63 6.50
CA GLY A 45 11.46 -26.02 6.34
C GLY A 45 12.52 -26.66 5.46
N ILE A 46 12.88 -25.93 4.41
CA ILE A 46 13.87 -26.34 3.42
C ILE A 46 15.06 -25.38 3.51
N ALA A 47 16.24 -25.80 3.04
CA ALA A 47 17.44 -24.96 3.17
C ALA A 47 17.67 -24.01 1.98
N PRO A 48 18.45 -22.93 2.20
CA PRO A 48 18.70 -21.93 1.16
C PRO A 48 19.82 -22.37 0.24
N LEU A 49 19.80 -21.88 -0.99
CA LEU A 49 20.90 -22.09 -1.92
C LEU A 49 21.99 -21.05 -1.70
N GLN A 50 23.22 -21.49 -1.42
CA GLN A 50 24.32 -20.56 -1.23
C GLN A 50 25.20 -20.52 -2.45
N LEU A 51 25.44 -19.33 -2.97
CA LEU A 51 26.23 -19.18 -4.18
C LEU A 51 27.67 -18.81 -3.87
N GLY A 52 27.88 -18.18 -2.71
CA GLY A 52 29.22 -17.88 -2.24
C GLY A 52 29.97 -16.88 -3.11
N LYS A 53 31.04 -17.35 -3.76
CA LYS A 53 31.85 -16.47 -4.60
C LYS A 53 31.21 -16.20 -5.97
N CYS A 54 30.09 -16.86 -6.24
CA CYS A 54 29.36 -16.66 -7.49
C CYS A 54 28.06 -15.88 -7.30
N ASN A 55 27.43 -15.53 -8.41
CA ASN A 55 26.07 -14.99 -8.39
C ASN A 55 25.19 -15.77 -9.37
N VAL A 56 23.89 -15.54 -9.33
CA VAL A 56 22.97 -16.34 -10.12
C VAL A 56 23.43 -16.51 -11.58
N ALA A 57 23.90 -15.42 -12.19
CA ALA A 57 24.36 -15.47 -13.58
C ALA A 57 25.51 -16.46 -13.72
N GLY A 58 26.55 -16.27 -12.93
CA GLY A 58 27.72 -17.13 -12.97
C GLY A 58 27.40 -18.59 -12.69
N TRP A 59 26.48 -18.81 -11.76
CA TRP A 59 26.03 -20.14 -11.41
C TRP A 59 25.35 -20.80 -12.60
N LEU A 60 24.28 -20.18 -13.09
CA LEU A 60 23.53 -20.69 -14.24
C LEU A 60 24.43 -20.94 -15.47
N LEU A 61 25.26 -19.95 -15.80
CA LEU A 61 26.07 -20.04 -17.01
C LEU A 61 27.22 -21.03 -16.85
N GLY A 62 27.71 -21.18 -15.63
CA GLY A 62 28.83 -22.05 -15.40
C GLY A 62 30.16 -21.33 -15.51
N ASN A 63 30.21 -20.11 -14.96
CA ASN A 63 31.48 -19.40 -14.80
C ASN A 63 32.48 -20.42 -14.27
N PRO A 64 33.70 -20.42 -14.83
CA PRO A 64 34.72 -21.41 -14.44
C PRO A 64 35.11 -21.37 -12.97
N GLU A 65 34.78 -20.28 -12.29
CA GLU A 65 35.12 -20.11 -10.88
C GLU A 65 34.06 -20.74 -9.97
N CYS A 66 32.99 -21.25 -10.59
CA CYS A 66 31.84 -21.78 -9.84
C CYS A 66 31.77 -23.31 -9.89
N ASP A 67 32.83 -23.95 -10.34
CA ASP A 67 32.85 -25.40 -10.42
C ASP A 67 32.63 -26.02 -9.04
N LEU A 68 33.33 -25.47 -8.04
CA LEU A 68 33.25 -25.96 -6.68
C LEU A 68 31.99 -25.46 -5.99
N LEU A 69 30.84 -25.73 -6.60
CA LEU A 69 29.57 -25.21 -6.10
C LEU A 69 28.47 -26.24 -6.25
N LEU A 70 27.94 -26.35 -7.47
CA LEU A 70 26.84 -27.25 -7.80
C LEU A 70 26.31 -28.04 -6.60
N THR A 71 25.26 -27.51 -5.98
CA THR A 71 24.69 -28.09 -4.77
C THR A 71 23.17 -28.05 -4.86
N ALA A 72 22.70 -27.74 -6.05
CA ALA A 72 21.27 -27.64 -6.30
C ALA A 72 20.56 -28.98 -6.09
N ASN A 73 19.50 -28.96 -5.28
CA ASN A 73 18.50 -30.01 -5.29
C ASN A 73 17.13 -29.36 -5.22
N SER A 74 16.95 -28.55 -4.20
CA SER A 74 15.75 -27.77 -3.98
C SER A 74 16.07 -26.77 -2.87
N TRP A 75 15.50 -25.56 -2.96
CA TRP A 75 15.81 -24.51 -1.98
C TRP A 75 14.65 -23.56 -1.76
N SER A 76 14.68 -22.86 -0.63
CA SER A 76 13.59 -21.99 -0.23
C SER A 76 13.88 -20.54 -0.58
N TYR A 77 15.16 -20.22 -0.72
CA TYR A 77 15.59 -18.90 -1.14
C TYR A 77 17.05 -18.90 -1.52
N ILE A 78 17.50 -17.90 -2.28
CA ILE A 78 18.90 -17.83 -2.67
C ILE A 78 19.65 -16.85 -1.76
N ILE A 79 20.90 -17.19 -1.42
CA ILE A 79 21.76 -16.30 -0.64
C ILE A 79 22.96 -15.87 -1.48
N GLU A 80 23.18 -14.56 -1.59
CA GLU A 80 24.41 -14.06 -2.19
C GLU A 80 25.19 -13.31 -1.13
N THR A 81 26.50 -13.40 -1.18
CA THR A 81 27.35 -12.70 -0.22
C THR A 81 28.02 -11.48 -0.86
N SER A 82 28.71 -10.68 -0.05
CA SER A 82 29.41 -9.51 -0.56
C SER A 82 30.61 -9.93 -1.41
N ASN A 83 30.89 -11.24 -1.41
CA ASN A 83 31.95 -11.81 -2.24
C ASN A 83 31.42 -12.47 -3.51
N SER A 84 30.26 -12.02 -3.98
CA SER A 84 29.60 -12.68 -5.11
C SER A 84 29.81 -11.96 -6.45
N GLU A 85 31.06 -11.93 -6.94
CA GLU A 85 31.33 -11.23 -8.19
C GLU A 85 31.51 -12.08 -9.44
N ASN A 86 32.08 -13.28 -9.30
CA ASN A 86 32.26 -14.13 -10.47
C ASN A 86 30.91 -14.58 -11.05
N GLY A 87 30.45 -13.86 -12.07
CA GLY A 87 29.19 -14.17 -12.75
C GLY A 87 29.39 -14.15 -14.25
N THR A 88 29.03 -13.04 -14.87
CA THR A 88 29.29 -12.85 -16.30
C THR A 88 30.73 -12.41 -16.51
N CYS A 89 31.58 -13.35 -16.90
CA CYS A 89 32.99 -13.05 -17.05
C CYS A 89 33.34 -12.45 -18.42
N TYR A 90 32.68 -12.92 -19.48
CA TYR A 90 32.77 -12.25 -20.78
C TYR A 90 31.76 -11.13 -20.76
N PRO A 91 32.21 -9.90 -21.00
CA PRO A 91 31.39 -8.68 -20.86
C PRO A 91 30.17 -8.73 -21.76
N GLY A 92 29.04 -8.25 -21.26
CA GLY A 92 27.82 -8.25 -22.03
C GLY A 92 26.59 -8.09 -21.16
N GLU A 93 25.42 -8.14 -21.78
CA GLU A 93 24.17 -7.96 -21.06
C GLU A 93 23.41 -9.27 -20.93
N PHE A 94 23.00 -9.58 -19.69
CA PHE A 94 22.18 -10.74 -19.40
C PHE A 94 20.73 -10.29 -19.45
N ILE A 95 20.01 -10.70 -20.48
CA ILE A 95 18.68 -10.15 -20.75
C ILE A 95 17.65 -10.67 -19.76
N ASP A 96 16.80 -9.76 -19.26
CA ASP A 96 15.76 -10.09 -18.30
C ASP A 96 16.31 -10.85 -17.08
N TYR A 97 17.43 -10.36 -16.56
CA TYR A 97 18.16 -10.99 -15.46
C TYR A 97 17.42 -10.92 -14.11
N GLU A 98 16.97 -9.73 -13.72
CA GLU A 98 16.27 -9.58 -12.45
C GLU A 98 15.02 -10.44 -12.44
N GLU A 99 14.38 -10.56 -13.61
CA GLU A 99 13.19 -11.39 -13.75
C GLU A 99 13.49 -12.87 -13.54
N LEU A 100 14.57 -13.35 -14.13
CA LEU A 100 14.99 -14.73 -13.95
C LEU A 100 15.36 -15.01 -12.50
N ARG A 101 16.11 -14.09 -11.88
CA ARG A 101 16.47 -14.22 -10.48
C ARG A 101 15.24 -14.40 -9.60
N GLU A 102 14.22 -13.59 -9.83
CA GLU A 102 12.99 -13.66 -9.04
C GLU A 102 12.27 -15.01 -9.22
N GLN A 103 12.25 -15.53 -10.44
CA GLN A 103 11.50 -16.75 -10.73
C GLN A 103 12.24 -18.02 -10.33
N LEU A 104 13.52 -17.85 -10.00
CA LEU A 104 14.39 -18.96 -9.69
C LEU A 104 14.70 -18.95 -8.20
N SER A 105 14.12 -18.01 -7.48
CA SER A 105 14.44 -17.78 -6.07
C SER A 105 13.99 -18.90 -5.15
N SER A 106 12.96 -19.64 -5.57
CA SER A 106 12.57 -20.85 -4.85
C SER A 106 12.16 -21.95 -5.82
N VAL A 107 12.94 -23.01 -5.84
CA VAL A 107 12.71 -24.11 -6.75
C VAL A 107 12.58 -25.43 -5.96
N SER A 108 11.66 -26.29 -6.37
CA SER A 108 11.37 -27.49 -5.59
C SER A 108 11.98 -28.75 -6.20
N SER A 109 12.50 -28.60 -7.40
CA SER A 109 13.26 -29.66 -8.05
C SER A 109 14.10 -29.01 -9.14
N PHE A 110 15.36 -29.42 -9.23
CA PHE A 110 16.29 -28.74 -10.11
C PHE A 110 17.43 -29.67 -10.50
N GLU A 111 17.47 -30.08 -11.75
CA GLU A 111 18.50 -31.00 -12.19
C GLU A 111 19.14 -30.55 -13.49
N LYS A 112 20.47 -30.51 -13.49
CA LYS A 112 21.22 -30.17 -14.70
C LYS A 112 21.37 -31.37 -15.62
N PHE A 113 21.19 -31.13 -16.91
CA PHE A 113 21.35 -32.18 -17.90
C PHE A 113 21.98 -31.64 -19.19
N GLU A 114 22.61 -32.53 -19.96
CA GLU A 114 23.28 -32.13 -21.19
C GLU A 114 22.28 -32.03 -22.34
N ILE A 115 21.84 -30.80 -22.62
CA ILE A 115 20.84 -30.55 -23.67
C ILE A 115 21.37 -30.87 -25.07
N PHE A 116 22.54 -30.32 -25.40
CA PHE A 116 23.22 -30.59 -26.66
C PHE A 116 24.65 -31.02 -26.37
N PRO A 117 24.94 -32.33 -26.45
CA PRO A 117 26.30 -32.82 -26.19
C PRO A 117 27.37 -32.19 -27.10
N LYS A 118 28.40 -31.62 -26.49
CA LYS A 118 29.50 -30.98 -27.21
C LYS A 118 30.04 -31.86 -28.33
N ALA A 119 30.30 -33.11 -28.01
CA ALA A 119 30.85 -34.07 -28.97
C ALA A 119 29.99 -34.22 -30.24
N SER A 120 28.80 -34.80 -30.08
CA SER A 120 28.03 -35.29 -31.22
C SER A 120 27.17 -34.29 -32.00
N SER A 121 26.77 -33.18 -31.40
CA SER A 121 25.75 -32.33 -32.03
C SER A 121 26.22 -31.35 -33.11
N TRP A 122 27.49 -30.93 -33.07
CA TRP A 122 27.98 -29.91 -34.01
C TRP A 122 29.10 -30.38 -34.92
N PRO A 123 28.79 -31.34 -35.81
CA PRO A 123 29.76 -31.60 -36.86
C PRO A 123 29.70 -30.41 -37.79
N ASN A 124 30.69 -30.24 -38.66
CA ASN A 124 30.73 -29.10 -39.57
C ASN A 124 31.12 -27.80 -38.88
N HIS A 125 31.39 -27.88 -37.58
CA HIS A 125 31.76 -26.69 -36.79
C HIS A 125 32.84 -26.98 -35.75
N GLU A 126 33.15 -25.95 -34.95
CA GLU A 126 34.35 -25.96 -34.12
C GLU A 126 34.15 -26.25 -32.62
N THR A 127 35.16 -25.86 -31.84
CA THR A 127 35.29 -26.20 -30.44
C THR A 127 36.73 -25.87 -29.97
N LYS A 128 37.08 -24.59 -30.10
CA LYS A 128 38.29 -24.01 -29.51
C LYS A 128 37.85 -22.70 -28.90
N GLY A 129 36.56 -22.62 -28.57
CA GLY A 129 35.99 -21.39 -28.06
C GLY A 129 36.32 -21.13 -26.59
N VAL A 130 37.49 -20.57 -26.36
CA VAL A 130 37.87 -20.14 -25.01
C VAL A 130 38.35 -18.71 -25.06
N THR A 131 38.58 -18.13 -23.88
CA THR A 131 38.91 -16.71 -23.77
C THR A 131 39.65 -16.44 -22.46
N ALA A 132 40.56 -15.47 -22.47
CA ALA A 132 41.31 -15.14 -21.27
C ALA A 132 40.40 -14.48 -20.23
N ALA A 133 39.25 -14.00 -20.70
CA ALA A 133 38.26 -13.38 -19.84
C ALA A 133 37.64 -14.40 -18.89
N CYS A 134 37.45 -15.61 -19.40
CA CYS A 134 36.86 -16.69 -18.61
C CYS A 134 37.88 -17.80 -18.35
N SER A 135 38.83 -17.52 -17.46
CA SER A 135 39.97 -18.41 -17.28
C SER A 135 39.95 -19.23 -15.98
N TYR A 136 40.45 -20.47 -16.06
CA TYR A 136 40.63 -21.26 -14.84
C TYR A 136 42.08 -21.67 -14.65
N SER A 137 42.56 -21.48 -13.43
CA SER A 137 43.94 -21.79 -13.08
C SER A 137 44.92 -21.25 -14.12
N GLY A 138 44.74 -19.98 -14.49
CA GLY A 138 45.67 -19.30 -15.37
C GLY A 138 45.40 -19.45 -16.85
N ALA A 139 44.88 -20.61 -17.26
CA ALA A 139 44.61 -20.86 -18.66
C ALA A 139 43.25 -20.29 -19.11
N SER A 140 43.14 -19.97 -20.39
CA SER A 140 41.90 -19.46 -20.96
C SER A 140 40.87 -20.57 -21.05
N SER A 141 39.65 -20.29 -20.62
CA SER A 141 38.57 -21.27 -20.67
C SER A 141 37.25 -20.63 -21.15
N PHE A 142 36.13 -21.13 -20.64
CA PHE A 142 34.82 -20.63 -21.04
C PHE A 142 33.76 -21.22 -20.12
N TYR A 143 32.55 -20.67 -20.17
CA TYR A 143 31.41 -21.18 -19.42
C TYR A 143 31.24 -22.70 -19.59
N ARG A 144 30.94 -23.39 -18.50
CA ARG A 144 30.82 -24.84 -18.54
C ARG A 144 29.51 -25.27 -19.19
N ASN A 145 28.50 -24.40 -19.15
CA ASN A 145 27.17 -24.77 -19.64
C ASN A 145 26.86 -24.24 -21.04
N LEU A 146 27.81 -23.52 -21.63
CA LEU A 146 27.62 -22.95 -22.95
C LEU A 146 28.77 -23.37 -23.87
N LEU A 147 28.50 -23.44 -25.17
CA LEU A 147 29.51 -23.85 -26.14
C LEU A 147 29.79 -22.71 -27.12
N TRP A 148 31.05 -22.27 -27.19
CA TRP A 148 31.42 -21.26 -28.20
C TRP A 148 31.70 -21.91 -29.54
N ILE A 149 30.66 -22.00 -30.37
CA ILE A 149 30.76 -22.62 -31.68
C ILE A 149 31.40 -21.66 -32.69
N THR A 150 32.47 -22.11 -33.34
CA THR A 150 33.16 -21.32 -34.34
C THR A 150 33.28 -22.06 -35.66
N LYS A 151 33.79 -21.38 -36.69
CA LYS A 151 33.87 -21.95 -38.03
C LYS A 151 34.94 -23.03 -38.14
N LYS A 152 34.64 -24.09 -38.89
CA LYS A 152 35.61 -25.15 -39.14
C LYS A 152 36.45 -24.83 -40.37
N GLY A 153 37.61 -24.21 -40.14
CA GLY A 153 38.50 -23.82 -41.21
C GLY A 153 37.80 -23.26 -42.42
N THR A 154 37.56 -21.95 -42.42
CA THR A 154 37.11 -21.21 -43.60
C THR A 154 35.61 -21.34 -43.96
N SER A 155 34.84 -22.06 -43.15
CA SER A 155 33.44 -22.31 -43.49
C SER A 155 32.52 -22.50 -42.27
N TYR A 156 31.50 -21.65 -42.18
CA TYR A 156 30.47 -21.78 -41.14
C TYR A 156 29.14 -22.04 -41.82
N PRO A 157 28.79 -23.34 -41.99
CA PRO A 157 27.53 -23.77 -42.60
C PRO A 157 26.33 -23.47 -41.69
N LYS A 158 25.18 -23.19 -42.29
CA LYS A 158 23.96 -22.94 -41.52
C LYS A 158 23.67 -24.14 -40.61
N LEU A 159 23.77 -23.93 -39.29
CA LEU A 159 23.53 -25.02 -38.34
C LEU A 159 22.08 -25.03 -37.86
N SER A 160 21.58 -26.22 -37.53
CA SER A 160 20.20 -26.37 -37.11
C SER A 160 20.02 -27.59 -36.20
N LYS A 161 19.81 -27.33 -34.91
CA LYS A 161 19.53 -28.41 -33.96
C LYS A 161 18.26 -28.12 -33.16
N SER A 162 17.57 -29.17 -32.77
CA SER A 162 16.32 -29.04 -32.02
C SER A 162 16.28 -29.91 -30.77
N TYR A 163 15.43 -29.54 -29.84
CA TYR A 163 15.28 -30.28 -28.59
C TYR A 163 13.81 -30.35 -28.19
N THR A 164 13.36 -31.57 -27.88
CA THR A 164 12.00 -31.77 -27.42
C THR A 164 12.02 -32.09 -25.92
N ASN A 165 11.21 -31.35 -25.17
CA ASN A 165 11.16 -31.51 -23.71
C ASN A 165 10.36 -32.73 -23.29
N ASN A 166 11.04 -33.67 -22.63
CA ASN A 166 10.42 -34.91 -22.19
C ASN A 166 10.74 -35.19 -20.75
N LYS A 167 11.19 -34.15 -20.05
CA LYS A 167 11.55 -34.26 -18.64
C LYS A 167 10.32 -34.29 -17.75
N GLY A 168 9.18 -33.87 -18.28
CA GLY A 168 7.97 -33.77 -17.49
C GLY A 168 8.08 -32.65 -16.48
N LYS A 169 8.95 -31.67 -16.78
CA LYS A 169 9.06 -30.43 -16.01
C LYS A 169 9.35 -29.31 -17.00
N GLU A 170 9.39 -28.09 -16.50
CA GLU A 170 9.87 -26.99 -17.33
C GLU A 170 11.38 -27.14 -17.49
N VAL A 171 11.89 -26.77 -18.64
CA VAL A 171 13.33 -26.79 -18.87
C VAL A 171 13.82 -25.39 -19.13
N LEU A 172 14.79 -24.96 -18.33
CA LEU A 172 15.38 -23.65 -18.50
C LEU A 172 16.57 -23.76 -19.43
N VAL A 173 16.46 -23.12 -20.59
CA VAL A 173 17.54 -23.16 -21.58
C VAL A 173 18.20 -21.79 -21.72
N LEU A 174 19.51 -21.73 -21.51
CA LEU A 174 20.24 -20.49 -21.73
C LEU A 174 21.13 -20.58 -22.97
N TRP A 175 21.34 -19.43 -23.61
CA TRP A 175 22.29 -19.35 -24.72
C TRP A 175 22.84 -17.95 -24.84
N GLY A 176 23.78 -17.77 -25.77
CA GLY A 176 24.40 -16.48 -25.96
C GLY A 176 24.48 -16.07 -27.42
N VAL A 177 24.74 -14.78 -27.64
CA VAL A 177 25.00 -14.25 -28.97
C VAL A 177 26.22 -13.37 -28.89
N HIS A 178 27.24 -13.67 -29.71
CA HIS A 178 28.49 -12.91 -29.67
C HIS A 178 28.46 -11.71 -30.60
N HIS A 179 28.91 -10.57 -30.08
CA HIS A 179 29.01 -9.36 -30.89
C HIS A 179 30.47 -8.93 -31.01
N PRO A 180 31.10 -9.29 -32.14
CA PRO A 180 32.50 -8.91 -32.42
C PRO A 180 32.65 -7.40 -32.49
N PRO A 181 33.85 -6.87 -32.22
CA PRO A 181 34.10 -5.44 -32.20
C PRO A 181 34.24 -4.85 -33.60
N SER A 182 34.66 -5.68 -34.54
CA SER A 182 34.97 -5.22 -35.89
C SER A 182 34.32 -6.12 -36.93
N VAL A 183 34.32 -5.67 -38.18
CA VAL A 183 33.71 -6.42 -39.26
C VAL A 183 34.63 -7.56 -39.71
N SER A 184 35.94 -7.39 -39.51
CA SER A 184 36.90 -8.41 -39.88
C SER A 184 36.97 -9.53 -38.85
N GLU A 185 36.73 -9.22 -37.59
CA GLU A 185 36.71 -10.25 -36.55
C GLU A 185 35.47 -11.13 -36.71
N GLN A 186 34.40 -10.53 -37.23
CA GLN A 186 33.20 -11.30 -37.58
C GLN A 186 33.56 -12.33 -38.64
N GLN A 187 34.51 -11.99 -39.50
CA GLN A 187 34.97 -12.86 -40.56
C GLN A 187 35.78 -14.04 -40.02
N SER A 188 36.84 -13.74 -39.28
CA SER A 188 37.77 -14.77 -38.82
C SER A 188 37.15 -15.75 -37.81
N LEU A 189 36.04 -15.36 -37.20
CA LEU A 189 35.34 -16.26 -36.28
C LEU A 189 34.27 -17.07 -36.99
N TYR A 190 33.39 -16.41 -37.74
CA TYR A 190 32.23 -17.06 -38.32
C TYR A 190 32.09 -16.92 -39.85
N GLN A 191 33.17 -16.52 -40.52
CA GLN A 191 33.18 -16.32 -41.97
C GLN A 191 32.08 -15.40 -42.52
N ASN A 192 30.83 -15.86 -42.45
CA ASN A 192 29.70 -15.12 -43.02
C ASN A 192 29.49 -13.76 -42.36
N ALA A 193 29.74 -12.70 -43.12
CA ALA A 193 29.53 -11.34 -42.62
C ALA A 193 28.04 -11.10 -42.35
N ASP A 194 27.20 -11.61 -43.24
CA ASP A 194 25.75 -11.57 -43.04
C ASP A 194 25.33 -12.79 -42.23
N ALA A 195 25.26 -12.62 -40.91
CA ALA A 195 24.98 -13.73 -40.01
C ALA A 195 23.74 -13.49 -39.17
N TYR A 196 23.14 -14.57 -38.69
CA TYR A 196 21.93 -14.47 -37.88
C TYR A 196 21.84 -15.66 -36.91
N VAL A 197 21.18 -15.43 -35.78
CA VAL A 197 20.87 -16.50 -34.85
C VAL A 197 19.37 -16.51 -34.61
N SER A 198 18.76 -17.67 -34.77
CA SER A 198 17.32 -17.79 -34.64
C SER A 198 16.89 -18.86 -33.66
N VAL A 199 16.17 -18.46 -32.62
CA VAL A 199 15.62 -19.40 -31.65
C VAL A 199 14.09 -19.44 -31.81
N GLY A 200 13.52 -20.62 -31.71
CA GLY A 200 12.08 -20.76 -31.91
C GLY A 200 11.45 -21.93 -31.18
N SER A 201 10.36 -21.66 -30.47
CA SER A 201 9.54 -22.70 -29.84
C SER A 201 8.07 -22.32 -29.98
N SER A 202 7.19 -22.99 -29.23
CA SER A 202 5.77 -22.70 -29.28
C SER A 202 5.40 -21.27 -28.86
N LYS A 203 6.12 -20.74 -27.87
CA LYS A 203 5.86 -19.38 -27.40
C LYS A 203 7.12 -18.54 -27.32
N TYR A 204 8.08 -18.83 -28.19
CA TYR A 204 9.30 -18.02 -28.29
C TYR A 204 9.79 -17.96 -29.74
N ASN A 205 9.88 -16.76 -30.27
CA ASN A 205 10.41 -16.55 -31.59
C ASN A 205 11.21 -15.27 -31.59
N ARG A 206 12.51 -15.39 -31.85
CA ARG A 206 13.35 -14.21 -31.96
C ARG A 206 14.46 -14.44 -32.95
N ARG A 207 14.90 -13.36 -33.59
CA ARG A 207 16.07 -13.40 -34.46
C ARG A 207 17.07 -12.41 -33.89
N PHE A 208 18.35 -12.70 -34.09
CA PHE A 208 19.41 -11.82 -33.61
C PHE A 208 20.39 -11.56 -34.74
N ALA A 209 20.86 -10.33 -34.83
CA ALA A 209 21.92 -9.98 -35.76
C ALA A 209 23.13 -9.59 -34.94
N PRO A 210 24.33 -9.76 -35.51
CA PRO A 210 25.57 -9.34 -34.85
C PRO A 210 25.67 -7.82 -34.84
N GLU A 211 25.61 -7.21 -33.66
CA GLU A 211 25.70 -5.76 -33.57
C GLU A 211 27.16 -5.30 -33.56
N ILE A 212 27.83 -5.50 -34.69
CA ILE A 212 29.26 -5.19 -34.82
C ILE A 212 29.54 -3.70 -34.63
N ALA A 213 30.27 -3.36 -33.57
CA ALA A 213 30.48 -1.95 -33.20
C ALA A 213 31.74 -1.75 -32.38
N ALA A 214 32.46 -0.66 -32.65
CA ALA A 214 33.65 -0.30 -31.85
C ALA A 214 33.24 0.08 -30.42
N ARG A 215 33.95 -0.47 -29.44
CA ARG A 215 33.66 -0.19 -28.05
C ARG A 215 34.88 -0.46 -27.17
N PRO A 216 34.85 0.02 -25.91
CA PRO A 216 36.00 -0.11 -25.01
C PRO A 216 36.23 -1.55 -24.56
N LYS A 217 37.44 -1.87 -24.12
CA LYS A 217 37.72 -3.19 -23.59
C LYS A 217 37.21 -3.35 -22.15
N VAL A 218 36.47 -4.43 -21.92
CA VAL A 218 36.05 -4.84 -20.59
C VAL A 218 36.60 -6.24 -20.33
N ARG A 219 37.31 -6.43 -19.22
CA ARG A 219 38.05 -7.67 -18.98
C ARG A 219 38.85 -8.06 -20.22
N GLY A 220 39.51 -7.08 -20.84
CA GLY A 220 40.38 -7.33 -21.97
C GLY A 220 39.67 -7.66 -23.27
N GLN A 221 38.34 -7.61 -23.25
CA GLN A 221 37.55 -7.93 -24.44
C GLN A 221 36.77 -6.74 -24.96
N ALA A 222 36.93 -6.43 -26.25
CA ALA A 222 36.15 -5.37 -26.88
C ALA A 222 34.85 -5.95 -27.43
N GLY A 223 34.81 -7.27 -27.58
CA GLY A 223 33.58 -7.91 -28.02
C GLY A 223 32.58 -7.94 -26.89
N ARG A 224 31.33 -8.25 -27.22
CA ARG A 224 30.30 -8.41 -26.20
C ARG A 224 29.57 -9.73 -26.38
N MET A 225 28.90 -10.15 -25.31
CA MET A 225 28.11 -11.36 -25.37
C MET A 225 26.76 -11.10 -24.69
N ASN A 226 25.68 -11.33 -25.43
CA ASN A 226 24.35 -11.21 -24.87
C ASN A 226 23.83 -12.57 -24.47
N TYR A 227 23.37 -12.68 -23.23
CA TYR A 227 22.84 -13.94 -22.72
C TYR A 227 21.32 -13.92 -22.73
N TYR A 228 20.74 -15.01 -23.20
CA TYR A 228 19.29 -15.10 -23.26
C TYR A 228 18.84 -16.39 -22.59
N TRP A 229 17.56 -16.44 -22.25
CA TRP A 229 16.98 -17.64 -21.67
C TRP A 229 15.52 -17.77 -22.04
N THR A 230 14.93 -18.90 -21.66
CA THR A 230 13.51 -19.12 -21.84
C THR A 230 13.11 -20.35 -21.06
N LEU A 231 11.84 -20.45 -20.68
CA LEU A 231 11.34 -21.62 -19.98
C LEU A 231 10.55 -22.49 -20.94
N LEU A 232 11.17 -23.59 -21.35
CA LEU A 232 10.58 -24.52 -22.30
C LEU A 232 9.50 -25.35 -21.61
N ASP A 233 8.27 -25.28 -22.11
CA ASP A 233 7.17 -26.03 -21.53
C ASP A 233 7.33 -27.52 -21.80
N GLN A 234 6.65 -28.34 -21.00
CA GLN A 234 6.66 -29.79 -21.22
C GLN A 234 6.10 -30.14 -22.60
N GLY A 235 6.82 -30.96 -23.35
CA GLY A 235 6.36 -31.41 -24.65
C GLY A 235 6.69 -30.45 -25.78
N ASP A 236 7.08 -29.24 -25.43
CA ASP A 236 7.42 -28.22 -26.41
C ASP A 236 8.78 -28.52 -27.04
N THR A 237 9.14 -27.75 -28.06
CA THR A 237 10.38 -27.99 -28.78
C THR A 237 11.04 -26.67 -29.17
N ILE A 238 12.18 -26.36 -28.56
CA ILE A 238 12.97 -25.19 -28.91
C ILE A 238 13.89 -25.54 -30.08
N THR A 239 14.11 -24.60 -31.00
CA THR A 239 14.94 -24.86 -32.19
C THR A 239 15.96 -23.75 -32.45
N PHE A 240 17.22 -24.15 -32.67
CA PHE A 240 18.30 -23.20 -32.89
C PHE A 240 18.83 -23.25 -34.32
N GLU A 241 18.80 -22.11 -35.01
CA GLU A 241 19.40 -21.98 -36.34
C GLU A 241 20.36 -20.80 -36.35
N ALA A 242 21.54 -20.98 -36.97
CA ALA A 242 22.55 -19.93 -36.94
C ALA A 242 23.56 -20.02 -38.09
N THR A 243 24.09 -18.86 -38.47
CA THR A 243 25.17 -18.79 -39.46
C THR A 243 26.41 -18.14 -38.85
N GLY A 244 26.42 -18.03 -37.53
CA GLY A 244 27.53 -17.45 -36.80
C GLY A 244 27.05 -16.84 -35.49
N ASN A 245 27.99 -16.49 -34.63
CA ASN A 245 27.68 -15.74 -33.40
C ASN A 245 26.89 -16.50 -32.33
N LEU A 246 26.49 -17.73 -32.60
CA LEU A 246 25.74 -18.50 -31.62
C LEU A 246 26.65 -19.11 -30.58
N ILE A 247 26.49 -18.67 -29.34
CA ILE A 247 27.13 -19.32 -28.20
C ILE A 247 26.12 -20.33 -27.67
N ALA A 248 26.21 -21.56 -28.16
CA ALA A 248 25.14 -22.53 -28.01
C ALA A 248 24.96 -23.05 -26.58
N PRO A 249 23.75 -23.56 -26.30
CA PRO A 249 23.49 -24.28 -25.04
C PRO A 249 24.27 -25.59 -25.04
N TRP A 250 24.92 -25.89 -23.92
CA TRP A 250 25.55 -27.18 -23.75
C TRP A 250 24.79 -27.92 -22.64
N TYR A 251 24.57 -27.24 -21.52
CA TYR A 251 23.73 -27.77 -20.46
C TYR A 251 22.51 -26.88 -20.26
N ALA A 252 21.39 -27.52 -19.96
CA ALA A 252 20.18 -26.82 -19.61
C ALA A 252 19.74 -27.34 -18.24
N PHE A 253 18.69 -26.76 -17.68
CA PHE A 253 18.18 -27.22 -16.40
C PHE A 253 16.69 -27.57 -16.48
N ALA A 254 16.33 -28.72 -15.93
CA ALA A 254 14.93 -29.13 -15.81
C ALA A 254 14.48 -28.84 -14.39
N LEU A 255 13.42 -28.05 -14.23
CA LEU A 255 13.02 -27.63 -12.89
C LEU A 255 11.51 -27.66 -12.59
N ASN A 256 11.18 -27.62 -11.30
CA ASN A 256 9.81 -27.45 -10.82
C ASN A 256 9.73 -26.21 -9.95
N LYS A 257 9.14 -25.13 -10.48
CA LYS A 257 9.03 -23.91 -9.69
C LYS A 257 7.96 -24.12 -8.62
N GLY A 258 8.29 -23.77 -7.39
CA GLY A 258 7.29 -23.72 -6.33
C GLY A 258 6.59 -22.39 -6.46
N SER A 259 6.31 -21.76 -5.33
CA SER A 259 5.91 -20.37 -5.37
C SER A 259 7.15 -19.50 -5.22
N ASP A 260 7.10 -18.31 -5.82
CA ASP A 260 8.20 -17.37 -5.75
C ASP A 260 8.67 -17.09 -4.32
N SER A 261 9.82 -16.44 -4.23
CA SER A 261 10.49 -16.16 -2.97
C SER A 261 11.34 -14.91 -3.15
N GLY A 262 12.55 -14.94 -2.61
CA GLY A 262 13.47 -13.82 -2.75
C GLY A 262 14.93 -14.20 -2.65
N ILE A 263 15.79 -13.23 -2.92
CA ILE A 263 17.23 -13.42 -2.76
C ILE A 263 17.69 -12.50 -1.63
N ILE A 264 18.40 -13.05 -0.65
CA ILE A 264 18.98 -12.21 0.41
C ILE A 264 20.49 -12.06 0.26
N THR A 265 20.99 -10.84 0.48
CA THR A 265 22.43 -10.56 0.42
C THR A 265 23.01 -10.39 1.82
N SER A 266 23.87 -11.32 2.24
CA SER A 266 24.34 -11.34 3.62
C SER A 266 25.57 -12.22 3.83
N ASP A 267 26.44 -11.79 4.74
CA ASP A 267 27.63 -12.54 5.07
C ASP A 267 27.43 -13.33 6.36
N ALA A 268 26.18 -13.45 6.79
CA ALA A 268 25.87 -14.25 7.98
C ALA A 268 26.00 -15.74 7.68
N PRO A 269 26.42 -16.53 8.68
CA PRO A 269 26.62 -17.98 8.56
C PRO A 269 25.31 -18.75 8.38
N VAL A 270 25.32 -19.76 7.52
CA VAL A 270 24.14 -20.59 7.30
C VAL A 270 24.11 -21.76 8.29
N HIS A 271 22.96 -21.98 8.93
CA HIS A 271 22.84 -23.07 9.90
C HIS A 271 21.60 -23.93 9.65
N ASN A 272 21.39 -24.93 10.51
CA ASN A 272 20.27 -25.87 10.32
C ASN A 272 19.04 -25.53 11.13
N CYS A 273 19.12 -24.47 11.94
CA CYS A 273 17.95 -24.01 12.65
C CYS A 273 16.84 -23.82 11.62
N ASP A 274 15.61 -23.73 12.10
CA ASP A 274 14.46 -23.55 11.22
C ASP A 274 13.75 -22.25 11.57
N THR A 275 13.17 -21.59 10.58
CA THR A 275 12.46 -20.35 10.88
C THR A 275 11.30 -20.12 9.94
N ARG A 276 10.34 -19.32 10.41
CA ARG A 276 9.22 -18.91 9.59
C ARG A 276 9.52 -17.56 8.96
N CYS A 277 10.53 -16.88 9.51
CA CYS A 277 10.85 -15.51 9.09
C CYS A 277 12.36 -15.26 9.01
N GLN A 278 12.85 -14.86 7.83
CA GLN A 278 14.28 -14.64 7.63
C GLN A 278 14.61 -13.21 7.21
N THR A 279 15.60 -12.62 7.87
CA THR A 279 16.09 -11.31 7.50
C THR A 279 17.58 -11.43 7.19
N PRO A 280 18.15 -10.44 6.49
CA PRO A 280 19.58 -10.49 6.14
C PRO A 280 20.52 -10.62 7.36
N HIS A 281 20.17 -10.03 8.49
CA HIS A 281 21.07 -10.10 9.64
C HIS A 281 20.88 -11.39 10.42
N GLY A 282 19.68 -11.97 10.31
CA GLY A 282 19.35 -13.20 11.01
C GLY A 282 17.87 -13.54 10.97
N ALA A 283 17.52 -14.67 11.55
CA ALA A 283 16.13 -15.11 11.58
C ALA A 283 15.39 -14.54 12.79
N LEU A 284 14.10 -14.26 12.64
CA LEU A 284 13.27 -13.81 13.74
C LEU A 284 12.49 -14.98 14.35
N ASN A 285 12.69 -15.22 15.64
CA ASN A 285 11.88 -16.18 16.38
C ASN A 285 10.56 -15.50 16.62
N SER A 286 9.79 -15.25 15.57
CA SER A 286 8.68 -14.36 15.80
C SER A 286 7.22 -14.80 15.65
N SER A 287 6.56 -14.58 16.79
CA SER A 287 5.17 -14.86 17.06
C SER A 287 4.58 -13.57 17.64
N LEU A 288 5.43 -12.55 17.76
CA LEU A 288 4.99 -11.21 18.16
C LEU A 288 4.52 -10.43 16.93
N PRO A 289 3.63 -9.46 17.13
CA PRO A 289 3.06 -8.75 15.98
C PRO A 289 4.04 -7.84 15.26
N PHE A 290 5.00 -7.25 15.97
CA PHE A 290 5.85 -6.22 15.39
C PHE A 290 7.35 -6.50 15.59
N GLN A 291 8.16 -6.05 14.63
CA GLN A 291 9.62 -6.14 14.74
C GLN A 291 10.29 -4.87 14.20
N ASN A 292 11.46 -4.55 14.73
CA ASN A 292 12.24 -3.40 14.24
C ASN A 292 13.64 -3.81 13.80
N VAL A 293 13.83 -5.10 13.57
CA VAL A 293 15.11 -5.65 13.13
C VAL A 293 15.50 -5.24 11.71
N HIS A 294 14.62 -5.48 10.75
CA HIS A 294 14.91 -5.18 9.35
C HIS A 294 13.64 -5.11 8.49
N PRO A 295 13.53 -4.07 7.65
CA PRO A 295 12.36 -3.91 6.76
C PRO A 295 12.23 -5.00 5.68
N ILE A 296 13.37 -5.51 5.19
CA ILE A 296 13.36 -6.46 4.08
C ILE A 296 13.52 -7.91 4.55
N THR A 297 12.41 -8.65 4.49
CA THR A 297 12.38 -9.99 5.04
C THR A 297 11.78 -10.99 4.04
N ILE A 298 11.98 -12.29 4.32
CA ILE A 298 11.34 -13.34 3.54
C ILE A 298 10.62 -14.28 4.50
N GLY A 299 9.35 -14.58 4.22
CA GLY A 299 8.58 -15.52 5.05
C GLY A 299 7.31 -14.94 5.63
N GLU A 300 6.86 -15.47 6.76
CA GLU A 300 5.73 -14.93 7.50
C GLU A 300 6.20 -14.05 8.67
N CYS A 301 6.27 -12.75 8.45
CA CYS A 301 6.99 -11.86 9.35
C CYS A 301 6.11 -10.90 10.13
N PRO A 302 6.54 -10.57 11.37
CA PRO A 302 5.92 -9.50 12.15
C PRO A 302 6.03 -8.22 11.34
N LYS A 303 5.12 -7.28 11.53
CA LYS A 303 5.16 -6.06 10.76
C LYS A 303 6.36 -5.20 11.15
N TYR A 304 7.15 -4.80 10.15
CA TYR A 304 8.28 -3.93 10.41
C TYR A 304 7.78 -2.59 10.87
N VAL A 305 8.44 -2.07 11.91
CA VAL A 305 7.97 -0.91 12.63
C VAL A 305 9.19 -0.09 13.06
N LYS A 306 9.04 1.22 13.18
CA LYS A 306 10.19 2.03 13.59
C LYS A 306 10.27 2.29 15.09
N SER A 307 9.52 1.52 15.86
CA SER A 307 9.50 1.70 17.31
C SER A 307 10.75 1.14 17.95
N THR A 308 11.01 1.53 19.19
CA THR A 308 12.14 1.01 19.94
C THR A 308 11.61 0.35 21.21
N LYS A 309 10.34 0.57 21.50
CA LYS A 309 9.71 -0.02 22.67
C LYS A 309 8.20 -0.11 22.48
N LEU A 310 7.65 -1.30 22.63
CA LEU A 310 6.21 -1.49 22.58
C LEU A 310 5.79 -2.42 23.70
N ARG A 311 6.00 -1.98 24.94
CA ARG A 311 5.71 -2.80 26.10
C ARG A 311 4.28 -2.60 26.53
N MET A 312 3.57 -3.70 26.68
CA MET A 312 2.17 -3.68 27.01
C MET A 312 1.92 -4.14 28.43
N ALA A 313 1.38 -3.24 29.26
CA ALA A 313 0.97 -3.59 30.62
C ALA A 313 -0.04 -4.74 30.68
N THR A 314 0.17 -5.65 31.61
CA THR A 314 -0.79 -6.70 31.92
C THR A 314 -1.16 -6.55 33.39
N GLY A 315 -0.24 -6.00 34.17
CA GLY A 315 -0.47 -5.82 35.60
C GLY A 315 -0.98 -4.43 35.95
N LEU A 316 -1.00 -4.10 37.23
CA LEU A 316 -1.51 -2.80 37.64
C LEU A 316 -0.38 -1.82 37.91
N ARG A 317 -0.73 -0.58 38.22
CA ARG A 317 0.28 0.41 38.56
C ARG A 317 1.01 -0.07 39.81
N ASN A 318 2.33 -0.12 39.77
CA ASN A 318 3.09 -0.63 40.91
C ASN A 318 3.36 0.50 41.88
N VAL A 319 2.59 0.55 42.97
CA VAL A 319 2.76 1.60 43.99
C VAL A 319 3.10 1.00 45.35
N PRO A 320 4.40 0.69 45.59
CA PRO A 320 4.82 0.21 46.91
C PRO A 320 4.78 1.28 48.03
N SER A 321 5.07 2.54 47.70
CA SER A 321 5.12 3.63 48.69
C SER A 321 5.20 3.17 50.16
N ARG A 322 6.42 2.91 50.63
CA ARG A 322 6.67 2.42 51.98
C ARG A 322 7.63 3.34 52.73
N GLY B 1 -6.51 5.76 37.33
CA GLY B 1 -6.91 6.85 38.20
C GLY B 1 -8.30 7.34 37.82
N LEU B 2 -8.85 6.76 36.75
CA LEU B 2 -10.18 7.13 36.24
C LEU B 2 -11.33 6.80 37.22
N PHE B 3 -11.08 5.83 38.11
CA PHE B 3 -12.06 5.46 39.14
C PHE B 3 -11.61 5.83 40.55
N GLY B 4 -10.53 6.62 40.64
CA GLY B 4 -10.09 7.22 41.88
C GLY B 4 -9.70 6.31 43.04
N ALA B 5 -9.48 5.03 42.75
CA ALA B 5 -9.15 4.08 43.81
C ALA B 5 -7.64 3.80 43.92
N ILE B 6 -7.07 3.16 42.90
CA ILE B 6 -5.64 2.88 42.87
C ILE B 6 -4.92 4.20 42.80
N ALA B 7 -3.99 4.41 43.72
CA ALA B 7 -3.23 5.66 43.80
C ALA B 7 -4.12 6.86 44.17
N GLY B 8 -5.36 6.58 44.55
CA GLY B 8 -6.32 7.61 44.92
C GLY B 8 -6.70 7.56 46.39
N PHE B 9 -7.95 7.17 46.67
CA PHE B 9 -8.40 7.17 48.06
C PHE B 9 -7.80 5.99 48.82
N ILE B 10 -7.48 4.93 48.10
CA ILE B 10 -6.58 3.91 48.62
C ILE B 10 -5.14 4.32 48.20
N GLU B 11 -4.41 4.96 49.11
CA GLU B 11 -3.18 5.66 48.76
C GLU B 11 -2.05 4.82 48.19
N GLY B 12 -1.91 3.59 48.66
CA GLY B 12 -0.80 2.75 48.23
C GLY B 12 -1.14 1.29 47.99
N GLY B 13 -0.16 0.52 47.54
CA GLY B 13 -0.35 -0.89 47.31
C GLY B 13 0.31 -1.73 48.38
N TRP B 14 -0.01 -3.01 48.40
CA TRP B 14 0.56 -3.91 49.41
C TRP B 14 1.56 -4.86 48.79
N THR B 15 2.84 -4.70 49.15
CA THR B 15 3.85 -5.66 48.72
C THR B 15 3.67 -6.93 49.55
N GLY B 16 2.94 -6.80 50.66
CA GLY B 16 2.66 -7.92 51.53
C GLY B 16 1.60 -8.88 51.01
N MET B 17 0.79 -8.44 50.04
CA MET B 17 -0.22 -9.32 49.46
C MET B 17 0.33 -10.00 48.23
N ILE B 18 0.96 -11.16 48.43
CA ILE B 18 1.69 -11.81 47.35
C ILE B 18 0.87 -12.78 46.51
N ASP B 19 -0.32 -13.16 46.99
CA ASP B 19 -1.10 -14.22 46.33
C ASP B 19 -2.21 -13.74 45.39
N GLY B 20 -2.10 -12.53 44.86
CA GLY B 20 -3.12 -12.00 43.97
C GLY B 20 -3.05 -10.51 43.73
N TRP B 21 -3.94 -10.00 42.89
CA TRP B 21 -3.93 -8.59 42.48
C TRP B 21 -4.73 -7.68 43.40
N TYR B 22 -5.94 -8.09 43.77
CA TYR B 22 -6.75 -7.33 44.71
C TYR B 22 -7.06 -8.20 45.93
N GLY B 23 -7.29 -7.58 47.08
CA GLY B 23 -7.55 -8.36 48.28
C GLY B 23 -7.83 -7.54 49.51
N TYR B 24 -7.68 -8.17 50.67
CA TYR B 24 -8.08 -7.59 51.95
C TYR B 24 -6.94 -7.59 52.95
N HIS B 25 -7.07 -6.80 54.03
CA HIS B 25 -6.13 -6.89 55.15
C HIS B 25 -6.72 -7.51 56.42
N HIS B 26 -7.64 -6.81 57.09
CA HIS B 26 -8.25 -7.35 58.34
C HIS B 26 -7.33 -7.43 59.57
N GLN B 27 -7.88 -7.10 60.73
CA GLN B 27 -7.16 -7.15 62.00
C GLN B 27 -8.03 -7.56 63.19
N ASN B 28 -7.63 -8.64 63.86
CA ASN B 28 -8.41 -9.29 64.90
C ASN B 28 -7.70 -9.19 66.23
N GLU B 29 -8.29 -9.80 67.25
CA GLU B 29 -7.54 -10.17 68.43
C GLU B 29 -6.94 -11.56 68.18
N GLN B 30 -7.29 -12.19 67.06
CA GLN B 30 -6.68 -13.44 66.64
C GLN B 30 -5.50 -13.20 65.68
N GLY B 31 -5.11 -11.94 65.53
CA GLY B 31 -4.02 -11.57 64.63
C GLY B 31 -4.43 -10.71 63.43
N SER B 32 -3.61 -10.69 62.39
CA SER B 32 -3.91 -9.93 61.18
C SER B 32 -3.23 -10.55 59.96
N GLY B 33 -3.35 -9.92 58.79
CA GLY B 33 -2.64 -10.41 57.62
C GLY B 33 -3.35 -10.20 56.30
N TYR B 34 -2.68 -10.50 55.19
CA TYR B 34 -3.26 -10.28 53.87
C TYR B 34 -3.94 -11.52 53.28
N ALA B 35 -4.81 -11.29 52.33
CA ALA B 35 -5.50 -12.36 51.63
C ALA B 35 -6.03 -11.78 50.33
N ALA B 36 -5.71 -12.45 49.22
CA ALA B 36 -6.21 -12.02 47.92
C ALA B 36 -7.65 -12.47 47.76
N ASP B 37 -8.43 -11.66 47.04
CA ASP B 37 -9.77 -12.01 46.65
C ASP B 37 -9.64 -12.84 45.38
N GLN B 38 -9.94 -14.14 45.47
CA GLN B 38 -9.71 -15.00 44.32
C GLN B 38 -10.62 -14.72 43.11
N LYS B 39 -11.90 -14.43 43.34
CA LYS B 39 -12.84 -14.25 42.24
C LYS B 39 -12.44 -13.12 41.31
N SER B 40 -12.27 -11.91 41.85
CA SER B 40 -11.90 -10.77 41.02
C SER B 40 -10.49 -10.89 40.44
N THR B 41 -9.54 -11.39 41.22
CA THR B 41 -8.19 -11.58 40.71
C THR B 41 -8.22 -12.50 39.51
N GLN B 42 -8.89 -13.64 39.67
CA GLN B 42 -8.96 -14.60 38.57
C GLN B 42 -9.71 -14.02 37.38
N ASN B 43 -10.76 -13.25 37.64
CA ASN B 43 -11.50 -12.60 36.54
C ASN B 43 -10.61 -11.63 35.78
N ALA B 44 -9.91 -10.78 36.49
CA ALA B 44 -8.95 -9.88 35.85
C ALA B 44 -7.86 -10.67 35.11
N ILE B 45 -7.24 -11.65 35.77
CA ILE B 45 -6.20 -12.43 35.11
C ILE B 45 -6.75 -12.97 33.79
N ASP B 46 -7.98 -13.45 33.80
CA ASP B 46 -8.62 -13.98 32.59
C ASP B 46 -8.85 -12.91 31.54
N GLY B 47 -9.40 -11.78 31.96
CA GLY B 47 -9.70 -10.68 31.06
C GLY B 47 -8.44 -10.18 30.40
N ILE B 48 -7.44 -9.85 31.22
CA ILE B 48 -6.19 -9.31 30.71
C ILE B 48 -5.50 -10.32 29.78
N THR B 49 -5.60 -11.62 30.11
CA THR B 49 -5.05 -12.66 29.23
C THR B 49 -5.72 -12.62 27.87
N SER B 50 -7.05 -12.50 27.85
CA SER B 50 -7.77 -12.45 26.59
C SER B 50 -7.30 -11.24 25.77
N LYS B 51 -7.12 -10.11 26.45
CA LYS B 51 -6.63 -8.88 25.85
C LYS B 51 -5.28 -9.09 25.16
N VAL B 52 -4.33 -9.64 25.91
CA VAL B 52 -3.01 -9.88 25.35
C VAL B 52 -3.10 -10.85 24.17
N ASN B 53 -3.88 -11.91 24.29
CA ASN B 53 -4.02 -12.83 23.17
C ASN B 53 -4.59 -12.16 21.93
N SER B 54 -5.63 -11.35 22.12
CA SER B 54 -6.24 -10.62 21.02
C SER B 54 -5.23 -9.74 20.26
N VAL B 55 -4.47 -8.93 20.99
CA VAL B 55 -3.47 -8.08 20.36
C VAL B 55 -2.38 -8.87 19.65
N ILE B 56 -1.91 -9.95 20.28
CA ILE B 56 -0.83 -10.76 19.73
C ILE B 56 -1.27 -11.63 18.53
N GLU B 57 -2.48 -12.14 18.58
CA GLU B 57 -2.83 -13.26 17.72
C GLU B 57 -3.89 -12.97 16.61
N LYS B 58 -4.64 -11.89 16.73
CA LYS B 58 -5.59 -11.46 15.70
C LYS B 58 -4.86 -10.90 14.48
N MET B 59 -3.56 -10.66 14.67
CA MET B 59 -2.64 -10.21 13.62
C MET B 59 -2.49 -11.31 12.59
N ASN B 60 -3.01 -11.08 11.39
CA ASN B 60 -2.89 -12.02 10.28
C ASN B 60 -1.55 -11.85 9.58
N THR B 61 -0.96 -12.93 9.12
CA THR B 61 0.37 -12.86 8.55
C THR B 61 0.56 -13.73 7.27
N GLN B 62 0.96 -13.07 6.19
CA GLN B 62 1.08 -13.70 4.88
C GLN B 62 2.53 -13.94 4.55
N PHE B 63 2.82 -15.10 3.96
CA PHE B 63 4.17 -15.38 3.44
C PHE B 63 4.50 -14.37 2.31
N THR B 64 5.59 -13.62 2.49
CA THR B 64 5.96 -12.55 1.56
C THR B 64 7.49 -12.42 1.49
N ALA B 65 7.98 -12.13 0.28
CA ALA B 65 9.42 -12.01 0.03
C ALA B 65 9.95 -10.58 0.20
N VAL B 66 9.07 -9.60 0.07
CA VAL B 66 9.41 -8.18 0.33
C VAL B 66 10.50 -7.56 -0.57
N GLY B 67 11.73 -8.07 -0.48
CA GLY B 67 12.80 -7.59 -1.34
C GLY B 67 12.43 -7.62 -2.81
N LYS B 68 12.80 -6.58 -3.53
CA LYS B 68 12.64 -6.59 -4.97
C LYS B 68 13.95 -6.13 -5.61
N GLU B 69 14.21 -6.55 -6.84
CA GLU B 69 15.42 -6.12 -7.53
C GLU B 69 15.06 -5.49 -8.85
N PHE B 70 15.39 -4.22 -9.00
CA PHE B 70 15.10 -3.51 -10.25
C PHE B 70 16.38 -2.94 -10.83
N ASN B 71 16.51 -2.96 -12.15
CA ASN B 71 17.70 -2.44 -12.83
C ASN B 71 17.65 -0.92 -12.95
N ASN B 72 18.71 -0.32 -13.48
CA ASN B 72 18.82 1.14 -13.48
C ASN B 72 17.97 1.87 -14.52
N LEU B 73 17.10 1.15 -15.21
CA LEU B 73 16.13 1.78 -16.10
C LEU B 73 14.72 1.45 -15.64
N GLU B 74 14.61 0.98 -14.40
CA GLU B 74 13.33 0.62 -13.82
C GLU B 74 13.15 1.44 -12.55
N ARG B 75 13.74 2.62 -12.54
CA ARG B 75 13.75 3.47 -11.34
C ARG B 75 12.36 3.86 -10.85
N ARG B 76 11.47 4.20 -11.77
CA ARG B 76 10.10 4.50 -11.39
C ARG B 76 9.41 3.34 -10.63
N ILE B 77 9.48 2.13 -11.17
CA ILE B 77 8.84 0.99 -10.52
C ILE B 77 9.58 0.61 -9.21
N GLU B 78 10.87 0.93 -9.15
CA GLU B 78 11.63 0.72 -7.91
C GLU B 78 11.14 1.64 -6.80
N ASN B 79 10.71 2.84 -7.18
CA ASN B 79 10.25 3.84 -6.23
C ASN B 79 8.82 3.63 -5.83
N LEU B 80 8.02 3.06 -6.74
CA LEU B 80 6.68 2.59 -6.41
C LEU B 80 6.82 1.58 -5.28
N ASN B 81 7.79 0.67 -5.44
CA ASN B 81 8.02 -0.38 -4.46
C ASN B 81 8.37 0.25 -3.13
N LYS B 82 9.32 1.17 -3.16
CA LYS B 82 9.74 1.90 -1.97
C LYS B 82 8.54 2.61 -1.32
N LYS B 83 7.66 3.16 -2.15
CA LYS B 83 6.47 3.86 -1.67
C LYS B 83 5.56 2.91 -0.89
N VAL B 84 5.34 1.72 -1.45
CA VAL B 84 4.57 0.69 -0.78
C VAL B 84 5.20 0.32 0.56
N ASP B 85 6.47 -0.04 0.57
CA ASP B 85 7.15 -0.44 1.79
C ASP B 85 7.08 0.66 2.85
N ASP B 86 7.33 1.90 2.42
CA ASP B 86 7.34 3.05 3.32
C ASP B 86 5.94 3.38 3.81
N GLY B 87 4.95 3.19 2.95
CA GLY B 87 3.58 3.42 3.32
C GLY B 87 3.12 2.51 4.45
N PHE B 88 3.41 1.21 4.33
CA PHE B 88 3.05 0.26 5.38
C PHE B 88 3.85 0.51 6.67
N LEU B 89 5.11 0.92 6.52
CA LEU B 89 5.93 1.33 7.65
C LEU B 89 5.25 2.42 8.49
N ASP B 90 4.71 3.43 7.79
CA ASP B 90 4.08 4.56 8.45
C ASP B 90 2.79 4.10 9.12
N VAL B 91 2.00 3.31 8.39
CA VAL B 91 0.75 2.80 8.93
C VAL B 91 0.96 1.95 10.16
N TRP B 92 1.82 0.94 10.05
CA TRP B 92 2.08 0.04 11.16
C TRP B 92 2.74 0.68 12.36
N THR B 93 3.73 1.53 12.13
CA THR B 93 4.36 2.27 13.24
C THR B 93 3.36 3.10 14.05
N TYR B 94 2.52 3.90 13.39
CA TYR B 94 1.54 4.73 14.06
C TYR B 94 0.53 3.89 14.79
N ASN B 95 -0.16 2.99 14.09
CA ASN B 95 -1.25 2.30 14.73
C ASN B 95 -0.74 1.36 15.82
N ALA B 96 0.52 0.99 15.74
CA ALA B 96 1.11 0.15 16.80
C ALA B 96 1.42 0.99 18.04
N GLU B 97 2.15 2.09 17.85
CA GLU B 97 2.43 3.04 18.91
C GLU B 97 1.15 3.46 19.64
N LEU B 98 0.14 3.93 18.90
CA LEU B 98 -1.09 4.38 19.54
C LEU B 98 -1.92 3.24 20.14
N LEU B 99 -1.82 2.05 19.55
CA LEU B 99 -2.55 0.89 20.09
C LEU B 99 -2.06 0.52 21.47
N VAL B 100 -0.75 0.53 21.66
CA VAL B 100 -0.19 0.25 22.97
C VAL B 100 -0.55 1.35 23.97
N LEU B 101 -0.39 2.61 23.57
CA LEU B 101 -0.73 3.74 24.42
C LEU B 101 -2.18 3.65 24.91
N LEU B 102 -3.10 3.43 23.97
CA LEU B 102 -4.53 3.43 24.29
C LEU B 102 -4.92 2.23 25.14
N GLU B 103 -4.48 1.04 24.76
CA GLU B 103 -4.76 -0.15 25.53
C GLU B 103 -4.13 -0.12 26.92
N ASN B 104 -2.96 0.49 27.04
CA ASN B 104 -2.34 0.66 28.35
C ASN B 104 -3.17 1.51 29.29
N GLU B 105 -3.69 2.63 28.80
CA GLU B 105 -4.56 3.49 29.58
C GLU B 105 -5.75 2.65 30.05
N ARG B 106 -6.33 1.91 29.12
CA ARG B 106 -7.55 1.15 29.39
C ARG B 106 -7.30 0.05 30.41
N THR B 107 -6.14 -0.60 30.33
CA THR B 107 -5.77 -1.66 31.26
C THR B 107 -5.63 -1.17 32.70
N LEU B 108 -4.86 -0.09 32.91
CA LEU B 108 -4.70 0.51 34.23
C LEU B 108 -6.06 0.93 34.80
N ASP B 109 -6.91 1.52 33.96
CA ASP B 109 -8.24 1.97 34.41
C ASP B 109 -9.09 0.77 34.81
N PHE B 110 -8.90 -0.33 34.10
CA PHE B 110 -9.60 -1.59 34.37
C PHE B 110 -9.26 -2.09 35.76
N HIS B 111 -7.98 -2.10 36.10
CA HIS B 111 -7.54 -2.46 37.44
C HIS B 111 -8.12 -1.52 38.48
N ASP B 112 -8.12 -0.22 38.17
CA ASP B 112 -8.65 0.77 39.10
C ASP B 112 -10.12 0.45 39.37
N SER B 113 -10.90 0.28 38.30
CA SER B 113 -12.30 -0.13 38.43
C SER B 113 -12.53 -1.38 39.31
N ASN B 114 -11.71 -2.41 39.16
CA ASN B 114 -11.85 -3.62 39.96
C ASN B 114 -11.62 -3.40 41.47
N VAL B 115 -10.65 -2.54 41.80
CA VAL B 115 -10.46 -2.14 43.19
C VAL B 115 -11.64 -1.34 43.74
N ARG B 116 -12.13 -0.35 43.00
CA ARG B 116 -13.29 0.41 43.46
C ARG B 116 -14.49 -0.53 43.62
N ASN B 117 -14.70 -1.39 42.65
CA ASN B 117 -15.83 -2.30 42.72
C ASN B 117 -15.75 -3.23 43.93
N LEU B 118 -14.55 -3.73 44.24
CA LEU B 118 -14.35 -4.61 45.38
C LEU B 118 -14.60 -3.86 46.67
N TYR B 119 -14.04 -2.64 46.76
CA TYR B 119 -14.25 -1.80 47.92
C TYR B 119 -15.74 -1.57 48.15
N GLU B 120 -16.50 -1.41 47.07
CA GLU B 120 -17.92 -1.11 47.18
C GLU B 120 -18.71 -2.35 47.57
N LYS B 121 -18.25 -3.50 47.15
CA LYS B 121 -18.89 -4.76 47.52
C LYS B 121 -18.84 -4.96 49.03
N VAL B 122 -17.70 -4.61 49.63
CA VAL B 122 -17.56 -4.64 51.08
C VAL B 122 -18.46 -3.57 51.72
N LYS B 123 -18.27 -2.30 51.33
CA LYS B 123 -19.07 -1.21 51.87
C LYS B 123 -20.55 -1.56 51.92
N SER B 124 -21.02 -2.13 50.83
CA SER B 124 -22.42 -2.50 50.67
C SER B 124 -22.91 -3.56 51.67
N GLN B 125 -22.09 -4.58 51.91
CA GLN B 125 -22.39 -5.60 52.91
C GLN B 125 -22.40 -5.05 54.34
N LEU B 126 -21.34 -4.35 54.72
CA LEU B 126 -21.19 -3.88 56.08
C LEU B 126 -22.26 -2.86 56.45
N ARG B 127 -22.62 -2.00 55.50
CA ARG B 127 -23.58 -0.94 55.80
C ARG B 127 -23.16 -0.21 57.04
N ASN B 128 -24.09 0.08 57.93
CA ASN B 128 -23.75 0.84 59.13
C ASN B 128 -23.22 0.00 60.29
N ASN B 129 -22.74 -1.21 59.99
CA ASN B 129 -22.12 -2.06 61.01
C ASN B 129 -20.64 -1.78 61.18
N ALA B 130 -20.09 -0.93 60.33
CA ALA B 130 -18.69 -0.49 60.46
C ALA B 130 -18.60 0.95 60.02
N LYS B 131 -17.51 1.63 60.34
CA LYS B 131 -17.34 2.99 59.86
C LYS B 131 -16.21 3.10 58.86
N GLU B 132 -16.48 3.76 57.74
CA GLU B 132 -15.47 4.03 56.72
C GLU B 132 -14.41 4.99 57.24
N ILE B 133 -13.26 4.45 57.60
CA ILE B 133 -12.21 5.27 58.18
C ILE B 133 -11.25 5.82 57.12
N GLY B 134 -11.62 5.68 55.85
CA GLY B 134 -10.78 6.15 54.77
C GLY B 134 -9.60 5.25 54.44
N ASN B 135 -9.02 5.47 53.26
CA ASN B 135 -7.90 4.67 52.78
C ASN B 135 -8.26 3.21 52.52
N GLY B 136 -9.54 2.97 52.28
CA GLY B 136 -10.01 1.63 51.95
C GLY B 136 -10.29 0.78 53.16
N CYS B 137 -10.37 1.39 54.33
CA CYS B 137 -10.55 0.61 55.55
C CYS B 137 -11.90 0.83 56.21
N PHE B 138 -12.47 -0.25 56.75
CA PHE B 138 -13.68 -0.18 57.54
C PHE B 138 -13.39 -0.65 58.95
N GLU B 139 -13.86 0.09 59.95
CA GLU B 139 -13.69 -0.29 61.35
C GLU B 139 -15.00 -0.79 61.96
N PHE B 140 -15.06 -2.06 62.34
CA PHE B 140 -16.29 -2.64 62.83
C PHE B 140 -16.74 -2.00 64.13
N TYR B 141 -18.06 -1.84 64.26
CA TYR B 141 -18.67 -1.41 65.51
C TYR B 141 -18.83 -2.61 66.43
N HIS B 142 -18.98 -3.81 65.87
CA HIS B 142 -19.04 -5.02 66.68
C HIS B 142 -17.66 -5.69 66.81
N LYS B 143 -17.65 -6.96 67.19
CA LYS B 143 -16.39 -7.69 67.31
C LYS B 143 -16.33 -8.73 66.19
N CYS B 144 -15.28 -8.67 65.41
CA CYS B 144 -15.22 -9.47 64.19
C CYS B 144 -14.19 -10.62 64.21
N ASP B 145 -14.60 -11.83 64.57
CA ASP B 145 -13.68 -12.98 64.59
C ASP B 145 -13.30 -13.48 63.19
N ASP B 146 -12.37 -14.42 63.13
CA ASP B 146 -11.92 -14.97 61.85
C ASP B 146 -13.05 -15.46 60.93
N GLU B 147 -14.00 -16.22 61.49
CA GLU B 147 -15.12 -16.75 60.70
C GLU B 147 -15.91 -15.61 60.07
N CYS B 148 -16.05 -14.53 60.83
CA CYS B 148 -16.81 -13.37 60.42
C CYS B 148 -16.14 -12.58 59.28
N MET B 149 -14.84 -12.33 59.41
CA MET B 149 -14.04 -11.75 58.33
C MET B 149 -14.21 -12.60 57.08
N GLU B 150 -14.08 -13.91 57.26
CA GLU B 150 -14.20 -14.83 56.15
C GLU B 150 -15.55 -14.64 55.47
N SER B 151 -16.53 -14.21 56.25
CA SER B 151 -17.87 -14.05 55.70
C SER B 151 -17.94 -12.81 54.81
N VAL B 152 -17.27 -11.75 55.25
CA VAL B 152 -17.20 -10.53 54.47
C VAL B 152 -16.45 -10.75 53.15
N LYS B 153 -15.37 -11.54 53.20
CA LYS B 153 -14.61 -11.89 52.01
C LYS B 153 -15.41 -12.82 51.09
N ASN B 154 -16.10 -13.80 51.68
CA ASN B 154 -17.03 -14.69 50.97
C ASN B 154 -18.14 -13.92 50.27
N GLY B 155 -18.53 -12.78 50.84
CA GLY B 155 -19.68 -12.04 50.35
C GLY B 155 -20.93 -12.58 51.02
N THR B 156 -20.76 -13.05 52.25
CA THR B 156 -21.77 -13.82 52.97
C THR B 156 -22.19 -13.12 54.26
N TYR B 157 -21.68 -11.91 54.46
CA TYR B 157 -21.70 -11.26 55.77
C TYR B 157 -22.99 -11.38 56.60
N ASP B 158 -24.11 -10.97 56.04
CA ASP B 158 -25.40 -11.13 56.72
C ASP B 158 -25.47 -10.50 58.11
N TYR B 159 -25.79 -9.21 58.13
CA TYR B 159 -26.19 -8.52 59.35
C TYR B 159 -26.59 -7.10 59.00
N PRO B 160 -27.77 -6.68 59.47
CA PRO B 160 -28.27 -5.33 59.20
C PRO B 160 -27.21 -4.26 59.48
N ASP C 1 -22.37 28.65 55.82
CA ASP C 1 -21.15 28.48 55.03
C ASP C 1 -21.17 27.26 54.11
N THR C 2 -20.83 27.47 52.85
CA THR C 2 -20.91 26.39 51.89
C THR C 2 -19.61 26.17 51.12
N ILE C 3 -19.33 24.93 50.73
CA ILE C 3 -18.29 24.68 49.74
C ILE C 3 -18.87 23.83 48.61
N CYS C 4 -18.67 24.28 47.38
CA CYS C 4 -19.14 23.52 46.22
C CYS C 4 -18.00 23.02 45.35
N VAL C 5 -18.20 21.87 44.71
CA VAL C 5 -17.26 21.37 43.71
C VAL C 5 -17.84 21.65 42.33
N GLY C 6 -17.00 21.99 41.38
CA GLY C 6 -17.50 22.38 40.06
C GLY C 6 -16.41 22.51 39.01
N TYR C 7 -16.82 22.83 37.79
CA TYR C 7 -15.86 22.85 36.69
C TYR C 7 -15.98 24.10 35.82
N HIS C 8 -14.97 24.30 34.99
CA HIS C 8 -14.83 25.48 34.17
C HIS C 8 -15.84 25.56 33.04
N ALA C 9 -16.20 26.78 32.68
CA ALA C 9 -16.99 27.05 31.50
C ALA C 9 -16.49 28.34 30.90
N ASN C 10 -16.75 28.58 29.63
CA ASN C 10 -16.37 29.84 29.01
C ASN C 10 -17.19 30.18 27.77
N ASN C 11 -16.80 31.22 27.06
CA ASN C 11 -17.55 31.66 25.90
C ASN C 11 -17.11 30.95 24.62
N SER C 12 -16.40 29.85 24.79
CA SER C 12 -15.95 29.05 23.65
C SER C 12 -17.10 28.49 22.83
N THR C 13 -16.91 28.49 21.52
CA THR C 13 -17.89 27.93 20.60
C THR C 13 -17.25 26.85 19.76
N ASP C 14 -16.05 26.44 20.13
CA ASP C 14 -15.39 25.28 19.55
C ASP C 14 -16.29 24.06 19.65
N THR C 15 -16.33 23.30 18.58
CA THR C 15 -17.22 22.16 18.50
C THR C 15 -16.47 20.92 17.99
N VAL C 16 -16.59 19.79 18.69
CA VAL C 16 -15.95 18.55 18.26
C VAL C 16 -16.96 17.41 18.15
N ASP C 17 -16.59 16.35 17.43
CA ASP C 17 -17.41 15.15 17.32
C ASP C 17 -16.89 14.04 18.22
N THR C 18 -17.78 13.35 18.93
CA THR C 18 -17.41 12.17 19.69
C THR C 18 -18.04 10.92 19.06
N VAL C 19 -17.80 9.75 19.62
CA VAL C 19 -18.36 8.53 19.06
C VAL C 19 -19.86 8.42 19.36
N LEU C 20 -20.29 8.98 20.49
CA LEU C 20 -21.70 8.88 20.88
C LEU C 20 -22.52 10.09 20.45
N GLU C 21 -21.87 11.22 20.25
CA GLU C 21 -22.61 12.46 20.07
C GLU C 21 -21.90 13.38 19.09
N LYS C 22 -22.67 14.07 18.26
CA LYS C 22 -22.08 15.01 17.31
C LYS C 22 -22.20 16.45 17.80
N ASN C 23 -21.44 17.34 17.17
CA ASN C 23 -21.46 18.78 17.48
C ASN C 23 -21.48 19.13 18.97
N VAL C 24 -20.51 18.62 19.71
CA VAL C 24 -20.40 18.88 21.15
C VAL C 24 -19.51 20.08 21.43
N THR C 25 -20.06 21.13 22.04
CA THR C 25 -19.28 22.33 22.35
C THR C 25 -18.35 22.07 23.52
N VAL C 26 -17.07 22.37 23.35
CA VAL C 26 -16.05 22.13 24.38
C VAL C 26 -15.31 23.42 24.73
N THR C 27 -14.65 23.46 25.89
CA THR C 27 -13.95 24.68 26.34
C THR C 27 -12.62 24.94 25.65
N HIS C 28 -11.98 23.88 25.16
CA HIS C 28 -10.65 23.96 24.56
C HIS C 28 -10.46 22.86 23.52
N SER C 29 -9.78 23.17 22.43
CA SER C 29 -9.50 22.15 21.44
C SER C 29 -8.26 22.47 20.62
N VAL C 30 -7.78 21.50 19.85
CA VAL C 30 -6.72 21.74 18.88
C VAL C 30 -7.13 21.15 17.52
N ASN C 31 -6.66 21.77 16.45
CA ASN C 31 -6.89 21.22 15.13
C ASN C 31 -5.80 20.21 14.76
N LEU C 32 -6.19 19.06 14.24
CA LEU C 32 -5.24 18.03 13.84
C LEU C 32 -5.11 17.96 12.32
N LEU C 33 -5.95 18.71 11.63
CA LEU C 33 -5.99 18.65 10.16
C LEU C 33 -5.48 19.94 9.54
N GLU C 34 -4.38 19.84 8.80
CA GLU C 34 -3.91 20.97 8.00
C GLU C 34 -4.80 21.08 6.77
N ASP C 35 -5.51 22.20 6.63
CA ASP C 35 -6.48 22.32 5.54
C ASP C 35 -6.24 23.53 4.67
N SER C 36 -5.10 24.16 4.82
CA SER C 36 -4.75 25.32 4.00
C SER C 36 -3.30 25.27 3.56
N HIS C 37 -2.97 26.02 2.51
CA HIS C 37 -1.62 26.02 1.99
C HIS C 37 -1.04 27.40 1.73
N ASN C 38 0.18 27.41 1.24
CA ASN C 38 1.01 28.59 1.14
C ASN C 38 0.62 29.53 0.01
N GLY C 39 0.05 28.97 -1.04
CA GLY C 39 -0.19 29.72 -2.26
C GLY C 39 1.09 29.80 -3.08
N LYS C 40 2.20 29.33 -2.50
CA LYS C 40 3.52 29.49 -3.11
C LYS C 40 4.28 28.17 -3.28
N LEU C 41 5.16 28.14 -4.29
CA LEU C 41 6.10 27.03 -4.47
C LEU C 41 7.43 27.43 -3.84
N CYS C 42 7.93 26.61 -2.93
CA CYS C 42 9.06 26.99 -2.07
C CYS C 42 10.31 26.15 -2.27
N SER C 43 11.22 26.26 -1.33
CA SER C 43 12.45 25.49 -1.38
C SER C 43 12.32 24.28 -0.45
N LEU C 44 13.25 23.32 -0.54
CA LEU C 44 13.34 22.24 0.45
C LEU C 44 14.62 22.33 1.36
N GLY C 45 15.08 23.55 1.65
CA GLY C 45 16.46 23.84 2.00
C GLY C 45 17.13 24.46 0.76
N ILE C 46 16.89 23.80 -0.38
CA ILE C 46 17.43 24.19 -1.68
C ILE C 46 16.24 24.61 -2.59
N ALA C 47 16.52 25.39 -3.64
CA ALA C 47 15.43 25.89 -4.50
C ALA C 47 15.11 24.95 -5.68
N PRO C 48 13.87 25.07 -6.22
CA PRO C 48 13.43 24.25 -7.36
C PRO C 48 13.94 24.80 -8.68
N LEU C 49 14.12 23.91 -9.66
CA LEU C 49 14.43 24.30 -11.02
C LEU C 49 13.14 24.66 -11.76
N GLN C 50 13.05 25.87 -12.30
CA GLN C 50 11.87 26.26 -13.05
C GLN C 50 12.18 26.24 -14.53
N LEU C 51 11.33 25.55 -15.28
CA LEU C 51 11.55 25.42 -16.72
C LEU C 51 10.71 26.42 -17.53
N GLY C 52 9.60 26.86 -16.95
CA GLY C 52 8.79 27.90 -17.55
C GLY C 52 8.16 27.49 -18.86
N LYS C 53 8.55 28.15 -19.96
CA LYS C 53 7.97 27.85 -21.27
C LYS C 53 8.53 26.56 -21.86
N CYS C 54 9.51 25.96 -21.19
CA CYS C 54 10.13 24.71 -21.65
C CYS C 54 9.73 23.51 -20.81
N ASN C 55 10.09 22.32 -21.27
CA ASN C 55 9.98 21.12 -20.46
C ASN C 55 11.33 20.40 -20.43
N VAL C 56 11.44 19.38 -19.58
CA VAL C 56 12.71 18.68 -19.40
C VAL C 56 13.41 18.35 -20.73
N ALA C 57 12.68 17.78 -21.69
CA ALA C 57 13.23 17.45 -22.99
C ALA C 57 13.80 18.68 -23.68
N GLY C 58 12.99 19.73 -23.78
CA GLY C 58 13.41 20.95 -24.45
C GLY C 58 14.61 21.58 -23.77
N TRP C 59 14.63 21.48 -22.45
CA TRP C 59 15.72 22.00 -21.65
C TRP C 59 17.03 21.24 -21.93
N LEU C 60 17.00 19.93 -21.72
CA LEU C 60 18.16 19.08 -21.96
C LEU C 60 18.67 19.17 -23.39
N LEU C 61 17.77 19.11 -24.36
CA LEU C 61 18.20 19.12 -25.75
C LEU C 61 18.69 20.48 -26.20
N GLY C 62 18.13 21.53 -25.62
CA GLY C 62 18.45 22.87 -26.07
C GLY C 62 17.53 23.37 -27.17
N ASN C 63 16.23 23.13 -27.00
CA ASN C 63 15.23 23.74 -27.85
C ASN C 63 15.58 25.22 -27.96
N PRO C 64 15.53 25.79 -29.18
CA PRO C 64 15.95 27.18 -29.40
C PRO C 64 15.15 28.20 -28.60
N GLU C 65 13.99 27.78 -28.08
CA GLU C 65 13.11 28.66 -27.32
C GLU C 65 13.50 28.69 -25.82
N CYS C 66 14.50 27.88 -25.45
CA CYS C 66 14.93 27.74 -24.07
C CYS C 66 16.27 28.40 -23.77
N ASP C 67 16.75 29.22 -24.69
CA ASP C 67 18.02 29.91 -24.49
C ASP C 67 17.96 30.75 -23.23
N LEU C 68 16.87 31.50 -23.08
CA LEU C 68 16.70 32.40 -21.94
C LEU C 68 16.27 31.62 -20.71
N LEU C 69 17.09 30.64 -20.32
CA LEU C 69 16.72 29.74 -19.23
C LEU C 69 17.93 29.37 -18.40
N LEU C 70 18.72 28.42 -18.91
CA LEU C 70 19.94 27.94 -18.26
C LEU C 70 20.21 28.57 -16.89
N THR C 71 19.73 27.90 -15.85
CA THR C 71 19.83 28.41 -14.50
C THR C 71 20.22 27.27 -13.57
N ALA C 72 20.62 26.16 -14.18
CA ALA C 72 21.04 24.99 -13.43
C ALA C 72 22.26 25.27 -12.53
N ASN C 73 22.13 24.97 -11.25
CA ASN C 73 23.29 24.76 -10.37
C ASN C 73 23.09 23.53 -9.52
N SER C 74 21.99 23.55 -8.79
CA SER C 74 21.53 22.42 -8.02
C SER C 74 20.08 22.70 -7.62
N TRP C 75 19.25 21.65 -7.53
CA TRP C 75 17.84 21.86 -7.25
C TRP C 75 17.23 20.69 -6.50
N SER C 76 16.11 20.95 -5.82
CA SER C 76 15.46 19.97 -4.98
C SER C 76 14.29 19.29 -5.67
N TYR C 77 13.76 19.96 -6.68
CA TYR C 77 12.69 19.39 -7.51
C TYR C 77 12.50 20.22 -8.78
N ILE C 78 11.85 19.66 -9.78
CA ILE C 78 11.61 20.40 -11.01
C ILE C 78 10.18 20.94 -11.02
N ILE C 79 10.00 22.16 -11.53
CA ILE C 79 8.67 22.73 -11.72
C ILE C 79 8.37 22.93 -13.20
N GLU C 80 7.26 22.36 -13.67
CA GLU C 80 6.77 22.67 -15.02
C GLU C 80 5.45 23.40 -14.91
N THR C 81 5.21 24.35 -15.83
CA THR C 81 3.96 25.10 -15.81
C THR C 81 3.02 24.62 -16.91
N SER C 82 1.81 25.16 -16.95
CA SER C 82 0.88 24.79 -18.01
C SER C 82 1.32 25.40 -19.35
N ASN C 83 2.35 26.24 -19.29
CA ASN C 83 2.93 26.86 -20.49
C ASN C 83 4.20 26.14 -20.95
N SER C 84 4.33 24.86 -20.60
CA SER C 84 5.58 24.14 -20.84
C SER C 84 5.54 23.26 -22.09
N GLU C 85 5.42 23.85 -23.27
CA GLU C 85 5.30 23.05 -24.49
C GLU C 85 6.58 22.95 -25.34
N ASN C 86 7.40 23.99 -25.34
CA ASN C 86 8.60 23.93 -26.18
C ASN C 86 9.58 22.91 -25.61
N GLY C 87 9.54 21.70 -26.16
CA GLY C 87 10.44 20.62 -25.79
C GLY C 87 11.04 19.99 -27.04
N THR C 88 10.49 18.87 -27.45
CA THR C 88 10.90 18.23 -28.69
C THR C 88 10.27 18.93 -29.90
N CYS C 89 11.03 19.76 -30.59
CA CYS C 89 10.47 20.54 -31.68
C CYS C 89 10.48 19.78 -33.00
N TYR C 90 11.53 18.99 -33.25
CA TYR C 90 11.52 18.07 -34.37
C TYR C 90 10.79 16.82 -33.90
N PRO C 91 9.72 16.43 -34.61
CA PRO C 91 8.85 15.33 -34.19
C PRO C 91 9.63 14.04 -34.02
N GLY C 92 9.28 13.24 -33.01
CA GLY C 92 9.96 11.99 -32.75
C GLY C 92 9.76 11.50 -31.33
N GLU C 93 10.40 10.38 -31.01
CA GLU C 93 10.23 9.78 -29.70
C GLU C 93 11.46 9.96 -28.82
N PHE C 94 11.26 10.46 -27.62
CA PHE C 94 12.33 10.61 -26.63
C PHE C 94 12.34 9.34 -25.78
N ILE C 95 13.38 8.51 -25.96
CA ILE C 95 13.37 7.15 -25.39
C ILE C 95 13.65 7.17 -23.89
N ASP C 96 12.85 6.40 -23.15
CA ASP C 96 12.96 6.33 -21.70
C ASP C 96 12.91 7.71 -21.03
N TYR C 97 11.96 8.55 -21.49
CA TYR C 97 11.84 9.94 -21.07
C TYR C 97 11.36 10.07 -19.62
N GLU C 98 10.27 9.38 -19.27
CA GLU C 98 9.73 9.47 -17.90
C GLU C 98 10.78 9.03 -16.90
N GLU C 99 11.57 8.05 -17.30
CA GLU C 99 12.64 7.53 -16.46
C GLU C 99 13.72 8.57 -16.23
N LEU C 100 14.12 9.25 -17.29
CA LEU C 100 15.12 10.32 -17.19
C LEU C 100 14.60 11.46 -16.34
N ARG C 101 13.36 11.86 -16.57
CA ARG C 101 12.73 12.89 -15.76
C ARG C 101 12.80 12.56 -14.26
N GLU C 102 12.55 11.30 -13.91
CA GLU C 102 12.53 10.91 -12.51
C GLU C 102 13.93 10.99 -11.91
N GLN C 103 14.94 10.62 -12.69
CA GLN C 103 16.29 10.52 -12.16
C GLN C 103 17.00 11.86 -12.12
N LEU C 104 16.37 12.85 -12.76
CA LEU C 104 16.96 14.18 -12.92
C LEU C 104 16.21 15.16 -12.03
N SER C 105 15.25 14.64 -11.28
CA SER C 105 14.31 15.48 -10.54
C SER C 105 14.97 16.21 -9.36
N SER C 106 16.06 15.65 -8.86
CA SER C 106 16.83 16.34 -7.85
C SER C 106 18.31 16.08 -8.07
N VAL C 107 19.03 17.13 -8.39
CA VAL C 107 20.45 17.01 -8.70
C VAL C 107 21.21 17.96 -7.78
N SER C 108 22.39 17.54 -7.32
CA SER C 108 23.15 18.32 -6.35
C SER C 108 24.34 19.05 -6.97
N SER C 109 24.63 18.74 -8.22
CA SER C 109 25.63 19.46 -8.99
C SER C 109 25.37 19.18 -10.47
N PHE C 110 25.42 20.21 -11.30
CA PHE C 110 24.99 20.07 -12.68
C PHE C 110 25.66 21.13 -13.53
N GLU C 111 26.58 20.71 -14.38
CA GLU C 111 27.30 21.65 -15.23
C GLU C 111 27.34 21.19 -16.69
N LYS C 112 26.97 22.09 -17.58
CA LYS C 112 27.02 21.82 -19.02
C LYS C 112 28.43 22.05 -19.56
N PHE C 113 28.87 21.14 -20.42
CA PHE C 113 30.17 21.27 -21.05
C PHE C 113 30.13 20.78 -22.51
N GLU C 114 31.08 21.25 -23.30
CA GLU C 114 31.13 20.92 -24.71
C GLU C 114 31.80 19.55 -24.91
N ILE C 115 31.00 18.49 -25.05
CA ILE C 115 31.52 17.13 -25.19
C ILE C 115 32.29 16.95 -26.49
N PHE C 116 31.68 17.31 -27.61
CA PHE C 116 32.30 17.26 -28.94
C PHE C 116 32.17 18.62 -29.61
N PRO C 117 33.24 19.44 -29.60
CA PRO C 117 33.18 20.77 -30.22
C PRO C 117 32.79 20.73 -31.70
N LYS C 118 31.76 21.50 -32.06
CA LYS C 118 31.25 21.58 -33.42
C LYS C 118 32.37 21.81 -34.44
N ALA C 119 33.22 22.79 -34.15
CA ALA C 119 34.34 23.15 -35.03
C ALA C 119 35.25 21.96 -35.34
N SER C 120 36.00 21.51 -34.34
CA SER C 120 37.12 20.59 -34.55
C SER C 120 36.84 19.09 -34.76
N SER C 121 35.70 18.58 -34.29
CA SER C 121 35.54 17.13 -34.20
C SER C 121 35.06 16.40 -35.46
N TRP C 122 34.37 17.12 -36.34
CA TRP C 122 33.81 16.49 -37.54
C TRP C 122 34.35 17.05 -38.86
N PRO C 123 35.66 16.86 -39.12
CA PRO C 123 36.10 17.11 -40.49
C PRO C 123 35.53 15.98 -41.34
N ASN C 124 35.53 16.16 -42.65
CA ASN C 124 34.96 15.16 -43.55
C ASN C 124 33.43 15.14 -43.56
N HIS C 125 32.81 16.02 -42.79
CA HIS C 125 31.36 16.10 -42.71
C HIS C 125 30.83 17.54 -42.61
N GLU C 126 29.52 17.67 -42.44
CA GLU C 126 28.85 18.95 -42.60
C GLU C 126 28.49 19.74 -41.32
N THR C 127 27.53 20.65 -41.49
CA THR C 127 27.16 21.66 -40.51
C THR C 127 26.29 22.76 -41.17
N LYS C 128 25.15 22.32 -41.71
CA LYS C 128 24.08 23.17 -42.21
C LYS C 128 22.79 22.53 -41.74
N GLY C 129 22.90 21.75 -40.67
CA GLY C 129 21.77 21.03 -40.14
C GLY C 129 20.82 21.88 -39.33
N VAL C 130 19.90 22.55 -40.02
CA VAL C 130 18.85 23.31 -39.37
C VAL C 130 17.51 22.95 -39.99
N THR C 131 16.44 23.43 -39.38
CA THR C 131 15.10 23.02 -39.78
C THR C 131 14.07 24.08 -39.35
N ALA C 132 13.04 24.28 -40.17
CA ALA C 132 12.01 25.25 -39.85
C ALA C 132 11.23 24.82 -38.61
N ALA C 133 11.34 23.52 -38.28
CA ALA C 133 10.64 22.97 -37.13
C ALA C 133 11.23 23.50 -35.85
N CYS C 134 12.55 23.71 -35.85
CA CYS C 134 13.27 24.23 -34.69
C CYS C 134 13.82 25.62 -34.96
N SER C 135 12.94 26.61 -35.00
CA SER C 135 13.31 27.95 -35.46
C SER C 135 13.45 29.03 -34.37
N TYR C 136 14.41 29.93 -34.55
CA TYR C 136 14.50 31.06 -33.65
C TYR C 136 14.36 32.37 -34.38
N SER C 137 13.51 33.24 -33.85
CA SER C 137 13.23 34.54 -34.43
C SER C 137 13.00 34.43 -35.92
N GLY C 138 12.17 33.46 -36.30
CA GLY C 138 11.73 33.31 -37.67
C GLY C 138 12.60 32.43 -38.54
N ALA C 139 13.89 32.41 -38.28
CA ALA C 139 14.82 31.65 -39.10
C ALA C 139 14.90 30.21 -38.61
N SER C 140 15.21 29.30 -39.52
CA SER C 140 15.34 27.90 -39.18
C SER C 140 16.60 27.70 -38.36
N SER C 141 16.49 26.91 -37.31
CA SER C 141 17.62 26.60 -36.46
C SER C 141 17.64 25.12 -36.06
N PHE C 142 18.15 24.84 -34.87
CA PHE C 142 18.26 23.47 -34.37
C PHE C 142 18.63 23.47 -32.89
N TYR C 143 18.49 22.32 -32.25
CA TYR C 143 18.88 22.17 -30.86
C TYR C 143 20.28 22.71 -30.59
N ARG C 144 20.46 23.38 -29.46
CA ARG C 144 21.75 24.01 -29.14
C ARG C 144 22.76 22.96 -28.67
N ASN C 145 22.26 21.86 -28.12
CA ASN C 145 23.13 20.83 -27.52
C ASN C 145 23.39 19.62 -28.42
N LEU C 146 22.79 19.62 -29.61
CA LEU C 146 22.94 18.54 -30.57
C LEU C 146 23.42 19.07 -31.93
N LEU C 147 24.17 18.26 -32.67
CA LEU C 147 24.70 18.67 -33.98
C LEU C 147 24.11 17.81 -35.10
N TRP C 148 23.41 18.43 -36.04
CA TRP C 148 22.92 17.68 -37.19
C TRP C 148 24.02 17.49 -38.25
N ILE C 149 24.74 16.38 -38.15
CA ILE C 149 25.84 16.06 -39.05
C ILE C 149 25.30 15.54 -40.38
N THR C 150 25.71 16.17 -41.49
CA THR C 150 25.30 15.74 -42.81
C THR C 150 26.51 15.52 -43.72
N LYS C 151 26.25 15.04 -44.94
CA LYS C 151 27.33 14.66 -45.85
C LYS C 151 28.03 15.87 -46.45
N LYS C 152 29.34 15.79 -46.59
CA LYS C 152 30.12 16.86 -47.20
C LYS C 152 30.19 16.65 -48.70
N GLY C 153 29.25 17.28 -49.42
CA GLY C 153 29.19 17.17 -50.86
C GLY C 153 29.45 15.77 -51.39
N THR C 154 28.39 14.96 -51.46
CA THR C 154 28.41 13.68 -52.16
C THR C 154 29.06 12.49 -51.41
N SER C 155 29.51 12.70 -50.17
CA SER C 155 30.24 11.66 -49.45
C SER C 155 30.09 11.74 -47.93
N TYR C 156 29.58 10.67 -47.32
CA TYR C 156 29.49 10.56 -45.87
C TYR C 156 30.37 9.39 -45.41
N PRO C 157 31.63 9.70 -45.05
CA PRO C 157 32.60 8.72 -44.59
C PRO C 157 32.26 8.21 -43.20
N LYS C 158 32.58 6.94 -42.92
CA LYS C 158 32.33 6.37 -41.60
C LYS C 158 33.01 7.23 -40.54
N LEU C 159 32.22 7.88 -39.69
CA LEU C 159 32.78 8.73 -38.63
C LEU C 159 32.94 7.98 -37.31
N SER C 160 33.94 8.38 -36.52
CA SER C 160 34.23 7.69 -35.29
C SER C 160 34.91 8.63 -34.30
N LYS C 161 34.16 9.01 -33.26
CA LYS C 161 34.70 9.84 -32.19
C LYS C 161 34.41 9.22 -30.82
N SER C 162 35.32 9.45 -29.88
CA SER C 162 35.19 8.90 -28.54
C SER C 162 35.33 9.97 -27.45
N TYR C 163 34.81 9.66 -26.26
CA TYR C 163 34.95 10.56 -25.12
C TYR C 163 35.22 9.77 -23.85
N THR C 164 36.23 10.19 -23.11
CA THR C 164 36.56 9.58 -21.82
C THR C 164 36.14 10.50 -20.69
N ASN C 165 35.35 9.99 -19.76
CA ASN C 165 34.86 10.77 -18.63
C ASN C 165 35.92 11.03 -17.54
N ASN C 166 36.24 12.31 -17.35
CA ASN C 166 37.27 12.72 -16.40
C ASN C 166 36.77 13.84 -15.50
N LYS C 167 35.45 14.00 -15.49
CA LYS C 167 34.82 15.04 -14.70
C LYS C 167 34.77 14.65 -13.21
N GLY C 168 34.92 13.36 -12.93
CA GLY C 168 34.78 12.87 -11.57
C GLY C 168 33.33 12.92 -11.13
N LYS C 169 32.43 12.89 -12.10
CA LYS C 169 31.00 12.76 -11.84
C LYS C 169 30.41 11.92 -12.96
N GLU C 170 29.13 11.59 -12.85
CA GLU C 170 28.45 10.97 -13.96
C GLU C 170 28.29 12.03 -15.04
N VAL C 171 28.38 11.61 -16.30
CA VAL C 171 28.11 12.50 -17.42
C VAL C 171 26.87 12.02 -18.18
N LEU C 172 25.89 12.91 -18.33
CA LEU C 172 24.70 12.62 -19.10
C LEU C 172 24.91 13.01 -20.55
N VAL C 173 24.93 12.02 -21.44
CA VAL C 173 25.12 12.27 -22.85
C VAL C 173 23.84 12.01 -23.63
N LEU C 174 23.37 13.00 -24.37
CA LEU C 174 22.22 12.80 -25.26
C LEU C 174 22.64 12.83 -26.71
N TRP C 175 21.91 12.07 -27.54
CA TRP C 175 22.09 12.12 -29.00
C TRP C 175 20.80 11.78 -29.72
N GLY C 176 20.80 11.92 -31.05
CA GLY C 176 19.64 11.60 -31.85
C GLY C 176 19.92 10.69 -33.03
N VAL C 177 18.87 10.09 -33.57
CA VAL C 177 18.96 9.33 -34.81
C VAL C 177 17.87 9.82 -35.73
N HIS C 178 18.23 10.25 -36.94
CA HIS C 178 17.25 10.77 -37.88
C HIS C 178 16.65 9.68 -38.78
N HIS C 179 15.34 9.71 -38.91
CA HIS C 179 14.63 8.79 -39.77
C HIS C 179 13.95 9.54 -40.91
N PRO C 180 14.60 9.58 -42.08
CA PRO C 180 14.04 10.22 -43.28
C PRO C 180 12.73 9.55 -43.69
N PRO C 181 11.84 10.28 -44.41
CA PRO C 181 10.54 9.76 -44.82
C PRO C 181 10.64 8.83 -46.03
N SER C 182 11.67 9.06 -46.85
CA SER C 182 11.82 8.37 -48.12
C SER C 182 13.23 7.82 -48.28
N VAL C 183 13.42 6.94 -49.26
CA VAL C 183 14.72 6.32 -49.50
C VAL C 183 15.66 7.28 -50.23
N SER C 184 15.08 8.22 -50.98
CA SER C 184 15.87 9.22 -51.70
C SER C 184 16.34 10.36 -50.78
N GLU C 185 15.55 10.68 -49.78
CA GLU C 185 15.97 11.70 -48.82
C GLU C 185 17.11 11.17 -47.95
N GLN C 186 17.11 9.86 -47.73
CA GLN C 186 18.22 9.21 -47.03
C GLN C 186 19.48 9.45 -47.85
N GLN C 187 19.33 9.49 -49.17
CA GLN C 187 20.44 9.68 -50.09
C GLN C 187 20.98 11.10 -50.01
N SER C 188 20.11 12.07 -50.24
CA SER C 188 20.55 13.48 -50.31
C SER C 188 21.10 14.06 -49.01
N LEU C 189 20.78 13.41 -47.89
CA LEU C 189 21.33 13.81 -46.59
C LEU C 189 22.64 13.07 -46.26
N TYR C 190 22.62 11.75 -46.34
CA TYR C 190 23.74 10.94 -45.85
C TYR C 190 24.35 10.01 -46.89
N GLN C 191 24.04 10.23 -48.16
CA GLN C 191 24.52 9.38 -49.27
C GLN C 191 24.27 7.88 -49.10
N ASN C 192 24.93 7.25 -48.14
CA ASN C 192 24.84 5.81 -47.94
C ASN C 192 23.45 5.33 -47.57
N ALA C 193 22.81 4.59 -48.48
CA ALA C 193 21.49 4.04 -48.23
C ALA C 193 21.55 3.01 -47.10
N ASP C 194 22.61 2.21 -47.10
CA ASP C 194 22.86 1.28 -46.01
C ASP C 194 23.63 1.98 -44.91
N ALA C 195 22.91 2.54 -43.94
CA ALA C 195 23.54 3.36 -42.92
C ALA C 195 23.25 2.81 -41.52
N TYR C 196 24.11 3.16 -40.57
CA TYR C 196 23.99 2.70 -39.21
C TYR C 196 24.57 3.71 -38.22
N VAL C 197 24.04 3.72 -37.00
CA VAL C 197 24.61 4.52 -35.92
C VAL C 197 24.91 3.58 -34.76
N SER C 198 26.14 3.65 -34.23
CA SER C 198 26.53 2.74 -33.16
C SER C 198 27.12 3.48 -31.97
N VAL C 199 26.48 3.32 -30.82
CA VAL C 199 26.98 3.89 -29.59
C VAL C 199 27.50 2.77 -28.68
N GLY C 200 28.63 2.99 -28.01
CA GLY C 200 29.20 1.95 -27.17
C GLY C 200 30.02 2.46 -26.01
N SER C 201 29.74 1.92 -24.82
CA SER C 201 30.55 2.17 -23.62
C SER C 201 30.65 0.87 -22.81
N SER C 202 31.11 0.98 -21.56
CA SER C 202 31.27 -0.20 -20.71
C SER C 202 29.95 -0.93 -20.45
N LYS C 203 28.87 -0.17 -20.30
CA LYS C 203 27.56 -0.76 -20.03
C LYS C 203 26.48 -0.25 -20.98
N TYR C 204 26.87 0.11 -22.19
CA TYR C 204 25.92 0.53 -23.21
C TYR C 204 26.40 0.08 -24.60
N ASN C 205 25.59 -0.71 -25.26
CA ASN C 205 25.88 -1.13 -26.62
C ASN C 205 24.58 -1.20 -27.39
N ARG C 206 24.46 -0.37 -28.42
CA ARG C 206 23.27 -0.40 -29.26
C ARG C 206 23.63 -0.03 -30.68
N ARG C 207 22.89 -0.58 -31.63
CA ARG C 207 23.03 -0.19 -33.03
C ARG C 207 21.68 0.33 -33.46
N PHE C 208 21.67 1.27 -34.40
CA PHE C 208 20.44 1.83 -34.91
C PHE C 208 20.47 1.82 -36.43
N ALA C 209 19.34 1.49 -37.04
CA ALA C 209 19.19 1.59 -38.48
C ALA C 209 18.16 2.67 -38.76
N PRO C 210 18.27 3.31 -39.92
CA PRO C 210 17.29 4.31 -40.34
C PRO C 210 15.96 3.64 -40.69
N GLU C 211 14.92 3.92 -39.91
CA GLU C 211 13.62 3.32 -40.19
C GLU C 211 12.83 4.13 -41.22
N ILE C 212 13.35 4.13 -42.45
CA ILE C 212 12.78 4.91 -43.54
C ILE C 212 11.35 4.48 -43.87
N ALA C 213 10.39 5.37 -43.68
CA ALA C 213 8.98 5.01 -43.80
C ALA C 213 8.08 6.22 -44.06
N ALA C 214 7.10 6.05 -44.95
CA ALA C 214 6.14 7.13 -45.21
C ALA C 214 5.26 7.39 -44.00
N ARG C 215 5.10 8.67 -43.66
CA ARG C 215 4.33 9.06 -42.49
C ARG C 215 3.84 10.51 -42.62
N PRO C 216 2.88 10.91 -41.77
CA PRO C 216 2.28 12.23 -41.86
C PRO C 216 3.24 13.33 -41.41
N LYS C 217 2.99 14.55 -41.85
CA LYS C 217 3.79 15.67 -41.38
C LYS C 217 3.40 16.13 -39.97
N VAL C 218 4.40 16.28 -39.12
CA VAL C 218 4.25 16.87 -37.79
C VAL C 218 5.20 18.06 -37.71
N ARG C 219 4.67 19.23 -37.35
CA ARG C 219 5.44 20.49 -37.44
C ARG C 219 6.12 20.62 -38.81
N GLY C 220 5.38 20.32 -39.88
CA GLY C 220 5.89 20.42 -41.22
C GLY C 220 6.95 19.40 -41.61
N GLN C 221 7.27 18.48 -40.70
CA GLN C 221 8.28 17.46 -40.99
C GLN C 221 7.72 16.04 -41.08
N ALA C 222 7.98 15.35 -42.19
CA ALA C 222 7.58 13.95 -42.33
C ALA C 222 8.65 13.02 -41.78
N GLY C 223 9.84 13.57 -41.57
CA GLY C 223 10.91 12.78 -40.98
C GLY C 223 10.68 12.69 -39.48
N ARG C 224 11.42 11.80 -38.84
CA ARG C 224 11.35 11.68 -37.40
C ARG C 224 12.74 11.72 -36.81
N MET C 225 12.80 11.96 -35.51
CA MET C 225 14.05 11.98 -34.80
C MET C 225 13.85 11.25 -33.49
N ASN C 226 14.67 10.23 -33.25
CA ASN C 226 14.65 9.52 -31.98
C ASN C 226 15.77 10.02 -31.08
N TYR C 227 15.43 10.38 -29.85
CA TYR C 227 16.41 10.90 -28.90
C TYR C 227 16.79 9.83 -27.90
N TYR C 228 18.08 9.70 -27.65
CA TYR C 228 18.57 8.70 -26.73
C TYR C 228 19.49 9.34 -25.70
N TRP C 229 19.71 8.64 -24.59
CA TRP C 229 20.60 9.14 -23.57
C TRP C 229 21.26 7.98 -22.84
N THR C 230 22.20 8.32 -21.97
CA THR C 230 22.86 7.34 -21.11
C THR C 230 23.64 8.08 -20.03
N LEU C 231 23.87 7.41 -18.91
CA LEU C 231 24.70 7.98 -17.85
C LEU C 231 26.08 7.36 -17.87
N LEU C 232 27.03 8.11 -18.41
CA LEU C 232 28.40 7.66 -18.53
C LEU C 232 29.11 7.69 -17.17
N ASP C 233 29.57 6.53 -16.73
CA ASP C 233 30.26 6.43 -15.43
C ASP C 233 31.60 7.11 -15.45
N GLN C 234 32.10 7.46 -14.26
CA GLN C 234 33.44 8.07 -14.16
C GLN C 234 34.50 7.13 -14.70
N GLY C 235 35.36 7.66 -15.57
CA GLY C 235 36.44 6.88 -16.12
C GLY C 235 36.05 6.05 -17.35
N ASP C 236 34.74 5.91 -17.57
CA ASP C 236 34.24 5.14 -18.70
C ASP C 236 34.44 5.91 -20.01
N THR C 237 34.16 5.25 -21.14
CA THR C 237 34.36 5.88 -22.44
C THR C 237 33.28 5.50 -23.44
N ILE C 238 32.43 6.46 -23.78
CA ILE C 238 31.37 6.27 -24.77
C ILE C 238 31.97 6.48 -26.17
N THR C 239 31.53 5.70 -27.16
CA THR C 239 32.06 5.79 -28.52
C THR C 239 30.97 5.84 -29.59
N PHE C 240 31.08 6.80 -30.50
CA PHE C 240 30.10 6.99 -31.56
C PHE C 240 30.66 6.66 -32.96
N GLU C 241 30.02 5.72 -33.65
CA GLU C 241 30.36 5.39 -35.02
C GLU C 241 29.12 5.49 -35.88
N ALA C 242 29.24 6.07 -37.07
CA ALA C 242 28.07 6.28 -37.92
C ALA C 242 28.39 6.46 -39.40
N THR C 243 27.44 6.04 -40.26
CA THR C 243 27.55 6.25 -41.70
C THR C 243 26.39 7.12 -42.21
N GLY C 244 25.70 7.75 -41.28
CA GLY C 244 24.57 8.60 -41.59
C GLY C 244 23.59 8.66 -40.42
N ASN C 245 22.64 9.60 -40.50
CA ASN C 245 21.53 9.67 -39.54
C ASN C 245 21.89 10.05 -38.11
N LEU C 246 23.18 10.21 -37.81
CA LEU C 246 23.59 10.56 -36.45
C LEU C 246 23.37 12.05 -36.21
N ILE C 247 22.49 12.35 -35.26
CA ILE C 247 22.39 13.70 -34.72
C ILE C 247 23.26 13.76 -33.48
N ALA C 248 24.51 14.19 -33.66
CA ALA C 248 25.55 13.99 -32.67
C ALA C 248 25.40 14.85 -31.42
N PRO C 249 26.03 14.40 -30.32
CA PRO C 249 26.12 15.21 -29.10
C PRO C 249 27.01 16.40 -29.37
N TRP C 250 26.59 17.58 -28.93
CA TRP C 250 27.44 18.75 -28.98
C TRP C 250 27.78 19.15 -27.55
N TYR C 251 26.76 19.25 -26.72
CA TYR C 251 26.95 19.48 -25.29
C TYR C 251 26.41 18.30 -24.51
N ALA C 252 27.11 17.97 -23.43
CA ALA C 252 26.68 16.97 -22.49
C ALA C 252 26.65 17.63 -21.11
N PHE C 253 26.15 16.90 -20.11
CA PHE C 253 26.07 17.42 -18.76
C PHE C 253 26.81 16.52 -17.78
N ALA C 254 27.63 17.11 -16.92
CA ALA C 254 28.27 16.37 -15.84
C ALA C 254 27.51 16.64 -14.54
N LEU C 255 27.06 15.59 -13.88
CA LEU C 255 26.18 15.80 -12.72
C LEU C 255 26.47 14.91 -11.48
N ASN C 256 25.91 15.32 -10.35
CA ASN C 256 25.90 14.52 -9.13
C ASN C 256 24.47 14.30 -8.69
N LYS C 257 23.96 13.08 -8.85
CA LYS C 257 22.58 12.82 -8.43
C LYS C 257 22.55 12.71 -6.92
N GLY C 258 21.62 13.43 -6.30
CA GLY C 258 21.32 13.24 -4.89
C GLY C 258 20.42 12.03 -4.77
N SER C 259 19.44 12.11 -3.88
CA SER C 259 18.39 11.12 -3.91
C SER C 259 17.26 11.64 -4.78
N ASP C 260 16.51 10.73 -5.37
CA ASP C 260 15.40 11.08 -6.24
C ASP C 260 14.41 12.03 -5.57
N SER C 261 13.51 12.56 -6.37
CA SER C 261 12.53 13.55 -5.95
C SER C 261 11.33 13.44 -6.90
N GLY C 262 10.79 14.58 -7.33
CA GLY C 262 9.69 14.57 -8.27
C GLY C 262 9.57 15.85 -9.07
N ILE C 263 8.64 15.86 -10.01
CA ILE C 263 8.36 17.03 -10.80
C ILE C 263 6.96 17.50 -10.44
N ILE C 264 6.79 18.78 -10.11
CA ILE C 264 5.43 19.33 -9.88
C ILE C 264 4.98 20.22 -11.03
N THR C 265 3.72 20.09 -11.44
CA THR C 265 3.15 20.94 -12.48
C THR C 265 2.22 22.00 -11.87
N SER C 266 2.60 23.27 -12.00
CA SER C 266 1.86 24.32 -11.30
C SER C 266 2.20 25.73 -11.79
N ASP C 267 1.19 26.60 -11.78
CA ASP C 267 1.36 27.99 -12.19
C ASP C 267 1.51 28.89 -10.97
N ALA C 268 1.74 28.29 -9.81
CA ALA C 268 1.93 29.07 -8.60
C ALA C 268 3.32 29.72 -8.60
N PRO C 269 3.43 30.90 -7.99
CA PRO C 269 4.67 31.69 -7.96
C PRO C 269 5.74 31.05 -7.08
N VAL C 270 6.99 31.09 -7.53
CA VAL C 270 8.12 30.58 -6.74
C VAL C 270 8.67 31.65 -5.80
N HIS C 271 8.85 31.30 -4.53
CA HIS C 271 9.35 32.23 -3.54
C HIS C 271 10.53 31.66 -2.74
N ASN C 272 11.07 32.45 -1.81
CA ASN C 272 12.23 32.04 -1.03
C ASN C 272 11.88 31.43 0.31
N CYS C 273 10.59 31.40 0.65
CA CYS C 273 10.18 30.71 1.85
C CYS C 273 10.78 29.31 1.83
N ASP C 274 10.80 28.66 2.98
CA ASP C 274 11.35 27.30 3.08
C ASP C 274 10.26 26.32 3.56
N THR C 275 10.31 25.09 3.09
CA THR C 275 9.31 24.12 3.53
C THR C 275 9.83 22.69 3.57
N ARG C 276 9.18 21.89 4.39
CA ARG C 276 9.51 20.49 4.46
C ARG C 276 8.55 19.72 3.58
N CYS C 277 7.46 20.36 3.17
CA CYS C 277 6.40 19.71 2.39
C CYS C 277 5.82 20.61 1.30
N GLN C 278 5.91 20.17 0.04
CA GLN C 278 5.44 20.96 -1.09
C GLN C 278 4.32 20.29 -1.91
N THR C 279 3.25 21.03 -2.18
CA THR C 279 2.16 20.53 -3.01
C THR C 279 2.02 21.47 -4.20
N PRO C 280 1.36 21.01 -5.28
CA PRO C 280 1.20 21.86 -6.46
C PRO C 280 0.52 23.21 -6.18
N HIS C 281 -0.41 23.27 -5.24
CA HIS C 281 -1.12 24.52 -4.95
C HIS C 281 -0.31 25.41 -4.02
N GLY C 282 0.52 24.78 -3.19
CA GLY C 282 1.36 25.51 -2.25
C GLY C 282 2.07 24.63 -1.24
N ALA C 283 2.88 25.24 -0.38
CA ALA C 283 3.60 24.49 0.64
C ALA C 283 2.73 24.30 1.89
N LEU C 284 2.92 23.19 2.57
CA LEU C 284 2.23 22.96 3.85
C LEU C 284 3.12 23.28 5.04
N ASN C 285 2.69 24.24 5.87
CA ASN C 285 3.39 24.53 7.13
C ASN C 285 3.05 23.41 8.06
N SER C 286 3.50 22.20 7.74
CA SER C 286 2.95 21.09 8.48
C SER C 286 3.75 20.19 9.41
N SER C 287 3.21 20.19 10.63
CA SER C 287 3.67 19.52 11.82
C SER C 287 2.47 18.76 12.37
N LEU C 288 1.32 18.93 11.73
CA LEU C 288 0.11 18.19 12.07
C LEU C 288 0.12 16.85 11.34
N PRO C 289 -0.61 15.84 11.87
CA PRO C 289 -0.52 14.50 11.30
C PRO C 289 -1.22 14.34 9.96
N PHE C 290 -2.30 15.09 9.71
CA PHE C 290 -3.12 14.90 8.52
C PHE C 290 -3.35 16.18 7.72
N GLN C 291 -3.50 16.04 6.42
CA GLN C 291 -3.86 17.16 5.57
C GLN C 291 -4.88 16.73 4.50
N ASN C 292 -5.67 17.68 4.03
CA ASN C 292 -6.61 17.41 2.95
C ASN C 292 -6.41 18.36 1.78
N VAL C 293 -5.23 18.97 1.71
CA VAL C 293 -4.93 19.96 0.67
C VAL C 293 -4.76 19.32 -0.70
N HIS C 294 -3.91 18.30 -0.78
CA HIS C 294 -3.60 17.64 -2.04
C HIS C 294 -2.93 16.27 -1.83
N PRO C 295 -3.38 15.25 -2.57
CA PRO C 295 -2.83 13.88 -2.48
C PRO C 295 -1.39 13.77 -2.97
N ILE C 296 -1.02 14.57 -3.96
CA ILE C 296 0.30 14.44 -4.58
C ILE C 296 1.29 15.50 -4.09
N THR C 297 2.22 15.07 -3.24
CA THR C 297 3.14 15.98 -2.56
C THR C 297 4.60 15.56 -2.68
N ILE C 298 5.52 16.46 -2.36
CA ILE C 298 6.95 16.13 -2.33
C ILE C 298 7.50 16.58 -1.00
N GLY C 299 8.21 15.69 -0.30
CA GLY C 299 8.80 16.02 0.98
C GLY C 299 8.34 15.14 2.13
N GLU C 300 8.44 15.67 3.35
CA GLU C 300 7.94 14.99 4.56
C GLU C 300 6.55 15.50 4.93
N CYS C 301 5.53 14.77 4.48
CA CYS C 301 4.17 15.30 4.48
C CYS C 301 3.22 14.65 5.47
N PRO C 302 2.27 15.42 6.00
CA PRO C 302 1.16 14.86 6.77
C PRO C 302 0.41 13.92 5.86
N LYS C 303 -0.26 12.94 6.44
CA LYS C 303 -0.95 11.96 5.63
C LYS C 303 -2.18 12.54 4.94
N TYR C 304 -2.25 12.39 3.63
CA TYR C 304 -3.40 12.87 2.89
C TYR C 304 -4.65 12.12 3.31
N VAL C 305 -5.72 12.88 3.54
CA VAL C 305 -6.92 12.35 4.16
C VAL C 305 -8.12 13.04 3.49
N LYS C 306 -9.27 12.37 3.46
CA LYS C 306 -10.46 12.99 2.86
C LYS C 306 -11.39 13.67 3.86
N SER C 307 -10.90 13.94 5.06
CA SER C 307 -11.70 14.62 6.05
C SER C 307 -11.82 16.12 5.79
N THR C 308 -12.77 16.75 6.46
CA THR C 308 -12.96 18.19 6.34
C THR C 308 -12.84 18.78 7.73
N LYS C 309 -12.84 17.91 8.74
CA LYS C 309 -12.70 18.36 10.11
C LYS C 309 -12.12 17.25 11.01
N LEU C 310 -11.05 17.55 11.71
CA LEU C 310 -10.49 16.60 12.67
C LEU C 310 -10.10 17.34 13.91
N ARG C 311 -11.09 17.94 14.57
CA ARG C 311 -10.84 18.73 15.76
C ARG C 311 -10.82 17.82 16.96
N MET C 312 -9.76 17.92 17.74
CA MET C 312 -9.59 17.09 18.92
C MET C 312 -9.78 17.92 20.21
N ALA C 313 -10.79 17.55 21.02
CA ALA C 313 -11.00 18.13 22.34
C ALA C 313 -9.76 18.00 23.23
N THR C 314 -9.49 19.08 23.97
CA THR C 314 -8.49 19.09 25.03
C THR C 314 -9.19 19.52 26.31
N GLY C 315 -10.25 20.31 26.16
CA GLY C 315 -10.98 20.80 27.30
C GLY C 315 -12.17 19.95 27.64
N LEU C 316 -13.03 20.43 28.54
CA LEU C 316 -14.22 19.68 28.91
C LEU C 316 -15.48 20.13 28.16
N ARG C 317 -16.58 19.43 28.36
CA ARG C 317 -17.83 19.82 27.76
C ARG C 317 -18.18 21.20 28.30
N ASN C 318 -18.41 22.15 27.42
CA ASN C 318 -18.70 23.50 27.84
C ASN C 318 -20.19 23.73 28.09
N VAL C 319 -20.55 24.02 29.33
CA VAL C 319 -21.93 24.39 29.60
C VAL C 319 -21.95 25.68 30.40
N PRO C 320 -21.91 26.83 29.71
CA PRO C 320 -21.80 28.13 30.39
C PRO C 320 -23.02 28.47 31.25
N SER C 321 -24.13 27.79 31.01
CA SER C 321 -25.37 27.91 31.81
C SER C 321 -25.30 28.94 32.94
N ARG C 322 -25.38 30.22 32.56
CA ARG C 322 -25.24 31.33 33.52
C ARG C 322 -26.53 31.65 34.24
N GLY D 1 -19.92 12.38 30.18
CA GLY D 1 -21.14 12.07 30.89
C GLY D 1 -21.11 10.67 31.46
N LEU D 2 -20.00 9.97 31.18
CA LEU D 2 -19.83 8.58 31.58
C LEU D 2 -19.73 8.42 33.10
N PHE D 3 -19.32 9.51 33.76
CA PHE D 3 -19.21 9.53 35.22
C PHE D 3 -20.25 10.46 35.88
N GLY D 4 -21.21 10.94 35.09
CA GLY D 4 -22.39 11.61 35.59
C GLY D 4 -22.20 12.93 36.33
N ALA D 5 -21.02 13.52 36.22
CA ALA D 5 -20.71 14.76 36.94
C ALA D 5 -20.88 16.00 36.04
N ILE D 6 -19.98 16.17 35.07
CA ILE D 6 -20.06 17.28 34.13
C ILE D 6 -21.37 17.16 33.35
N ALA D 7 -22.18 18.20 33.38
CA ALA D 7 -23.48 18.20 32.69
C ALA D 7 -24.48 17.24 33.34
N GLY D 8 -24.12 16.66 34.47
CA GLY D 8 -24.97 15.73 35.18
C GLY D 8 -25.49 16.25 36.50
N PHE D 9 -25.01 15.69 37.61
CA PHE D 9 -25.45 16.16 38.94
C PHE D 9 -24.87 17.52 39.29
N ILE D 10 -23.72 17.86 38.73
CA ILE D 10 -23.27 19.25 38.72
C ILE D 10 -23.80 19.83 37.39
N GLU D 11 -24.91 20.55 37.44
CA GLU D 11 -25.64 20.91 36.22
C GLU D 11 -24.93 21.78 35.21
N GLY D 12 -24.06 22.70 35.67
CA GLY D 12 -23.42 23.64 34.78
C GLY D 12 -21.98 23.94 35.09
N GLY D 13 -21.36 24.77 34.25
CA GLY D 13 -19.99 25.18 34.47
C GLY D 13 -19.87 26.60 34.99
N TRP D 14 -18.69 26.95 35.49
CA TRP D 14 -18.47 28.29 35.97
C TRP D 14 -17.62 29.09 35.00
N THR D 15 -18.20 30.10 34.36
CA THR D 15 -17.41 31.06 33.60
C THR D 15 -16.64 31.96 34.56
N GLY D 16 -17.05 31.95 35.82
CA GLY D 16 -16.38 32.72 36.85
C GLY D 16 -15.06 32.14 37.31
N MET D 17 -14.87 30.85 37.10
CA MET D 17 -13.62 30.21 37.49
C MET D 17 -12.62 30.29 36.34
N ILE D 18 -11.82 31.35 36.30
CA ILE D 18 -10.96 31.58 35.16
C ILE D 18 -9.57 30.96 35.28
N ASP D 19 -9.17 30.57 36.50
CA ASP D 19 -7.77 30.17 36.73
C ASP D 19 -7.51 28.68 36.71
N GLY D 20 -8.36 27.92 36.02
CA GLY D 20 -8.21 26.47 35.94
C GLY D 20 -9.43 25.69 35.47
N TRP D 21 -9.29 24.38 35.33
CA TRP D 21 -10.36 23.53 34.78
C TRP D 21 -11.38 23.02 35.82
N TYR D 22 -10.91 22.58 36.97
CA TYR D 22 -11.78 22.16 38.07
C TYR D 22 -11.48 23.01 39.28
N GLY D 23 -12.47 23.18 40.16
CA GLY D 23 -12.24 23.97 41.35
C GLY D 23 -13.42 24.05 42.28
N TYR D 24 -13.41 25.06 43.16
CA TYR D 24 -14.38 25.19 44.22
C TYR D 24 -15.06 26.55 44.18
N HIS D 25 -16.17 26.69 44.91
CA HIS D 25 -16.78 28.01 45.11
C HIS D 25 -16.66 28.54 46.55
N HIS D 26 -17.38 27.95 47.50
CA HIS D 26 -17.27 28.45 48.90
C HIS D 26 -17.91 29.81 49.21
N GLN D 27 -18.60 29.89 50.36
CA GLN D 27 -19.25 31.11 50.81
C GLN D 27 -19.13 31.26 52.32
N ASN D 28 -18.59 32.40 52.73
CA ASN D 28 -18.32 32.72 54.13
C ASN D 28 -19.10 33.90 54.62
N GLU D 29 -18.84 34.28 55.86
CA GLU D 29 -19.24 35.60 56.30
C GLU D 29 -18.08 36.54 55.98
N GLN D 30 -16.99 35.96 55.49
CA GLN D 30 -15.88 36.76 54.98
C GLN D 30 -15.93 36.93 53.47
N GLY D 31 -17.03 36.53 52.86
CA GLY D 31 -17.20 36.66 51.43
C GLY D 31 -17.32 35.34 50.71
N SER D 32 -17.10 35.36 49.39
CA SER D 32 -17.22 34.18 48.56
C SER D 32 -16.32 34.30 47.34
N GLY D 33 -16.36 33.32 46.44
CA GLY D 33 -15.62 33.42 45.20
C GLY D 33 -15.10 32.11 44.65
N TYR D 34 -14.49 32.14 43.46
CA TYR D 34 -13.96 30.91 42.87
C TYR D 34 -12.48 30.67 43.07
N ALA D 35 -12.07 29.41 42.95
CA ALA D 35 -10.68 29.06 43.08
C ALA D 35 -10.50 27.71 42.41
N ALA D 36 -9.53 27.62 41.52
CA ALA D 36 -9.23 26.37 40.85
C ALA D 36 -8.43 25.49 41.79
N ASP D 37 -8.59 24.17 41.62
CA ASP D 37 -7.80 23.19 42.32
C ASP D 37 -6.54 22.96 41.49
N GLN D 38 -5.40 23.42 41.98
CA GLN D 38 -4.20 23.35 41.15
C GLN D 38 -3.74 21.93 40.83
N LYS D 39 -3.83 21.01 41.79
CA LYS D 39 -3.26 19.67 41.62
C LYS D 39 -3.92 18.94 40.46
N SER D 40 -5.24 18.79 40.51
CA SER D 40 -5.94 18.08 39.46
C SER D 40 -5.91 18.83 38.13
N THR D 41 -6.07 20.15 38.16
CA THR D 41 -5.99 20.89 36.90
C THR D 41 -4.64 20.65 36.23
N GLN D 42 -3.56 20.79 37.00
CA GLN D 42 -2.24 20.61 36.43
C GLN D 42 -2.03 19.18 35.96
N ASN D 43 -2.55 18.20 36.70
CA ASN D 43 -2.47 16.80 36.28
C ASN D 43 -3.20 16.58 34.96
N ALA D 44 -4.41 17.11 34.86
CA ALA D 44 -5.16 17.03 33.62
C ALA D 44 -4.43 17.77 32.48
N ILE D 45 -4.01 19.01 32.70
CA ILE D 45 -3.27 19.73 31.67
C ILE D 45 -2.10 18.85 31.19
N ASP D 46 -1.41 18.20 32.14
CA ASP D 46 -0.27 17.37 31.80
C ASP D 46 -0.67 16.15 30.99
N GLY D 47 -1.72 15.47 31.44
CA GLY D 47 -2.19 14.27 30.76
C GLY D 47 -2.66 14.57 29.35
N ILE D 48 -3.55 15.53 29.24
CA ILE D 48 -4.07 15.93 27.94
C ILE D 48 -2.94 16.40 27.01
N THR D 49 -1.94 17.11 27.54
CA THR D 49 -0.80 17.49 26.72
C THR D 49 -0.06 16.26 26.18
N SER D 50 0.15 15.25 27.03
CA SER D 50 0.85 14.05 26.57
C SER D 50 0.01 13.39 25.45
N LYS D 51 -1.30 13.42 25.61
CA LYS D 51 -2.23 12.86 24.64
C LYS D 51 -2.08 13.53 23.29
N VAL D 52 -2.13 14.85 23.28
CA VAL D 52 -1.99 15.56 22.03
C VAL D 52 -0.61 15.32 21.41
N ASN D 53 0.45 15.32 22.23
CA ASN D 53 1.79 15.05 21.69
C ASN D 53 1.86 13.68 21.04
N SER D 54 1.30 12.68 21.71
CA SER D 54 1.29 11.31 21.20
C SER D 54 0.63 11.23 19.83
N VAL D 55 -0.57 11.78 19.71
CA VAL D 55 -1.27 11.74 18.43
C VAL D 55 -0.50 12.49 17.33
N ILE D 56 0.04 13.66 17.66
CA ILE D 56 0.73 14.50 16.68
C ILE D 56 2.10 13.94 16.28
N GLU D 57 2.81 13.34 17.22
CA GLU D 57 4.24 13.14 17.05
C GLU D 57 4.73 11.68 16.90
N LYS D 58 3.89 10.71 17.28
CA LYS D 58 4.18 9.28 17.07
C LYS D 58 4.03 8.89 15.59
N MET D 59 3.43 9.80 14.83
CA MET D 59 3.31 9.70 13.39
C MET D 59 4.71 9.75 12.77
N ASN D 60 5.15 8.62 12.21
CA ASN D 60 6.42 8.55 11.49
C ASN D 60 6.26 9.07 10.06
N THR D 61 7.30 9.72 9.52
CA THR D 61 7.18 10.34 8.21
C THR D 61 8.43 10.19 7.31
N GLN D 62 8.21 9.60 6.14
CA GLN D 62 9.30 9.27 5.23
C GLN D 62 9.33 10.25 4.07
N PHE D 63 10.52 10.70 3.69
CA PHE D 63 10.67 11.48 2.46
C PHE D 63 10.22 10.65 1.24
N THR D 64 9.24 11.18 0.50
CA THR D 64 8.63 10.44 -0.61
C THR D 64 8.19 11.43 -1.69
N ALA D 65 8.30 11.00 -2.95
CA ALA D 65 7.99 11.84 -4.10
C ALA D 65 6.56 11.65 -4.58
N VAL D 66 5.98 10.51 -4.29
CA VAL D 66 4.56 10.22 -4.60
C VAL D 66 4.16 10.21 -6.10
N GLY D 67 4.30 11.35 -6.76
CA GLY D 67 3.99 11.42 -8.18
C GLY D 67 4.72 10.35 -8.96
N LYS D 68 4.06 9.77 -9.95
CA LYS D 68 4.76 8.90 -10.89
C LYS D 68 4.34 9.29 -12.29
N GLU D 69 5.18 9.02 -13.28
CA GLU D 69 4.82 9.32 -14.66
C GLU D 69 4.93 8.06 -15.50
N PHE D 70 3.82 7.63 -16.06
CA PHE D 70 3.83 6.45 -16.92
C PHE D 70 3.30 6.81 -18.31
N ASN D 71 3.84 6.17 -19.35
CA ASN D 71 3.39 6.41 -20.72
C ASN D 71 2.14 5.60 -21.05
N ASN D 72 1.57 5.81 -22.23
CA ASN D 72 0.28 5.20 -22.58
C ASN D 72 0.32 3.71 -22.94
N LEU D 73 1.47 3.07 -22.74
CA LEU D 73 1.59 1.61 -22.81
C LEU D 73 2.00 1.04 -21.45
N GLU D 74 1.86 1.85 -20.41
CA GLU D 74 2.17 1.40 -19.08
C GLU D 74 0.95 1.58 -18.17
N ARG D 75 -0.24 1.48 -18.78
CA ARG D 75 -1.48 1.74 -18.08
C ARG D 75 -1.66 0.83 -16.87
N ARG D 76 -1.27 -0.45 -16.98
CA ARG D 76 -1.45 -1.38 -15.88
C ARG D 76 -0.65 -0.94 -14.66
N ILE D 77 0.63 -0.65 -14.86
CA ILE D 77 1.48 -0.23 -13.75
C ILE D 77 1.08 1.19 -13.24
N GLU D 78 0.48 2.01 -14.10
CA GLU D 78 -0.08 3.30 -13.67
C GLU D 78 -1.25 3.10 -12.70
N ASN D 79 -2.04 2.05 -12.94
CA ASN D 79 -3.22 1.78 -12.14
C ASN D 79 -2.86 1.08 -10.83
N LEU D 80 -1.79 0.29 -10.86
CA LEU D 80 -1.22 -0.28 -9.64
C LEU D 80 -0.84 0.87 -8.73
N ASN D 81 -0.22 1.89 -9.32
CA ASN D 81 0.19 3.03 -8.55
C ASN D 81 -1.03 3.71 -7.95
N LYS D 82 -2.04 3.95 -8.78
CA LYS D 82 -3.28 4.59 -8.34
C LYS D 82 -3.91 3.76 -7.21
N LYS D 83 -3.79 2.44 -7.32
CA LYS D 83 -4.33 1.52 -6.31
C LYS D 83 -3.64 1.71 -4.98
N VAL D 84 -2.32 1.84 -5.01
CA VAL D 84 -1.54 2.12 -3.82
C VAL D 84 -1.95 3.46 -3.21
N ASP D 85 -1.91 4.53 -3.99
CA ASP D 85 -2.28 5.84 -3.47
C ASP D 85 -3.68 5.83 -2.87
N ASP D 86 -4.63 5.23 -3.59
CA ASP D 86 -6.03 5.16 -3.17
C ASP D 86 -6.21 4.28 -1.93
N GLY D 87 -5.41 3.23 -1.84
CA GLY D 87 -5.46 2.34 -0.71
C GLY D 87 -5.07 3.04 0.56
N PHE D 88 -3.97 3.79 0.52
CA PHE D 88 -3.51 4.52 1.70
C PHE D 88 -4.48 5.63 2.06
N LEU D 89 -5.05 6.26 1.04
CA LEU D 89 -6.08 7.28 1.24
C LEU D 89 -7.22 6.73 2.11
N ASP D 90 -7.66 5.51 1.79
CA ASP D 90 -8.79 4.90 2.46
C ASP D 90 -8.42 4.55 3.88
N VAL D 91 -7.23 4.01 4.05
CA VAL D 91 -6.74 3.61 5.37
C VAL D 91 -6.57 4.81 6.28
N TRP D 92 -5.82 5.81 5.81
CA TRP D 92 -5.59 7.01 6.62
C TRP D 92 -6.88 7.79 6.92
N THR D 93 -7.73 7.98 5.93
CA THR D 93 -9.00 8.67 6.17
C THR D 93 -9.83 8.04 7.28
N TYR D 94 -10.01 6.73 7.22
CA TYR D 94 -10.82 6.01 8.19
C TYR D 94 -10.19 6.05 9.55
N ASN D 95 -8.95 5.61 9.66
CA ASN D 95 -8.37 5.53 11.00
C ASN D 95 -8.16 6.91 11.59
N ALA D 96 -8.03 7.94 10.76
CA ALA D 96 -7.94 9.31 11.28
C ALA D 96 -9.29 9.80 11.80
N GLU D 97 -10.31 9.67 10.98
CA GLU D 97 -11.67 10.02 11.40
C GLU D 97 -12.05 9.34 12.70
N LEU D 98 -11.88 8.02 12.77
CA LEU D 98 -12.30 7.29 13.96
C LEU D 98 -11.39 7.53 15.14
N LEU D 99 -10.11 7.82 14.88
CA LEU D 99 -9.18 8.11 15.98
C LEU D 99 -9.62 9.37 16.72
N VAL D 100 -9.95 10.41 15.97
CA VAL D 100 -10.43 11.64 16.59
C VAL D 100 -11.73 11.42 17.34
N LEU D 101 -12.70 10.78 16.70
CA LEU D 101 -13.96 10.45 17.36
C LEU D 101 -13.78 9.71 18.68
N LEU D 102 -12.95 8.66 18.68
CA LEU D 102 -12.76 7.83 19.85
C LEU D 102 -11.98 8.57 20.95
N GLU D 103 -10.87 9.22 20.58
CA GLU D 103 -10.12 9.96 21.57
C GLU D 103 -10.92 11.11 22.16
N ASN D 104 -11.83 11.67 21.36
CA ASN D 104 -12.65 12.79 21.83
C ASN D 104 -13.61 12.35 22.91
N GLU D 105 -14.19 11.19 22.71
CA GLU D 105 -15.08 10.62 23.70
C GLU D 105 -14.29 10.41 24.98
N ARG D 106 -13.12 9.80 24.85
CA ARG D 106 -12.29 9.46 26.00
C ARG D 106 -11.86 10.72 26.75
N THR D 107 -11.53 11.79 26.01
CA THR D 107 -11.08 13.04 26.63
C THR D 107 -12.17 13.65 27.50
N LEU D 108 -13.36 13.82 26.93
CA LEU D 108 -14.48 14.37 27.67
C LEU D 108 -14.81 13.52 28.89
N ASP D 109 -14.71 12.20 28.78
CA ASP D 109 -15.01 11.33 29.90
C ASP D 109 -13.94 11.47 30.97
N PHE D 110 -12.72 11.75 30.52
CA PHE D 110 -11.59 11.96 31.42
C PHE D 110 -11.88 13.17 32.30
N HIS D 111 -12.32 14.26 31.68
CA HIS D 111 -12.66 15.45 32.41
C HIS D 111 -13.82 15.17 33.37
N ASP D 112 -14.80 14.42 32.92
CA ASP D 112 -15.92 14.09 33.77
C ASP D 112 -15.45 13.33 35.01
N SER D 113 -14.56 12.35 34.81
CA SER D 113 -14.00 11.57 35.91
C SER D 113 -13.24 12.45 36.93
N ASN D 114 -12.47 13.42 36.44
CA ASN D 114 -11.72 14.31 37.32
C ASN D 114 -12.64 15.15 38.22
N VAL D 115 -13.75 15.62 37.68
CA VAL D 115 -14.74 16.32 38.47
C VAL D 115 -15.42 15.43 39.52
N ARG D 116 -15.85 14.24 39.13
CA ARG D 116 -16.43 13.31 40.10
C ARG D 116 -15.41 12.94 41.17
N ASN D 117 -14.18 12.63 40.77
CA ASN D 117 -13.16 12.33 41.76
C ASN D 117 -12.92 13.47 42.75
N LEU D 118 -12.87 14.72 42.25
CA LEU D 118 -12.64 15.88 43.11
C LEU D 118 -13.81 16.08 44.07
N TYR D 119 -15.02 15.94 43.54
CA TYR D 119 -16.21 16.03 44.36
C TYR D 119 -16.18 14.99 45.47
N GLU D 120 -15.65 13.81 45.16
CA GLU D 120 -15.64 12.73 46.14
C GLU D 120 -14.57 12.92 47.20
N LYS D 121 -13.48 13.58 46.79
CA LYS D 121 -12.38 13.89 47.71
C LYS D 121 -12.87 14.82 48.81
N VAL D 122 -13.74 15.77 48.43
CA VAL D 122 -14.37 16.68 49.38
C VAL D 122 -15.37 15.94 50.26
N LYS D 123 -16.37 15.32 49.63
CA LYS D 123 -17.36 14.52 50.36
C LYS D 123 -16.71 13.65 51.45
N SER D 124 -15.62 12.97 51.08
CA SER D 124 -14.92 12.04 51.94
C SER D 124 -14.31 12.72 53.19
N GLN D 125 -13.73 13.91 53.00
CA GLN D 125 -13.19 14.69 54.11
C GLN D 125 -14.26 15.19 55.05
N LEU D 126 -15.27 15.85 54.49
CA LEU D 126 -16.32 16.47 55.29
C LEU D 126 -17.13 15.46 56.06
N ARG D 127 -17.36 14.28 55.48
CA ARG D 127 -18.20 13.29 56.14
C ARG D 127 -19.48 13.96 56.61
N ASN D 128 -19.92 13.61 57.81
CA ASN D 128 -21.20 14.13 58.33
C ASN D 128 -21.09 15.53 58.99
N ASN D 129 -20.02 16.25 58.68
CA ASN D 129 -19.86 17.63 59.14
C ASN D 129 -20.52 18.66 58.22
N ALA D 130 -21.04 18.19 57.08
CA ALA D 130 -21.75 19.06 56.17
C ALA D 130 -22.84 18.23 55.53
N LYS D 131 -23.82 18.87 54.90
CA LYS D 131 -24.85 18.12 54.21
C LYS D 131 -24.77 18.32 52.69
N GLU D 132 -24.79 17.22 51.95
CA GLU D 132 -24.81 17.25 50.48
C GLU D 132 -26.11 17.84 50.00
N ILE D 133 -26.09 19.09 49.54
CA ILE D 133 -27.31 19.78 49.13
C ILE D 133 -27.53 19.67 47.63
N GLY D 134 -26.78 18.78 46.98
CA GLY D 134 -26.93 18.55 45.55
C GLY D 134 -26.27 19.62 44.67
N ASN D 135 -26.06 19.28 43.40
CA ASN D 135 -25.42 20.20 42.46
C ASN D 135 -23.95 20.47 42.80
N GLY D 136 -23.33 19.55 43.52
CA GLY D 136 -21.92 19.66 43.84
C GLY D 136 -21.63 20.52 45.06
N CYS D 137 -22.66 20.83 45.85
CA CYS D 137 -22.48 21.70 46.99
C CYS D 137 -22.65 20.99 48.32
N PHE D 138 -21.83 21.39 49.29
CA PHE D 138 -21.90 20.90 50.66
C PHE D 138 -22.19 22.09 51.57
N GLU D 139 -23.15 21.95 52.48
CA GLU D 139 -23.45 23.01 53.43
C GLU D 139 -22.99 22.61 54.83
N PHE D 140 -22.02 23.33 55.38
CA PHE D 140 -21.43 23.01 56.68
C PHE D 140 -22.40 23.12 57.84
N TYR D 141 -22.31 22.18 58.76
CA TYR D 141 -23.13 22.19 59.95
C TYR D 141 -22.47 23.14 60.92
N HIS D 142 -21.15 23.26 60.85
CA HIS D 142 -20.41 24.20 61.70
C HIS D 142 -20.18 25.53 60.99
N LYS D 143 -19.26 26.32 61.51
CA LYS D 143 -18.96 27.61 60.91
C LYS D 143 -17.60 27.52 60.24
N CYS D 144 -17.54 27.81 58.95
CA CYS D 144 -16.29 27.56 58.20
C CYS D 144 -15.56 28.81 57.70
N ASP D 145 -14.56 29.28 58.46
CA ASP D 145 -13.82 30.48 58.08
C ASP D 145 -12.86 30.23 56.91
N ASP D 146 -12.20 31.28 56.44
CA ASP D 146 -11.27 31.17 55.29
C ASP D 146 -10.18 30.12 55.49
N GLU D 147 -9.55 30.08 56.67
CA GLU D 147 -8.50 29.10 56.93
C GLU D 147 -9.04 27.68 56.81
N CYS D 148 -10.28 27.49 57.22
CA CYS D 148 -10.91 26.17 57.21
C CYS D 148 -11.25 25.71 55.79
N MET D 149 -11.82 26.60 54.98
CA MET D 149 -12.08 26.31 53.56
C MET D 149 -10.76 25.91 52.92
N GLU D 150 -9.74 26.70 53.18
CA GLU D 150 -8.41 26.42 52.65
C GLU D 150 -7.97 25.01 53.01
N SER D 151 -8.40 24.52 54.17
CA SER D 151 -7.99 23.19 54.62
C SER D 151 -8.71 22.14 53.78
N VAL D 152 -9.98 22.37 53.49
CA VAL D 152 -10.74 21.44 52.67
C VAL D 152 -10.14 21.38 51.27
N LYS D 153 -9.74 22.53 50.74
CA LYS D 153 -9.11 22.58 49.42
C LYS D 153 -7.73 21.91 49.46
N ASN D 154 -6.96 22.20 50.50
CA ASN D 154 -5.65 21.57 50.75
C ASN D 154 -5.77 20.05 50.83
N GLY D 155 -6.93 19.57 51.27
CA GLY D 155 -7.10 18.17 51.62
C GLY D 155 -6.61 17.88 53.02
N THR D 156 -6.76 18.87 53.90
CA THR D 156 -6.18 18.87 55.22
C THR D 156 -7.25 18.95 56.32
N TYR D 157 -8.51 18.90 55.90
CA TYR D 157 -9.66 19.27 56.75
C TYR D 157 -9.59 18.85 58.23
N ASP D 158 -9.49 17.56 58.50
CA ASP D 158 -9.33 17.12 59.88
C ASP D 158 -10.47 17.55 60.82
N TYR D 159 -11.53 16.74 60.80
CA TYR D 159 -12.55 16.78 61.83
C TYR D 159 -13.56 15.67 61.57
N PRO D 160 -13.85 14.90 62.61
CA PRO D 160 -14.79 13.77 62.50
C PRO D 160 -16.08 14.17 61.79
N ASP E 1 -43.69 -0.23 50.41
CA ASP E 1 -43.57 0.25 49.05
C ASP E 1 -42.12 0.27 48.60
N THR E 2 -41.89 0.04 47.30
CA THR E 2 -40.53 0.01 46.76
C THR E 2 -40.43 0.64 45.37
N ILE E 3 -39.19 0.76 44.93
CA ILE E 3 -38.88 1.08 43.54
C ILE E 3 -37.51 0.47 43.25
N CYS E 4 -37.38 -0.21 42.11
CA CYS E 4 -36.10 -0.81 41.76
C CYS E 4 -35.55 -0.19 40.47
N VAL E 5 -34.24 -0.18 40.32
CA VAL E 5 -33.64 0.19 39.05
C VAL E 5 -33.12 -1.08 38.38
N GLY E 6 -33.22 -1.14 37.06
CA GLY E 6 -32.86 -2.35 36.34
C GLY E 6 -32.78 -2.19 34.84
N TYR E 7 -32.38 -3.24 34.15
CA TYR E 7 -32.14 -3.15 32.72
C TYR E 7 -32.83 -4.27 31.94
N HIS E 8 -32.86 -4.09 30.62
CA HIS E 8 -33.56 -4.98 29.70
C HIS E 8 -32.87 -6.31 29.55
N ALA E 9 -33.69 -7.34 29.32
CA ALA E 9 -33.21 -8.64 28.91
C ALA E 9 -34.20 -9.20 27.89
N ASN E 10 -33.76 -10.15 27.07
CA ASN E 10 -34.67 -10.79 26.12
C ASN E 10 -34.22 -12.19 25.73
N ASN E 11 -34.89 -12.78 24.73
CA ASN E 11 -34.56 -14.12 24.28
C ASN E 11 -33.47 -14.15 23.21
N SER E 12 -32.77 -13.03 23.05
CA SER E 12 -31.69 -12.92 22.08
C SER E 12 -30.56 -13.90 22.38
N THR E 13 -30.02 -14.46 21.30
CA THR E 13 -28.89 -15.37 21.38
C THR E 13 -27.72 -14.82 20.56
N ASP E 14 -27.85 -13.57 20.16
CA ASP E 14 -26.76 -12.86 19.50
C ASP E 14 -25.52 -12.89 20.39
N THR E 15 -24.38 -13.12 19.77
CA THR E 15 -23.15 -13.29 20.52
C THR E 15 -22.05 -12.44 19.89
N VAL E 16 -21.36 -11.64 20.69
CA VAL E 16 -20.24 -10.83 20.21
C VAL E 16 -18.94 -11.05 21.03
N ASP E 17 -17.80 -10.69 20.45
CA ASP E 17 -16.53 -10.79 21.15
C ASP E 17 -16.10 -9.41 21.66
N THR E 18 -15.61 -9.35 22.89
CA THR E 18 -15.00 -8.12 23.41
C THR E 18 -13.50 -8.32 23.60
N VAL E 19 -12.81 -7.30 24.11
CA VAL E 19 -11.37 -7.44 24.29
C VAL E 19 -11.03 -8.29 25.52
N LEU E 20 -11.92 -8.29 26.50
CA LEU E 20 -11.68 -9.06 27.74
C LEU E 20 -12.33 -10.44 27.74
N GLU E 21 -13.35 -10.63 26.92
CA GLU E 21 -14.18 -11.82 27.04
C GLU E 21 -14.69 -12.25 25.66
N LYS E 22 -14.75 -13.56 25.44
CA LYS E 22 -15.27 -14.09 24.18
C LYS E 22 -16.71 -14.56 24.34
N ASN E 23 -17.39 -14.76 23.22
CA ASN E 23 -18.75 -15.30 23.18
C ASN E 23 -19.70 -14.69 24.22
N VAL E 24 -19.84 -13.37 24.20
CA VAL E 24 -20.72 -12.67 25.14
C VAL E 24 -22.10 -12.43 24.55
N THR E 25 -23.13 -12.95 25.20
CA THR E 25 -24.50 -12.81 24.68
C THR E 25 -25.01 -11.42 24.97
N VAL E 26 -25.49 -10.74 23.94
CA VAL E 26 -26.00 -9.37 24.07
C VAL E 26 -27.44 -9.28 23.56
N THR E 27 -28.14 -8.21 23.94
CA THR E 27 -29.56 -8.05 23.58
C THR E 27 -29.82 -7.54 22.16
N HIS E 28 -28.84 -6.87 21.58
CA HIS E 28 -28.97 -6.27 20.25
C HIS E 28 -27.61 -6.16 19.59
N SER E 29 -27.54 -6.38 18.28
CA SER E 29 -26.28 -6.24 17.56
C SER E 29 -26.48 -5.92 16.08
N VAL E 30 -25.41 -5.53 15.39
CA VAL E 30 -25.47 -5.40 13.96
C VAL E 30 -24.27 -6.12 13.36
N ASN E 31 -24.43 -6.63 12.14
CA ASN E 31 -23.31 -7.25 11.46
C ASN E 31 -22.54 -6.19 10.68
N LEU E 32 -21.22 -6.20 10.79
CA LEU E 32 -20.40 -5.26 10.05
C LEU E 32 -19.70 -5.93 8.87
N LEU E 33 -19.82 -7.25 8.78
CA LEU E 33 -19.13 -7.99 7.73
C LEU E 33 -20.08 -8.55 6.69
N GLU E 34 -19.93 -8.12 5.44
CA GLU E 34 -20.66 -8.71 4.34
C GLU E 34 -20.01 -10.04 3.99
N ASP E 35 -20.73 -11.14 4.15
CA ASP E 35 -20.10 -12.45 3.95
C ASP E 35 -20.81 -13.32 2.92
N SER E 36 -21.71 -12.73 2.16
CA SER E 36 -22.42 -13.44 1.10
C SER E 36 -22.56 -12.58 -0.14
N HIS E 37 -22.81 -13.24 -1.27
CA HIS E 37 -22.87 -12.54 -2.55
C HIS E 37 -24.09 -12.93 -3.39
N ASN E 38 -24.18 -12.30 -4.54
CA ASN E 38 -25.36 -12.31 -5.37
C ASN E 38 -25.58 -13.63 -6.12
N GLY E 39 -24.49 -14.33 -6.42
CA GLY E 39 -24.55 -15.47 -7.31
C GLY E 39 -24.56 -15.01 -8.75
N LYS E 40 -24.71 -13.71 -8.98
CA LYS E 40 -24.85 -13.16 -10.32
C LYS E 40 -23.81 -12.09 -10.69
N LEU E 41 -23.58 -11.95 -11.99
CA LEU E 41 -22.75 -10.88 -12.53
C LEU E 41 -23.68 -9.77 -13.00
N CYS E 42 -23.49 -8.55 -12.50
CA CYS E 42 -24.46 -7.49 -12.72
C CYS E 42 -23.94 -6.30 -13.52
N SER E 43 -24.68 -5.21 -13.47
CA SER E 43 -24.29 -3.98 -14.15
C SER E 43 -23.63 -3.04 -13.12
N LEU E 44 -23.02 -1.95 -13.60
CA LEU E 44 -22.53 -0.88 -12.74
C LEU E 44 -23.31 0.47 -12.97
N GLY E 45 -24.58 0.36 -13.34
CA GLY E 45 -25.35 1.39 -14.03
C GLY E 45 -25.47 0.92 -15.50
N ILE E 46 -24.34 0.47 -16.02
CA ILE E 46 -24.19 0.01 -17.39
C ILE E 46 -23.87 -1.49 -17.36
N ALA E 47 -24.15 -2.22 -18.45
CA ALA E 47 -23.97 -3.67 -18.46
C ALA E 47 -22.57 -4.10 -18.92
N PRO E 48 -22.14 -5.33 -18.56
CA PRO E 48 -20.82 -5.86 -18.93
C PRO E 48 -20.81 -6.42 -20.33
N LEU E 49 -19.64 -6.42 -20.94
CA LEU E 49 -19.45 -7.06 -22.24
C LEU E 49 -19.13 -8.55 -22.03
N GLN E 50 -19.94 -9.44 -22.60
CA GLN E 50 -19.69 -10.86 -22.46
C GLN E 50 -19.09 -11.41 -23.73
N LEU E 51 -17.96 -12.09 -23.58
CA LEU E 51 -17.25 -12.59 -24.74
C LEU E 51 -17.53 -14.06 -24.96
N GLY E 52 -17.92 -14.76 -23.90
CA GLY E 52 -18.36 -16.13 -24.02
C GLY E 52 -17.26 -17.07 -24.49
N LYS E 53 -17.44 -17.66 -25.68
CA LYS E 53 -16.45 -18.61 -26.20
C LYS E 53 -15.19 -17.93 -26.75
N CYS E 54 -15.22 -16.61 -26.82
CA CYS E 54 -14.06 -15.84 -27.29
C CYS E 54 -13.32 -15.15 -26.16
N ASN E 55 -12.17 -14.57 -26.51
CA ASN E 55 -11.47 -13.66 -25.62
C ASN E 55 -11.15 -12.35 -26.33
N VAL E 56 -10.66 -11.36 -25.59
CA VAL E 56 -10.46 -10.03 -26.16
C VAL E 56 -9.74 -10.07 -27.51
N ALA E 57 -8.69 -10.87 -27.60
CA ALA E 57 -7.95 -10.98 -28.86
C ALA E 57 -8.84 -11.45 -29.99
N GLY E 58 -9.52 -12.59 -29.76
CA GLY E 58 -10.38 -13.19 -30.77
C GLY E 58 -11.51 -12.26 -31.16
N TRP E 59 -12.01 -11.52 -30.18
CA TRP E 59 -13.08 -10.58 -30.42
C TRP E 59 -12.62 -9.45 -31.33
N LEU E 60 -11.58 -8.75 -30.90
CA LEU E 60 -11.00 -7.64 -31.67
C LEU E 60 -10.57 -8.05 -33.08
N LEU E 61 -9.85 -9.16 -33.18
CA LEU E 61 -9.34 -9.60 -34.48
C LEU E 61 -10.42 -10.13 -35.40
N GLY E 62 -11.46 -10.72 -34.83
CA GLY E 62 -12.51 -11.31 -35.63
C GLY E 62 -12.28 -12.79 -35.90
N ASN E 63 -11.77 -13.51 -34.89
CA ASN E 63 -11.69 -14.96 -34.98
C ASN E 63 -13.02 -15.43 -35.58
N PRO E 64 -12.97 -16.38 -36.52
CA PRO E 64 -14.19 -16.85 -37.22
C PRO E 64 -15.21 -17.49 -36.30
N GLU E 65 -14.80 -17.85 -35.09
CA GLU E 65 -15.70 -18.49 -34.14
C GLU E 65 -16.49 -17.46 -33.33
N CYS E 66 -16.17 -16.18 -33.54
CA CYS E 66 -16.75 -15.08 -32.77
C CYS E 66 -17.78 -14.27 -33.56
N ASP E 67 -18.20 -14.78 -34.71
CA ASP E 67 -19.21 -14.10 -35.52
C ASP E 67 -20.50 -13.89 -34.75
N LEU E 68 -20.94 -14.93 -34.03
CA LEU E 68 -22.16 -14.87 -33.27
C LEU E 68 -21.95 -14.16 -31.93
N LEU E 69 -21.47 -12.94 -31.99
CA LEU E 69 -21.10 -12.20 -30.78
C LEU E 69 -21.45 -10.73 -30.92
N LEU E 70 -20.59 -9.99 -31.62
CA LEU E 70 -20.72 -8.55 -31.84
C LEU E 70 -21.95 -7.95 -31.14
N THR E 71 -21.71 -7.41 -29.93
CA THR E 71 -22.77 -6.88 -29.09
C THR E 71 -22.29 -5.58 -28.47
N ALA E 72 -21.16 -5.11 -28.96
CA ALA E 72 -20.58 -3.89 -28.46
C ALA E 72 -21.50 -2.66 -28.66
N ASN E 73 -21.74 -1.93 -27.58
CA ASN E 73 -22.22 -0.56 -27.70
C ASN E 73 -21.46 0.31 -26.71
N SER E 74 -21.54 -0.09 -25.45
CA SER E 74 -20.79 0.47 -24.36
C SER E 74 -20.89 -0.49 -23.19
N TRP E 75 -19.86 -0.54 -22.35
CA TRP E 75 -19.84 -1.51 -21.25
C TRP E 75 -19.01 -1.03 -20.10
N SER E 76 -19.28 -1.58 -18.91
CA SER E 76 -18.65 -1.15 -17.67
C SER E 76 -17.47 -2.03 -17.27
N TYR E 77 -17.48 -3.25 -17.76
CA TYR E 77 -16.36 -4.17 -17.60
C TYR E 77 -16.47 -5.37 -18.55
N ILE E 78 -15.36 -6.08 -18.74
CA ILE E 78 -15.39 -7.24 -19.62
C ILE E 78 -15.52 -8.52 -18.80
N ILE E 79 -16.30 -9.50 -19.30
CA ILE E 79 -16.42 -10.81 -18.67
C ILE E 79 -15.86 -11.89 -19.58
N GLU E 80 -14.89 -12.66 -19.09
CA GLU E 80 -14.44 -13.85 -19.82
C GLU E 80 -14.78 -15.09 -19.02
N THR E 81 -15.18 -16.15 -19.71
CA THR E 81 -15.54 -17.39 -19.03
C THR E 81 -14.42 -18.43 -19.16
N SER E 82 -14.58 -19.56 -18.48
CA SER E 82 -13.58 -20.62 -18.57
C SER E 82 -13.63 -21.30 -19.94
N ASN E 83 -14.62 -20.92 -20.74
CA ASN E 83 -14.73 -21.40 -22.12
C ASN E 83 -14.20 -20.39 -23.16
N SER E 84 -13.28 -19.53 -22.73
CA SER E 84 -12.85 -18.42 -23.59
C SER E 84 -11.52 -18.68 -24.30
N GLU E 85 -11.50 -19.66 -25.19
CA GLU E 85 -10.24 -20.01 -25.87
C GLU E 85 -10.08 -19.52 -27.31
N ASN E 86 -11.16 -19.44 -28.07
CA ASN E 86 -11.03 -18.97 -29.44
C ASN E 86 -10.63 -17.48 -29.45
N GLY E 87 -9.33 -17.23 -29.61
CA GLY E 87 -8.80 -15.88 -29.72
C GLY E 87 -7.84 -15.77 -30.90
N THR E 88 -6.55 -15.89 -30.62
CA THR E 88 -5.54 -15.93 -31.68
C THR E 88 -5.45 -17.35 -32.27
N CYS E 89 -6.05 -17.55 -33.43
CA CYS E 89 -6.11 -18.87 -34.03
C CYS E 89 -4.87 -19.22 -34.86
N TYR E 90 -4.33 -18.24 -35.59
CA TYR E 90 -3.03 -18.40 -36.22
C TYR E 90 -2.00 -18.06 -35.16
N PRO E 91 -1.07 -18.98 -34.88
CA PRO E 91 -0.11 -18.89 -33.79
C PRO E 91 0.77 -17.66 -33.91
N GLY E 92 1.07 -17.01 -32.79
CA GLY E 92 1.86 -15.80 -32.81
C GLY E 92 1.70 -14.99 -31.55
N GLU E 93 2.38 -13.83 -31.51
CA GLU E 93 2.35 -13.00 -30.33
C GLU E 93 1.52 -11.74 -30.55
N PHE E 94 0.59 -11.50 -29.63
CA PHE E 94 -0.21 -10.28 -29.65
C PHE E 94 0.52 -9.24 -28.79
N ILE E 95 1.10 -8.24 -29.44
CA ILE E 95 1.98 -7.30 -28.74
C ILE E 95 1.21 -6.34 -27.82
N ASP E 96 1.74 -6.14 -26.62
CA ASP E 96 1.14 -5.27 -25.61
C ASP E 96 -0.32 -5.63 -25.32
N TYR E 97 -0.60 -6.93 -25.24
CA TYR E 97 -1.96 -7.47 -25.10
C TYR E 97 -2.62 -7.13 -23.76
N GLU E 98 -1.94 -7.42 -22.65
CA GLU E 98 -2.48 -7.10 -21.34
C GLU E 98 -2.79 -5.62 -21.22
N GLU E 99 -1.94 -4.80 -21.84
CA GLU E 99 -2.14 -3.36 -21.81
C GLU E 99 -3.42 -2.96 -22.53
N LEU E 100 -3.63 -3.54 -23.71
CA LEU E 100 -4.82 -3.26 -24.50
C LEU E 100 -6.08 -3.72 -23.78
N ARG E 101 -6.03 -4.91 -23.20
CA ARG E 101 -7.14 -5.42 -22.39
C ARG E 101 -7.52 -4.43 -21.29
N GLU E 102 -6.52 -3.89 -20.58
CA GLU E 102 -6.79 -2.96 -19.49
C GLU E 102 -7.45 -1.69 -19.99
N GLN E 103 -6.99 -1.18 -21.14
CA GLN E 103 -7.49 0.09 -21.66
C GLN E 103 -8.84 -0.03 -22.33
N LEU E 104 -9.25 -1.27 -22.57
CA LEU E 104 -10.45 -1.54 -23.33
C LEU E 104 -11.52 -2.09 -22.37
N SER E 105 -11.18 -2.15 -21.10
CA SER E 105 -12.03 -2.80 -20.10
C SER E 105 -13.32 -2.03 -19.81
N SER E 106 -13.33 -0.73 -20.07
CA SER E 106 -14.56 0.03 -19.97
C SER E 106 -14.59 1.08 -21.06
N VAL E 107 -15.54 0.95 -21.97
CA VAL E 107 -15.64 1.87 -23.10
C VAL E 107 -17.04 2.45 -23.14
N SER E 108 -17.16 3.74 -23.47
CA SER E 108 -18.45 4.42 -23.41
C SER E 108 -19.10 4.61 -24.78
N SER E 109 -18.34 4.31 -25.83
CA SER E 109 -18.86 4.28 -27.17
C SER E 109 -17.90 3.46 -27.98
N PHE E 110 -18.42 2.59 -28.84
CA PHE E 110 -17.59 1.61 -29.55
C PHE E 110 -18.28 1.17 -30.82
N GLU E 111 -17.76 1.57 -31.97
CA GLU E 111 -18.40 1.21 -33.23
C GLU E 111 -17.37 0.68 -34.22
N LYS E 112 -17.65 -0.48 -34.78
CA LYS E 112 -16.81 -1.05 -35.84
C LYS E 112 -17.09 -0.42 -37.21
N PHE E 113 -16.03 -0.12 -37.94
CA PHE E 113 -16.17 0.43 -39.28
C PHE E 113 -15.11 -0.13 -40.24
N GLU E 114 -15.40 -0.10 -41.53
CA GLU E 114 -14.47 -0.61 -42.53
C GLU E 114 -13.38 0.42 -42.84
N ILE E 115 -12.21 0.26 -42.21
CA ILE E 115 -11.09 1.19 -42.40
C ILE E 115 -10.54 1.15 -43.84
N PHE E 116 -10.22 -0.05 -44.32
CA PHE E 116 -9.75 -0.27 -45.68
C PHE E 116 -10.60 -1.36 -46.33
N PRO E 117 -11.55 -0.97 -47.19
CA PRO E 117 -12.42 -1.95 -47.87
C PRO E 117 -11.64 -2.99 -48.69
N LYS E 118 -11.89 -4.27 -48.42
CA LYS E 118 -11.22 -5.38 -49.10
C LYS E 118 -11.24 -5.20 -50.62
N ALA E 119 -12.42 -4.89 -51.16
CA ALA E 119 -12.59 -4.71 -52.58
C ALA E 119 -11.64 -3.67 -53.18
N SER E 120 -11.86 -2.41 -52.83
CA SER E 120 -11.27 -1.28 -53.57
C SER E 120 -9.82 -0.87 -53.23
N SER E 121 -9.33 -1.20 -52.05
CA SER E 121 -8.06 -0.62 -51.62
C SER E 121 -6.78 -1.29 -52.10
N TRP E 122 -6.83 -2.58 -52.43
CA TRP E 122 -5.61 -3.30 -52.82
C TRP E 122 -5.64 -3.86 -54.23
N PRO E 123 -5.65 -2.97 -55.24
CA PRO E 123 -5.38 -3.49 -56.58
C PRO E 123 -3.90 -3.82 -56.61
N ASN E 124 -3.46 -4.59 -57.59
CA ASN E 124 -2.07 -5.00 -57.68
C ASN E 124 -1.69 -6.08 -56.67
N HIS E 125 -2.68 -6.52 -55.89
CA HIS E 125 -2.45 -7.56 -54.88
C HIS E 125 -3.61 -8.55 -54.73
N GLU E 126 -3.49 -9.45 -53.78
CA GLU E 126 -4.33 -10.63 -53.72
C GLU E 126 -5.47 -10.60 -52.67
N THR E 127 -5.96 -11.80 -52.35
CA THR E 127 -7.17 -12.02 -51.58
C THR E 127 -7.61 -13.50 -51.71
N LYS E 128 -6.70 -14.40 -51.30
CA LYS E 128 -6.99 -15.81 -51.12
C LYS E 128 -6.33 -16.17 -49.80
N GLY E 129 -6.18 -15.18 -48.93
CA GLY E 129 -5.52 -15.36 -47.66
C GLY E 129 -6.37 -16.07 -46.62
N VAL E 130 -6.40 -17.39 -46.68
CA VAL E 130 -7.08 -18.17 -45.66
C VAL E 130 -6.16 -19.28 -45.18
N THR E 131 -6.59 -20.00 -44.14
CA THR E 131 -5.75 -20.95 -43.45
C THR E 131 -6.61 -21.96 -42.70
N ALA E 132 -6.15 -23.20 -42.62
CA ALA E 132 -6.90 -24.22 -41.90
C ALA E 132 -6.87 -23.96 -40.40
N ALA E 133 -5.93 -23.10 -39.98
CA ALA E 133 -5.82 -22.71 -38.58
C ALA E 133 -7.01 -21.86 -38.15
N CYS E 134 -7.47 -21.02 -39.06
CA CYS E 134 -8.61 -20.16 -38.78
C CYS E 134 -9.83 -20.55 -39.60
N SER E 135 -10.46 -21.66 -39.25
CA SER E 135 -11.51 -22.25 -40.09
C SER E 135 -12.94 -22.08 -39.57
N TYR E 136 -13.87 -21.89 -40.51
CA TYR E 136 -15.29 -21.90 -40.14
C TYR E 136 -16.07 -22.99 -40.84
N SER E 137 -16.85 -23.71 -40.06
CA SER E 137 -17.65 -24.82 -40.58
C SER E 137 -16.82 -25.71 -41.49
N GLY E 138 -15.64 -26.07 -41.04
CA GLY E 138 -14.82 -27.06 -41.73
C GLY E 138 -13.87 -26.47 -42.74
N ALA E 139 -14.29 -25.39 -43.40
CA ALA E 139 -13.47 -24.79 -44.46
C ALA E 139 -12.45 -23.82 -43.87
N SER E 140 -11.34 -23.64 -44.58
CA SER E 140 -10.31 -22.72 -44.16
C SER E 140 -10.76 -21.29 -44.36
N SER E 141 -10.55 -20.44 -43.36
CA SER E 141 -10.93 -19.04 -43.45
C SER E 141 -9.84 -18.13 -42.88
N PHE E 142 -10.24 -17.02 -42.25
CA PHE E 142 -9.30 -16.06 -41.67
C PHE E 142 -10.06 -15.04 -40.85
N TYR E 143 -9.33 -14.26 -40.05
CA TYR E 143 -9.91 -13.20 -39.24
C TYR E 143 -10.81 -12.29 -40.06
N ARG E 144 -11.95 -11.91 -39.50
CA ARG E 144 -12.92 -11.10 -40.23
C ARG E 144 -12.47 -9.65 -40.33
N ASN E 145 -11.65 -9.19 -39.38
CA ASN E 145 -11.24 -7.78 -39.34
C ASN E 145 -9.86 -7.48 -39.92
N LEU E 146 -9.20 -8.52 -40.41
CA LEU E 146 -7.88 -8.40 -41.02
C LEU E 146 -7.87 -9.01 -42.41
N LEU E 147 -6.98 -8.51 -43.27
CA LEU E 147 -6.88 -9.01 -44.64
C LEU E 147 -5.50 -9.60 -44.93
N TRP E 148 -5.44 -10.89 -45.28
CA TRP E 148 -4.17 -11.49 -45.65
C TRP E 148 -3.82 -11.16 -47.09
N ILE E 149 -3.11 -10.06 -47.28
CA ILE E 149 -2.67 -9.62 -48.60
C ILE E 149 -1.50 -10.43 -49.11
N THR E 150 -1.65 -11.02 -50.30
CA THR E 150 -0.59 -11.81 -50.93
C THR E 150 -0.30 -11.33 -52.36
N LYS E 151 0.74 -11.88 -52.96
CA LYS E 151 1.20 -11.41 -54.27
C LYS E 151 0.22 -11.79 -55.37
N LYS E 152 0.05 -10.88 -56.33
CA LYS E 152 -0.78 -11.16 -57.49
C LYS E 152 0.06 -11.80 -58.61
N GLY E 153 0.04 -13.13 -58.66
CA GLY E 153 0.82 -13.88 -59.63
C GLY E 153 2.20 -13.31 -59.90
N THR E 154 3.18 -13.73 -59.10
CA THR E 154 4.61 -13.49 -59.38
C THR E 154 5.13 -12.08 -59.04
N SER E 155 4.27 -11.22 -58.48
CA SER E 155 4.67 -9.84 -58.23
C SER E 155 3.96 -9.19 -57.04
N TYR E 156 4.75 -8.73 -56.06
CA TYR E 156 4.22 -7.98 -54.92
C TYR E 156 4.82 -6.59 -54.94
N PRO E 157 4.11 -5.63 -55.56
CA PRO E 157 4.52 -4.23 -55.68
C PRO E 157 4.43 -3.52 -54.33
N LYS E 158 5.32 -2.56 -54.10
CA LYS E 158 5.29 -1.78 -52.87
C LYS E 158 3.90 -1.15 -52.70
N LEU E 159 3.16 -1.58 -51.68
CA LEU E 159 1.84 -1.01 -51.42
C LEU E 159 1.86 0.15 -50.43
N SER E 160 0.93 1.09 -50.59
CA SER E 160 0.90 2.26 -49.74
C SER E 160 -0.52 2.83 -49.63
N LYS E 161 -1.14 2.62 -48.47
CA LYS E 161 -2.46 3.19 -48.20
C LYS E 161 -2.45 3.98 -46.90
N SER E 162 -3.28 5.02 -46.86
CA SER E 162 -3.38 5.89 -45.68
C SER E 162 -4.80 6.09 -45.18
N TYR E 163 -4.94 6.45 -43.91
CA TYR E 163 -6.26 6.72 -43.35
C TYR E 163 -6.22 7.94 -42.44
N THR E 164 -7.16 8.85 -42.64
CA THR E 164 -7.28 10.03 -41.81
C THR E 164 -8.48 9.89 -40.88
N ASN E 165 -8.26 10.08 -39.59
CA ASN E 165 -9.31 9.94 -38.60
C ASN E 165 -10.26 11.13 -38.54
N ASN E 166 -11.53 10.88 -38.85
CA ASN E 166 -12.54 11.91 -38.92
C ASN E 166 -13.78 11.50 -38.16
N LYS E 167 -13.62 10.48 -37.33
CA LYS E 167 -14.71 9.96 -36.51
C LYS E 167 -15.01 10.88 -35.30
N GLY E 168 -14.07 11.76 -34.98
CA GLY E 168 -14.22 12.58 -33.78
C GLY E 168 -14.11 11.75 -32.52
N LYS E 169 -13.45 10.60 -32.63
CA LYS E 169 -13.10 9.76 -31.47
C LYS E 169 -11.75 9.14 -31.76
N GLU E 170 -11.20 8.43 -30.78
CA GLU E 170 -10.00 7.66 -31.03
C GLU E 170 -10.38 6.47 -31.90
N VAL E 171 -9.50 6.10 -32.81
CA VAL E 171 -9.71 4.91 -33.61
C VAL E 171 -8.66 3.87 -33.26
N LEU E 172 -9.10 2.68 -32.91
CA LEU E 172 -8.22 1.56 -32.60
C LEU E 172 -7.98 0.76 -33.88
N VAL E 173 -6.75 0.78 -34.37
CA VAL E 173 -6.39 0.07 -35.58
C VAL E 173 -5.50 -1.11 -35.25
N LEU E 174 -5.92 -2.32 -35.62
CA LEU E 174 -5.08 -3.50 -35.49
C LEU E 174 -4.55 -3.96 -36.84
N TRP E 175 -3.34 -4.53 -36.84
CA TRP E 175 -2.81 -5.21 -38.02
C TRP E 175 -1.89 -6.37 -37.64
N GLY E 176 -1.41 -7.09 -38.65
CA GLY E 176 -0.53 -8.22 -38.41
C GLY E 176 0.71 -8.21 -39.28
N VAL E 177 1.72 -8.97 -38.88
CA VAL E 177 2.91 -9.19 -39.69
C VAL E 177 3.16 -10.69 -39.74
N HIS E 178 3.26 -11.25 -40.95
CA HIS E 178 3.46 -12.69 -41.09
C HIS E 178 4.93 -13.08 -41.13
N HIS E 179 5.27 -14.11 -40.38
CA HIS E 179 6.63 -14.63 -40.39
C HIS E 179 6.64 -16.06 -40.91
N PRO E 180 6.97 -16.23 -42.19
CA PRO E 180 7.06 -17.56 -42.82
C PRO E 180 8.15 -18.39 -42.14
N PRO E 181 8.06 -19.73 -42.23
CA PRO E 181 9.01 -20.64 -41.57
C PRO E 181 10.31 -20.78 -42.35
N SER E 182 10.24 -20.56 -43.65
CA SER E 182 11.38 -20.78 -44.53
C SER E 182 11.59 -19.60 -45.47
N VAL E 183 12.72 -19.57 -46.14
CA VAL E 183 13.06 -18.48 -47.04
C VAL E 183 12.32 -18.64 -48.38
N SER E 184 12.00 -19.88 -48.73
CA SER E 184 11.27 -20.15 -49.96
C SER E 184 9.77 -19.86 -49.83
N GLU E 185 9.22 -20.03 -48.62
CA GLU E 185 7.81 -19.73 -48.40
C GLU E 185 7.61 -18.22 -48.43
N GLN E 186 8.63 -17.49 -48.01
CA GLN E 186 8.62 -16.04 -48.12
C GLN E 186 8.48 -15.66 -49.58
N GLN E 187 9.05 -16.47 -50.45
CA GLN E 187 9.03 -16.24 -51.89
C GLN E 187 7.64 -16.47 -52.46
N SER E 188 7.09 -17.67 -52.26
CA SER E 188 5.83 -18.05 -52.88
C SER E 188 4.63 -17.25 -52.38
N LEU E 189 4.78 -16.58 -51.23
CA LEU E 189 3.72 -15.73 -50.71
C LEU E 189 3.88 -14.27 -51.18
N TYR E 190 5.07 -13.71 -50.98
CA TYR E 190 5.26 -12.28 -51.20
C TYR E 190 6.40 -11.95 -52.19
N GLN E 191 6.85 -12.94 -52.95
CA GLN E 191 7.96 -12.76 -53.91
C GLN E 191 9.25 -12.15 -53.33
N ASN E 192 9.20 -10.89 -52.95
CA ASN E 192 10.38 -10.18 -52.47
C ASN E 192 10.97 -10.76 -51.19
N ALA E 193 12.16 -11.34 -51.30
CA ALA E 193 12.85 -11.90 -50.14
C ALA E 193 13.21 -10.79 -49.16
N ASP E 194 13.65 -9.66 -49.69
CA ASP E 194 13.90 -8.48 -48.87
C ASP E 194 12.61 -7.68 -48.73
N ALA E 195 11.87 -7.95 -47.66
CA ALA E 195 10.57 -7.34 -47.47
C ALA E 195 10.50 -6.57 -46.16
N TYR E 196 9.57 -5.63 -46.10
CA TYR E 196 9.39 -4.79 -44.92
C TYR E 196 7.94 -4.33 -44.79
N VAL E 197 7.52 -4.07 -43.56
CA VAL E 197 6.21 -3.47 -43.31
C VAL E 197 6.44 -2.23 -42.46
N SER E 198 5.87 -1.11 -42.90
CA SER E 198 6.07 0.15 -42.21
C SER E 198 4.77 0.84 -41.85
N VAL E 199 4.54 1.05 -40.56
CA VAL E 199 3.38 1.80 -40.10
C VAL E 199 3.84 3.15 -39.57
N GLY E 200 3.06 4.19 -39.82
CA GLY E 200 3.44 5.53 -39.40
C GLY E 200 2.29 6.50 -39.19
N SER E 201 2.30 7.17 -38.04
CA SER E 201 1.37 8.25 -37.74
C SER E 201 2.10 9.34 -36.96
N SER E 202 1.34 10.25 -36.35
CA SER E 202 1.93 11.38 -35.63
C SER E 202 2.77 10.94 -34.44
N LYS E 203 2.32 9.87 -33.78
CA LYS E 203 3.02 9.35 -32.61
C LYS E 203 3.27 7.84 -32.70
N TYR E 204 3.44 7.34 -33.91
CA TYR E 204 3.76 5.93 -34.09
C TYR E 204 4.63 5.75 -35.32
N ASN E 205 5.80 5.17 -35.14
CA ASN E 205 6.67 4.89 -36.25
C ASN E 205 7.38 3.59 -35.94
N ARG E 206 7.15 2.58 -36.78
CA ARG E 206 7.85 1.32 -36.60
C ARG E 206 8.07 0.68 -37.95
N ARG E 207 9.14 -0.11 -38.05
CA ARG E 207 9.38 -0.91 -39.24
C ARG E 207 9.45 -2.36 -38.77
N PHE E 208 9.05 -3.28 -39.63
CA PHE E 208 9.10 -4.69 -39.30
C PHE E 208 9.79 -5.44 -40.43
N ALA E 209 10.60 -6.43 -40.06
CA ALA E 209 11.18 -7.33 -41.04
C ALA E 209 10.61 -8.72 -40.79
N PRO E 210 10.57 -9.56 -41.83
CA PRO E 210 10.12 -10.95 -41.67
C PRO E 210 11.17 -11.75 -40.94
N GLU E 211 10.83 -12.24 -39.74
CA GLU E 211 11.77 -13.02 -38.96
C GLU E 211 11.72 -14.50 -39.36
N ILE E 212 12.13 -14.76 -40.60
CA ILE E 212 12.10 -16.10 -41.17
C ILE E 212 12.97 -17.09 -40.39
N ALA E 213 12.33 -18.09 -39.78
CA ALA E 213 13.02 -19.01 -38.87
C ALA E 213 12.31 -20.35 -38.72
N ALA E 214 13.08 -21.43 -38.68
CA ALA E 214 12.51 -22.76 -38.45
C ALA E 214 11.94 -22.88 -37.03
N ARG E 215 10.72 -23.37 -36.93
CA ARG E 215 10.07 -23.53 -35.62
C ARG E 215 8.99 -24.61 -35.68
N PRO E 216 8.51 -25.05 -34.50
CA PRO E 216 7.54 -26.14 -34.43
C PRO E 216 6.17 -25.73 -34.95
N LYS E 217 5.36 -26.69 -35.36
CA LYS E 217 4.00 -26.41 -35.77
C LYS E 217 3.07 -26.17 -34.58
N VAL E 218 2.33 -25.07 -34.64
CA VAL E 218 1.27 -24.78 -33.68
C VAL E 218 -0.02 -24.63 -34.49
N ARG E 219 -1.06 -25.35 -34.11
CA ARG E 219 -2.29 -25.44 -34.91
C ARG E 219 -1.96 -25.73 -36.38
N GLY E 220 -1.03 -26.66 -36.60
CA GLY E 220 -0.65 -27.06 -37.94
C GLY E 220 0.14 -26.03 -38.73
N GLN E 221 0.49 -24.91 -38.11
CA GLN E 221 1.24 -23.86 -38.80
C GLN E 221 2.63 -23.64 -38.20
N ALA E 222 3.64 -23.69 -39.05
CA ALA E 222 5.00 -23.41 -38.61
C ALA E 222 5.30 -21.92 -38.74
N GLY E 223 4.48 -21.22 -39.50
CA GLY E 223 4.62 -19.78 -39.61
C GLY E 223 4.09 -19.11 -38.35
N ARG E 224 4.42 -17.83 -38.19
CA ARG E 224 3.89 -17.08 -37.06
C ARG E 224 3.24 -15.79 -37.54
N MET E 225 2.42 -15.21 -36.69
CA MET E 225 1.80 -13.94 -37.00
C MET E 225 1.88 -13.03 -35.77
N ASN E 226 2.50 -11.88 -35.94
CA ASN E 226 2.53 -10.89 -34.87
C ASN E 226 1.41 -9.87 -35.04
N TYR E 227 0.64 -9.66 -33.98
CA TYR E 227 -0.46 -8.70 -34.00
C TYR E 227 -0.04 -7.38 -33.32
N TYR E 228 -0.36 -6.28 -33.97
CA TYR E 228 -0.03 -4.99 -33.43
C TYR E 228 -1.27 -4.11 -33.40
N TRP E 229 -1.21 -3.05 -32.59
CA TRP E 229 -2.30 -2.09 -32.53
C TRP E 229 -1.78 -0.70 -32.18
N THR E 230 -2.68 0.27 -32.22
CA THR E 230 -2.37 1.63 -31.85
C THR E 230 -3.66 2.42 -31.73
N LEU E 231 -3.65 3.49 -30.94
CA LEU E 231 -4.81 4.34 -30.81
C LEU E 231 -4.59 5.60 -31.63
N LEU E 232 -5.24 5.65 -32.79
CA LEU E 232 -5.15 6.79 -33.70
C LEU E 232 -5.93 8.00 -33.17
N ASP E 233 -5.23 9.10 -32.91
CA ASP E 233 -5.87 10.30 -32.38
C ASP E 233 -6.78 10.95 -33.42
N GLN E 234 -7.75 11.75 -32.96
CA GLN E 234 -8.63 12.46 -33.88
C GLN E 234 -7.83 13.38 -34.80
N GLY E 235 -8.09 13.31 -36.09
CA GLY E 235 -7.45 14.17 -37.07
C GLY E 235 -6.10 13.65 -37.54
N ASP E 236 -5.57 12.66 -36.83
CA ASP E 236 -4.28 12.08 -37.16
C ASP E 236 -4.40 11.18 -38.41
N THR E 237 -3.28 10.67 -38.89
CA THR E 237 -3.28 9.86 -40.10
C THR E 237 -2.26 8.74 -40.02
N ILE E 238 -2.72 7.51 -39.93
CA ILE E 238 -1.85 6.33 -39.91
C ILE E 238 -1.56 5.97 -41.37
N THR E 239 -0.35 5.49 -41.66
CA THR E 239 0.04 5.11 -43.03
C THR E 239 0.75 3.75 -43.11
N PHE E 240 0.31 2.92 -44.04
CA PHE E 240 0.82 1.55 -44.19
C PHE E 240 1.59 1.38 -45.50
N GLU E 241 2.86 0.99 -45.39
CA GLU E 241 3.69 0.68 -46.55
C GLU E 241 4.30 -0.70 -46.38
N ALA E 242 4.31 -1.50 -47.44
CA ALA E 242 4.77 -2.89 -47.35
C ALA E 242 5.21 -3.50 -48.68
N THR E 243 6.15 -4.43 -48.60
CA THR E 243 6.57 -5.21 -49.76
C THR E 243 6.32 -6.70 -49.55
N GLY E 244 5.49 -7.00 -48.55
CA GLY E 244 5.16 -8.37 -48.19
C GLY E 244 4.83 -8.50 -46.71
N ASN E 245 4.30 -9.64 -46.31
CA ASN E 245 4.10 -9.95 -44.90
C ASN E 245 3.05 -9.12 -44.15
N LEU E 246 2.47 -8.13 -44.82
CA LEU E 246 1.46 -7.29 -44.17
C LEU E 246 0.11 -7.96 -44.14
N ILE E 247 -0.36 -8.28 -42.94
CA ILE E 247 -1.73 -8.74 -42.74
C ILE E 247 -2.53 -7.49 -42.41
N ALA E 248 -3.09 -6.87 -43.44
CA ALA E 248 -3.62 -5.52 -43.36
C ALA E 248 -4.90 -5.39 -42.52
N PRO E 249 -5.15 -4.16 -42.04
CA PRO E 249 -6.41 -3.83 -41.36
C PRO E 249 -7.54 -3.89 -42.37
N TRP E 250 -8.65 -4.53 -42.01
CA TRP E 250 -9.85 -4.48 -42.83
C TRP E 250 -10.90 -3.66 -42.06
N TYR E 251 -11.12 -4.03 -40.80
CA TYR E 251 -11.97 -3.25 -39.93
C TYR E 251 -11.18 -2.67 -38.77
N ALA E 252 -11.55 -1.47 -38.38
CA ALA E 252 -10.98 -0.82 -37.22
C ALA E 252 -12.15 -0.47 -36.31
N PHE E 253 -11.84 0.05 -35.12
CA PHE E 253 -12.86 0.46 -34.18
C PHE E 253 -12.70 1.92 -33.79
N ALA E 254 -13.79 2.68 -33.80
CA ALA E 254 -13.79 4.06 -33.30
C ALA E 254 -14.40 4.04 -31.91
N LEU E 255 -13.69 4.58 -30.93
CA LEU E 255 -14.16 4.45 -29.54
C LEU E 255 -14.00 5.70 -28.66
N ASN E 256 -14.73 5.70 -27.55
CA ASN E 256 -14.59 6.71 -26.49
C ASN E 256 -14.25 6.01 -25.20
N LYS E 257 -13.00 6.09 -24.76
CA LYS E 257 -12.63 5.48 -23.50
C LYS E 257 -13.20 6.29 -22.33
N GLY E 258 -13.88 5.60 -21.41
CA GLY E 258 -14.26 6.22 -20.17
C GLY E 258 -13.05 6.22 -19.26
N SER E 259 -13.28 5.94 -17.99
CA SER E 259 -12.18 5.62 -17.11
C SER E 259 -11.99 4.11 -17.12
N ASP E 260 -10.76 3.69 -16.91
CA ASP E 260 -10.41 2.27 -16.87
C ASP E 260 -11.26 1.47 -15.90
N SER E 261 -11.13 0.16 -15.98
CA SER E 261 -11.94 -0.78 -15.22
C SER E 261 -11.16 -2.08 -15.09
N GLY E 262 -11.84 -3.21 -15.26
CA GLY E 262 -11.16 -4.48 -15.20
C GLY E 262 -11.84 -5.58 -15.97
N ILE E 263 -11.18 -6.73 -16.07
CA ILE E 263 -11.78 -7.89 -16.69
C ILE E 263 -12.03 -8.94 -15.59
N ILE E 264 -13.25 -9.49 -15.50
CA ILE E 264 -13.51 -10.58 -14.55
C ILE E 264 -13.68 -11.92 -15.26
N THR E 265 -13.10 -12.98 -14.69
CA THR E 265 -13.22 -14.33 -15.25
C THR E 265 -14.19 -15.18 -14.43
N SER E 266 -15.34 -15.51 -14.99
CA SER E 266 -16.38 -16.16 -14.20
C SER E 266 -17.44 -16.86 -15.05
N ASP E 267 -17.94 -17.98 -14.54
CA ASP E 267 -19.00 -18.72 -15.22
C ASP E 267 -20.36 -18.42 -14.61
N ALA E 268 -20.43 -17.37 -13.81
CA ALA E 268 -21.68 -16.94 -13.22
C ALA E 268 -22.58 -16.27 -14.27
N PRO E 269 -23.89 -16.44 -14.12
CA PRO E 269 -24.90 -15.89 -15.05
C PRO E 269 -24.98 -14.36 -14.99
N VAL E 270 -25.11 -13.71 -16.13
CA VAL E 270 -25.30 -12.27 -16.20
C VAL E 270 -26.76 -11.86 -16.05
N HIS E 271 -27.05 -10.92 -15.16
CA HIS E 271 -28.42 -10.45 -14.97
C HIS E 271 -28.56 -8.93 -15.06
N ASN E 272 -29.77 -8.43 -14.90
CA ASN E 272 -30.04 -7.00 -15.01
C ASN E 272 -30.03 -6.27 -13.68
N CYS E 273 -29.84 -7.00 -12.58
CA CYS E 273 -29.69 -6.36 -11.30
C CYS E 273 -28.60 -5.29 -11.44
N ASP E 274 -28.54 -4.37 -10.49
CA ASP E 274 -27.56 -3.30 -10.55
C ASP E 274 -26.68 -3.39 -9.31
N THR E 275 -25.41 -3.01 -9.42
CA THR E 275 -24.56 -3.06 -8.23
C THR E 275 -23.47 -2.01 -8.27
N ARG E 276 -22.99 -1.62 -7.08
CA ARG E 276 -21.86 -0.72 -6.95
C ARG E 276 -20.57 -1.51 -6.80
N CYS E 277 -20.70 -2.80 -6.50
CA CYS E 277 -19.54 -3.67 -6.27
C CYS E 277 -19.68 -5.07 -6.88
N GLN E 278 -18.77 -5.44 -7.76
CA GLN E 278 -18.83 -6.75 -8.43
C GLN E 278 -17.61 -7.64 -8.12
N THR E 279 -17.86 -8.91 -7.81
CA THR E 279 -16.79 -9.87 -7.61
C THR E 279 -17.05 -11.02 -8.59
N PRO E 280 -16.03 -11.85 -8.84
CA PRO E 280 -16.21 -12.99 -9.76
C PRO E 280 -17.32 -13.99 -9.38
N HIS E 281 -17.60 -14.17 -8.11
CA HIS E 281 -18.64 -15.11 -7.69
C HIS E 281 -20.02 -14.47 -7.70
N GLY E 282 -20.06 -13.14 -7.54
CA GLY E 282 -21.31 -12.41 -7.51
C GLY E 282 -21.17 -10.99 -7.02
N ALA E 283 -22.28 -10.25 -7.03
CA ALA E 283 -22.23 -8.83 -6.64
C ALA E 283 -22.46 -8.69 -5.14
N LEU E 284 -21.82 -7.69 -4.54
CA LEU E 284 -22.01 -7.41 -3.12
C LEU E 284 -23.04 -6.31 -2.95
N ASN E 285 -24.11 -6.60 -2.20
CA ASN E 285 -25.08 -5.59 -1.82
C ASN E 285 -24.44 -4.84 -0.69
N SER E 286 -23.37 -4.12 -0.98
CA SER E 286 -22.59 -3.61 0.14
C SER E 286 -22.45 -2.13 0.48
N SER E 287 -22.85 -1.90 1.72
CA SER E 287 -22.92 -0.63 2.40
C SER E 287 -22.23 -0.84 3.75
N LEU E 288 -21.79 -2.07 3.99
CA LEU E 288 -21.00 -2.42 5.17
C LEU E 288 -19.52 -2.18 4.90
N PRO E 289 -18.72 -1.93 5.94
CA PRO E 289 -17.32 -1.55 5.74
C PRO E 289 -16.43 -2.70 5.25
N PHE E 290 -16.75 -3.93 5.63
CA PHE E 290 -15.86 -5.05 5.36
C PHE E 290 -16.58 -6.23 4.69
N GLN E 291 -15.84 -6.95 3.83
CA GLN E 291 -16.33 -8.18 3.25
C GLN E 291 -15.25 -9.26 3.25
N ASN E 292 -15.64 -10.52 3.24
CA ASN E 292 -14.70 -11.62 3.11
C ASN E 292 -15.04 -12.55 1.94
N VAL E 293 -15.84 -12.04 1.01
CA VAL E 293 -16.28 -12.81 -0.15
C VAL E 293 -15.14 -13.07 -1.14
N HIS E 294 -14.41 -12.02 -1.52
CA HIS E 294 -13.37 -12.17 -2.53
C HIS E 294 -12.45 -10.94 -2.55
N PRO E 295 -11.14 -11.17 -2.56
CA PRO E 295 -10.16 -10.08 -2.61
C PRO E 295 -10.19 -9.28 -3.91
N ILE E 296 -10.50 -9.90 -5.05
CA ILE E 296 -10.43 -9.22 -6.34
C ILE E 296 -11.80 -8.74 -6.83
N THR E 297 -12.01 -7.42 -6.76
CA THR E 297 -13.33 -6.84 -7.04
C THR E 297 -13.25 -5.65 -8.02
N ILE E 298 -14.39 -5.26 -8.58
CA ILE E 298 -14.47 -4.07 -9.41
C ILE E 298 -15.59 -3.17 -8.89
N GLY E 299 -15.30 -1.90 -8.67
CA GLY E 299 -16.30 -0.96 -8.20
C GLY E 299 -15.93 -0.31 -6.87
N GLU E 300 -16.94 0.17 -6.14
CA GLU E 300 -16.75 0.77 -4.81
C GLU E 300 -17.03 -0.26 -3.72
N CYS E 301 -15.98 -0.95 -3.28
CA CYS E 301 -16.13 -2.15 -2.48
C CYS E 301 -15.76 -2.02 -1.01
N PRO E 302 -16.46 -2.79 -0.15
CA PRO E 302 -16.05 -2.92 1.24
C PRO E 302 -14.65 -3.47 1.28
N LYS E 303 -13.91 -3.18 2.33
CA LYS E 303 -12.53 -3.63 2.39
C LYS E 303 -12.46 -5.13 2.58
N TYR E 304 -11.71 -5.80 1.70
CA TYR E 304 -11.52 -7.24 1.84
C TYR E 304 -10.75 -7.56 3.12
N VAL E 305 -11.27 -8.54 3.85
CA VAL E 305 -10.81 -8.86 5.17
C VAL E 305 -10.85 -10.39 5.39
N LYS E 306 -9.96 -10.91 6.22
CA LYS E 306 -9.92 -12.36 6.40
C LYS E 306 -10.73 -12.83 7.59
N SER E 307 -11.62 -11.98 8.09
CA SER E 307 -12.44 -12.34 9.25
C SER E 307 -13.57 -13.27 8.86
N THR E 308 -14.18 -13.89 9.85
CA THR E 308 -15.33 -14.75 9.60
C THR E 308 -16.49 -14.23 10.41
N LYS E 309 -16.20 -13.29 11.31
CA LYS E 309 -17.23 -12.67 12.14
C LYS E 309 -16.80 -11.29 12.66
N LEU E 310 -17.61 -10.27 12.39
CA LEU E 310 -17.33 -8.93 12.92
C LEU E 310 -18.63 -8.34 13.42
N ARG E 311 -19.21 -9.00 14.41
CA ARG E 311 -20.49 -8.57 14.97
C ARG E 311 -20.28 -7.52 16.05
N MET E 312 -20.98 -6.41 15.89
CA MET E 312 -20.83 -5.28 16.78
C MET E 312 -22.05 -5.08 17.69
N ALA E 313 -21.84 -5.21 19.00
CA ALA E 313 -22.88 -4.96 19.99
C ALA E 313 -23.47 -3.56 19.86
N THR E 314 -24.79 -3.49 20.00
CA THR E 314 -25.49 -2.22 20.11
C THR E 314 -26.31 -2.26 21.39
N GLY E 315 -26.66 -3.45 21.84
CA GLY E 315 -27.40 -3.59 23.08
C GLY E 315 -26.51 -3.86 24.28
N LEU E 316 -27.12 -4.28 25.39
CA LEU E 316 -26.34 -4.56 26.59
C LEU E 316 -26.11 -6.05 26.80
N ARG E 317 -25.33 -6.39 27.82
CA ARG E 317 -25.11 -7.79 28.15
C ARG E 317 -26.47 -8.40 28.48
N ASN E 318 -26.79 -9.51 27.82
CA ASN E 318 -28.08 -10.13 28.03
C ASN E 318 -28.06 -11.08 29.22
N VAL E 319 -28.75 -10.66 30.29
CA VAL E 319 -28.85 -11.41 31.54
C VAL E 319 -30.32 -11.65 31.92
N PRO E 320 -30.98 -12.66 31.28
CA PRO E 320 -32.41 -12.90 31.52
C PRO E 320 -32.73 -13.54 32.87
N SER E 321 -31.89 -14.49 33.29
CA SER E 321 -32.05 -15.18 34.57
C SER E 321 -33.39 -15.90 34.69
N ARG E 322 -33.38 -17.23 34.51
CA ARG E 322 -34.57 -18.05 34.75
C ARG E 322 -34.49 -18.81 36.09
N GLY F 1 -19.26 -4.21 32.94
CA GLY F 1 -18.99 -4.53 34.33
C GLY F 1 -18.04 -3.54 34.95
N LEU F 2 -17.59 -2.58 34.15
CA LEU F 2 -16.62 -1.57 34.58
C LEU F 2 -17.21 -0.61 35.64
N PHE F 3 -18.53 -0.51 35.67
CA PHE F 3 -19.22 0.35 36.62
C PHE F 3 -20.04 -0.46 37.61
N GLY F 4 -19.82 -1.77 37.62
CA GLY F 4 -20.40 -2.67 38.63
C GLY F 4 -21.92 -2.76 38.78
N ALA F 5 -22.68 -2.25 37.82
CA ALA F 5 -24.14 -2.29 37.92
C ALA F 5 -24.76 -3.46 37.16
N ILE F 6 -24.66 -3.44 35.83
CA ILE F 6 -25.19 -4.52 35.00
C ILE F 6 -24.42 -5.80 35.33
N ALA F 7 -25.14 -6.85 35.66
CA ALA F 7 -24.53 -8.13 36.05
C ALA F 7 -23.71 -8.00 37.33
N GLY F 8 -23.84 -6.88 38.02
CA GLY F 8 -23.14 -6.64 39.28
C GLY F 8 -24.05 -6.56 40.49
N PHE F 9 -24.19 -5.36 41.06
CA PHE F 9 -25.04 -5.20 42.23
C PHE F 9 -26.52 -5.23 41.88
N ILE F 10 -26.85 -4.87 40.64
CA ILE F 10 -28.14 -5.25 40.07
C ILE F 10 -27.97 -6.59 39.34
N GLU F 11 -28.31 -7.69 40.02
CA GLU F 11 -27.89 -9.02 39.57
C GLU F 11 -28.37 -9.48 38.18
N GLY F 12 -29.58 -9.09 37.80
CA GLY F 12 -30.13 -9.53 36.53
C GLY F 12 -30.92 -8.48 35.77
N GLY F 13 -31.40 -8.90 34.59
CA GLY F 13 -32.18 -8.02 33.73
C GLY F 13 -33.66 -8.33 33.79
N TRP F 14 -34.48 -7.42 33.27
CA TRP F 14 -35.92 -7.63 33.25
C TRP F 14 -36.42 -7.91 31.84
N THR F 15 -36.87 -9.13 31.60
CA THR F 15 -37.51 -9.46 30.33
C THR F 15 -38.91 -8.84 30.33
N GLY F 16 -39.37 -8.44 31.52
CA GLY F 16 -40.67 -7.81 31.70
C GLY F 16 -40.70 -6.35 31.29
N MET F 17 -39.54 -5.71 31.22
CA MET F 17 -39.47 -4.33 30.78
C MET F 17 -39.25 -4.25 29.28
N ILE F 18 -40.34 -4.24 28.52
CA ILE F 18 -40.25 -4.34 27.06
C ILE F 18 -40.15 -3.01 26.33
N ASP F 19 -40.42 -1.90 27.01
CA ASP F 19 -40.52 -0.60 26.34
C ASP F 19 -39.26 0.30 26.42
N GLY F 20 -38.10 -0.31 26.63
CA GLY F 20 -36.86 0.45 26.70
C GLY F 20 -35.69 -0.30 27.31
N TRP F 21 -34.52 0.35 27.36
CA TRP F 21 -33.30 -0.29 27.84
C TRP F 21 -33.11 -0.23 29.35
N TYR F 22 -33.35 0.94 29.95
CA TYR F 22 -33.23 1.10 31.40
C TYR F 22 -34.56 1.55 31.95
N GLY F 23 -34.84 1.22 33.21
CA GLY F 23 -36.11 1.63 33.78
C GLY F 23 -36.31 1.27 35.23
N TYR F 24 -37.57 1.26 35.66
CA TYR F 24 -37.94 1.09 37.06
C TYR F 24 -38.92 -0.04 37.24
N HIS F 25 -39.08 -0.49 38.49
CA HIS F 25 -40.14 -1.45 38.80
C HIS F 25 -41.26 -0.89 39.67
N HIS F 26 -41.00 -0.58 40.93
CA HIS F 26 -42.04 -0.01 41.81
C HIS F 26 -43.18 -0.96 42.23
N GLN F 27 -43.59 -0.85 43.49
CA GLN F 27 -44.68 -1.65 44.04
C GLN F 27 -45.54 -0.86 45.03
N ASN F 28 -46.83 -0.80 44.75
CA ASN F 28 -47.79 -0.02 45.53
C ASN F 28 -48.80 -0.90 46.22
N GLU F 29 -49.76 -0.25 46.87
CA GLU F 29 -51.00 -0.92 47.20
C GLU F 29 -51.96 -0.71 46.02
N GLN F 30 -51.53 0.09 45.05
CA GLN F 30 -52.25 0.24 43.78
C GLN F 30 -51.72 -0.69 42.68
N GLY F 31 -50.82 -1.60 43.06
CA GLY F 31 -50.29 -2.57 42.11
C GLY F 31 -48.79 -2.42 41.90
N SER F 32 -48.30 -2.97 40.80
CA SER F 32 -46.88 -2.92 40.50
C SER F 32 -46.66 -2.98 38.99
N GLY F 33 -45.41 -2.96 38.54
CA GLY F 33 -45.15 -3.13 37.12
C GLY F 33 -43.93 -2.41 36.62
N TYR F 34 -43.57 -2.64 35.37
CA TYR F 34 -42.37 -2.03 34.80
C TYR F 34 -42.64 -0.72 34.04
N ALA F 35 -41.59 0.08 33.89
CA ALA F 35 -41.67 1.30 33.11
C ALA F 35 -40.25 1.68 32.72
N ALA F 36 -40.05 1.96 31.44
CA ALA F 36 -38.74 2.39 30.97
C ALA F 36 -38.55 3.87 31.28
N ASP F 37 -37.30 4.27 31.50
CA ASP F 37 -36.96 5.66 31.66
C ASP F 37 -36.72 6.18 30.26
N GLN F 38 -37.61 7.04 29.76
CA GLN F 38 -37.47 7.48 28.38
C GLN F 38 -36.25 8.34 28.09
N LYS F 39 -35.87 9.23 29.00
CA LYS F 39 -34.75 10.14 28.75
C LYS F 39 -33.44 9.40 28.49
N SER F 40 -33.01 8.57 29.44
CA SER F 40 -31.76 7.87 29.27
C SER F 40 -31.85 6.86 28.13
N THR F 41 -32.96 6.13 28.03
CA THR F 41 -33.08 5.15 26.95
C THR F 41 -32.90 5.85 25.60
N GLN F 42 -33.63 6.93 25.40
CA GLN F 42 -33.52 7.66 24.15
C GLN F 42 -32.11 8.22 23.95
N ASN F 43 -31.49 8.71 25.02
CA ASN F 43 -30.13 9.22 24.91
C ASN F 43 -29.18 8.13 24.46
N ALA F 44 -29.28 6.97 25.09
CA ALA F 44 -28.47 5.81 24.72
C ALA F 44 -28.76 5.37 23.28
N ILE F 45 -30.04 5.22 22.94
CA ILE F 45 -30.39 4.84 21.56
C ILE F 45 -29.73 5.82 20.58
N ASP F 46 -29.74 7.11 20.91
CA ASP F 46 -29.15 8.13 20.04
C ASP F 46 -27.62 7.96 19.95
N GLY F 47 -26.98 7.83 21.11
CA GLY F 47 -25.54 7.71 21.16
C GLY F 47 -25.09 6.47 20.41
N ILE F 48 -25.68 5.33 20.72
CA ILE F 48 -25.29 4.09 20.08
C ILE F 48 -25.54 4.13 18.57
N THR F 49 -26.64 4.76 18.14
CA THR F 49 -26.88 4.97 16.72
C THR F 49 -25.75 5.80 16.07
N SER F 50 -25.32 6.88 16.72
CA SER F 50 -24.25 7.71 16.16
C SER F 50 -23.00 6.84 16.02
N LYS F 51 -22.78 5.98 17.01
CA LYS F 51 -21.62 5.10 17.02
C LYS F 51 -21.65 4.18 15.82
N VAL F 52 -22.76 3.50 15.61
CA VAL F 52 -22.87 2.61 14.48
C VAL F 52 -22.70 3.38 13.17
N ASN F 53 -23.36 4.52 13.02
CA ASN F 53 -23.19 5.29 11.79
C ASN F 53 -21.74 5.65 11.54
N SER F 54 -21.03 6.12 12.57
CA SER F 54 -19.64 6.48 12.45
C SER F 54 -18.81 5.34 11.91
N VAL F 55 -18.92 4.17 12.52
CA VAL F 55 -18.13 3.01 12.09
C VAL F 55 -18.46 2.57 10.65
N ILE F 56 -19.75 2.56 10.33
CA ILE F 56 -20.20 2.16 8.99
C ILE F 56 -19.90 3.20 7.90
N GLU F 57 -19.99 4.47 8.23
CA GLU F 57 -20.08 5.48 7.19
C GLU F 57 -18.87 6.41 7.01
N LYS F 58 -18.00 6.49 8.02
CA LYS F 58 -16.77 7.27 7.94
C LYS F 58 -15.75 6.57 7.03
N MET F 59 -16.07 5.32 6.70
CA MET F 59 -15.30 4.52 5.76
C MET F 59 -15.37 5.13 4.36
N ASN F 60 -14.25 5.65 3.88
CA ASN F 60 -14.19 6.21 2.52
C ASN F 60 -13.97 5.11 1.50
N THR F 61 -14.55 5.27 0.32
CA THR F 61 -14.46 4.20 -0.66
C THR F 61 -14.25 4.66 -2.12
N GLN F 62 -13.17 4.17 -2.72
CA GLN F 62 -12.75 4.61 -4.05
C GLN F 62 -13.08 3.55 -5.09
N PHE F 63 -13.56 3.99 -6.25
CA PHE F 63 -13.73 3.07 -7.37
C PHE F 63 -12.37 2.50 -7.77
N THR F 64 -12.24 1.17 -7.76
CA THR F 64 -10.97 0.48 -8.02
C THR F 64 -11.21 -0.86 -8.67
N ALA F 65 -10.34 -1.22 -9.62
CA ALA F 65 -10.48 -2.44 -10.39
C ALA F 65 -9.73 -3.60 -9.77
N VAL F 66 -8.73 -3.32 -8.95
CA VAL F 66 -8.01 -4.36 -8.18
C VAL F 66 -7.25 -5.46 -8.99
N GLY F 67 -7.97 -6.25 -9.76
CA GLY F 67 -7.32 -7.24 -10.60
C GLY F 67 -6.26 -6.63 -11.48
N LYS F 68 -5.14 -7.33 -11.62
CA LYS F 68 -4.14 -6.95 -12.61
C LYS F 68 -3.73 -8.19 -13.41
N GLU F 69 -3.29 -7.98 -14.64
CA GLU F 69 -2.83 -9.10 -15.45
C GLU F 69 -1.39 -8.86 -15.91
N PHE F 70 -0.48 -9.74 -15.51
CA PHE F 70 0.91 -9.60 -15.89
C PHE F 70 1.37 -10.87 -16.57
N ASN F 71 2.22 -10.72 -17.60
CA ASN F 71 2.74 -11.87 -18.33
C ASN F 71 3.87 -12.57 -17.59
N ASN F 72 4.37 -13.69 -18.12
CA ASN F 72 5.35 -14.51 -17.42
C ASN F 72 6.77 -13.96 -17.43
N LEU F 73 6.95 -12.73 -17.89
CA LEU F 73 8.21 -12.00 -17.76
C LEU F 73 8.03 -10.72 -16.96
N GLU F 74 6.92 -10.63 -16.24
CA GLU F 74 6.64 -9.47 -15.42
C GLU F 74 6.40 -9.92 -13.98
N ARG F 75 7.05 -11.02 -13.59
CA ARG F 75 6.79 -11.68 -12.32
C ARG F 75 7.06 -10.73 -11.17
N ARG F 76 8.13 -9.95 -11.26
CA ARG F 76 8.49 -9.04 -10.19
C ARG F 76 7.37 -8.05 -9.91
N ILE F 77 6.87 -7.41 -10.96
CA ILE F 77 5.80 -6.42 -10.82
C ILE F 77 4.46 -7.11 -10.44
N GLU F 78 4.29 -8.37 -10.83
CA GLU F 78 3.13 -9.16 -10.38
C GLU F 78 3.14 -9.39 -8.87
N ASN F 79 4.35 -9.55 -8.31
CA ASN F 79 4.52 -9.81 -6.88
C ASN F 79 4.44 -8.54 -6.07
N LEU F 80 4.88 -7.43 -6.67
CA LEU F 80 4.69 -6.13 -6.07
C LEU F 80 3.20 -5.93 -5.86
N ASN F 81 2.43 -6.30 -6.88
CA ASN F 81 0.99 -6.15 -6.83
C ASN F 81 0.43 -7.01 -5.72
N LYS F 82 0.85 -8.27 -5.67
CA LYS F 82 0.43 -9.20 -4.62
C LYS F 82 0.82 -8.65 -3.24
N LYS F 83 1.97 -8.01 -3.15
CA LYS F 83 2.43 -7.42 -1.90
C LYS F 83 1.50 -6.31 -1.41
N VAL F 84 1.10 -5.44 -2.35
CA VAL F 84 0.12 -4.40 -2.08
C VAL F 84 -1.20 -4.99 -1.60
N ASP F 85 -1.76 -5.93 -2.36
CA ASP F 85 -3.04 -6.52 -2.00
C ASP F 85 -2.96 -7.19 -0.63
N ASP F 86 -1.88 -7.93 -0.41
CA ASP F 86 -1.69 -8.65 0.84
C ASP F 86 -1.43 -7.72 2.01
N GLY F 87 -0.74 -6.62 1.75
CA GLY F 87 -0.50 -5.63 2.77
C GLY F 87 -1.78 -5.03 3.30
N PHE F 88 -2.68 -4.64 2.41
CA PHE F 88 -3.94 -4.02 2.82
C PHE F 88 -4.81 -5.05 3.51
N LEU F 89 -4.73 -6.29 3.07
CA LEU F 89 -5.45 -7.38 3.69
C LEU F 89 -5.09 -7.50 5.17
N ASP F 90 -3.79 -7.37 5.46
CA ASP F 90 -3.27 -7.51 6.82
C ASP F 90 -3.70 -6.32 7.67
N VAL F 91 -3.55 -5.12 7.12
CA VAL F 91 -3.96 -3.90 7.80
C VAL F 91 -5.44 -3.90 8.11
N TRP F 92 -6.27 -4.12 7.09
CA TRP F 92 -7.72 -4.07 7.27
C TRP F 92 -8.23 -5.18 8.20
N THR F 93 -7.72 -6.39 8.03
CA THR F 93 -8.12 -7.49 8.91
C THR F 93 -7.86 -7.23 10.39
N TYR F 94 -6.65 -6.74 10.72
CA TYR F 94 -6.27 -6.42 12.10
C TYR F 94 -7.06 -5.28 12.66
N ASN F 95 -7.07 -4.15 11.98
CA ASN F 95 -7.71 -2.99 12.56
C ASN F 95 -9.22 -3.15 12.60
N ALA F 96 -9.75 -4.04 11.78
CA ALA F 96 -11.18 -4.33 11.82
C ALA F 96 -11.53 -5.22 13.02
N GLU F 97 -10.79 -6.32 13.15
CA GLU F 97 -10.95 -7.24 14.27
C GLU F 97 -10.84 -6.53 15.62
N LEU F 98 -9.80 -5.71 15.80
CA LEU F 98 -9.58 -4.99 17.05
C LEU F 98 -10.55 -3.82 17.24
N LEU F 99 -11.00 -3.22 16.15
CA LEU F 99 -11.97 -2.13 16.25
C LEU F 99 -13.28 -2.64 16.82
N VAL F 100 -13.71 -3.80 16.35
CA VAL F 100 -14.93 -4.38 16.87
C VAL F 100 -14.77 -4.78 18.34
N LEU F 101 -13.68 -5.48 18.65
CA LEU F 101 -13.39 -5.87 20.03
C LEU F 101 -13.41 -4.68 20.98
N LEU F 102 -12.67 -3.63 20.63
CA LEU F 102 -12.54 -2.46 21.48
C LEU F 102 -13.89 -1.74 21.62
N GLU F 103 -14.52 -1.42 20.50
CA GLU F 103 -15.80 -0.72 20.57
C GLU F 103 -16.87 -1.52 21.31
N ASN F 104 -16.79 -2.84 21.24
CA ASN F 104 -17.73 -3.70 21.94
C ASN F 104 -17.59 -3.59 23.45
N GLU F 105 -16.34 -3.61 23.92
CA GLU F 105 -16.06 -3.39 25.33
C GLU F 105 -16.65 -2.04 25.76
N ARG F 106 -16.34 -1.00 25.01
CA ARG F 106 -16.80 0.36 25.30
C ARG F 106 -18.31 0.47 25.35
N THR F 107 -19.00 -0.21 24.43
CA THR F 107 -20.47 -0.14 24.35
C THR F 107 -21.13 -0.75 25.56
N LEU F 108 -20.71 -1.96 25.92
CA LEU F 108 -21.21 -2.64 27.11
C LEU F 108 -20.95 -1.80 28.37
N ASP F 109 -19.76 -1.21 28.47
CA ASP F 109 -19.45 -0.39 29.63
C ASP F 109 -20.32 0.86 29.66
N PHE F 110 -20.63 1.39 28.48
CA PHE F 110 -21.51 2.54 28.33
C PHE F 110 -22.89 2.24 28.92
N HIS F 111 -23.42 1.07 28.61
CA HIS F 111 -24.72 0.67 29.14
C HIS F 111 -24.63 0.51 30.64
N ASP F 112 -23.51 -0.06 31.10
CA ASP F 112 -23.33 -0.26 32.53
C ASP F 112 -23.37 1.09 33.23
N SER F 113 -22.60 2.04 32.72
CA SER F 113 -22.59 3.40 33.23
C SER F 113 -23.98 4.02 33.33
N ASN F 114 -24.79 3.87 32.28
CA ASN F 114 -26.13 4.46 32.27
C ASN F 114 -27.03 3.90 33.37
N VAL F 115 -26.93 2.60 33.64
CA VAL F 115 -27.65 1.99 34.75
C VAL F 115 -27.20 2.53 36.11
N ARG F 116 -25.89 2.59 36.33
CA ARG F 116 -25.37 3.10 37.59
C ARG F 116 -25.80 4.55 37.76
N ASN F 117 -25.69 5.33 36.69
CA ASN F 117 -26.07 6.72 36.76
C ASN F 117 -27.55 6.90 37.10
N LEU F 118 -28.40 6.08 36.51
CA LEU F 118 -29.84 6.12 36.78
C LEU F 118 -30.13 5.74 38.22
N TYR F 119 -29.49 4.67 38.67
CA TYR F 119 -29.62 4.21 40.04
C TYR F 119 -29.22 5.31 41.03
N GLU F 120 -28.18 6.07 40.68
CA GLU F 120 -27.70 7.14 41.57
C GLU F 120 -28.61 8.36 41.56
N LYS F 121 -29.23 8.64 40.42
CA LYS F 121 -30.19 9.73 40.30
C LYS F 121 -31.38 9.51 41.24
N VAL F 122 -31.81 8.26 41.37
CA VAL F 122 -32.86 7.89 42.33
C VAL F 122 -32.32 8.00 43.75
N LYS F 123 -31.25 7.28 44.05
CA LYS F 123 -30.66 7.33 45.39
C LYS F 123 -30.56 8.75 45.91
N SER F 124 -30.07 9.63 45.06
CA SER F 124 -29.84 11.03 45.36
C SER F 124 -31.13 11.81 45.72
N GLN F 125 -32.21 11.51 45.02
CA GLN F 125 -33.50 12.13 45.29
C GLN F 125 -34.10 11.64 46.62
N LEU F 126 -34.14 10.33 46.77
CA LEU F 126 -34.79 9.73 47.92
C LEU F 126 -34.06 10.04 49.21
N ARG F 127 -32.73 10.12 49.15
CA ARG F 127 -31.94 10.36 50.36
C ARG F 127 -32.39 9.40 51.47
N ASN F 128 -32.55 9.89 52.68
CA ASN F 128 -32.93 9.03 53.79
C ASN F 128 -34.43 8.79 53.94
N ASN F 129 -35.19 9.03 52.88
CA ASN F 129 -36.64 8.74 52.87
C ASN F 129 -36.95 7.30 52.49
N ALA F 130 -35.93 6.55 52.07
CA ALA F 130 -36.06 5.14 51.71
C ALA F 130 -34.78 4.43 52.10
N LYS F 131 -34.83 3.12 52.23
CA LYS F 131 -33.60 2.40 52.54
C LYS F 131 -33.14 1.57 51.34
N GLU F 132 -31.85 1.68 51.02
CA GLU F 132 -31.24 0.84 49.99
C GLU F 132 -31.24 -0.62 50.41
N ILE F 133 -32.13 -1.42 49.83
CA ILE F 133 -32.22 -2.82 50.22
C ILE F 133 -31.37 -3.71 49.32
N GLY F 134 -30.54 -3.11 48.48
CA GLY F 134 -29.69 -3.86 47.57
C GLY F 134 -30.37 -4.37 46.31
N ASN F 135 -29.57 -4.74 45.33
CA ASN F 135 -30.08 -5.24 44.04
C ASN F 135 -30.84 -4.17 43.25
N GLY F 136 -30.53 -2.91 43.55
CA GLY F 136 -31.09 -1.80 42.82
C GLY F 136 -32.43 -1.35 43.34
N CYS F 137 -32.79 -1.81 44.54
CA CYS F 137 -34.08 -1.48 45.12
C CYS F 137 -34.02 -0.53 46.31
N PHE F 138 -34.99 0.38 46.36
CA PHE F 138 -35.19 1.25 47.51
C PHE F 138 -36.55 0.97 48.14
N GLU F 139 -36.59 0.85 49.46
CA GLU F 139 -37.84 0.63 50.17
C GLU F 139 -38.22 1.89 50.95
N PHE F 140 -39.35 2.49 50.58
CA PHE F 140 -39.77 3.75 51.18
C PHE F 140 -40.11 3.62 52.67
N TYR F 141 -39.74 4.64 53.42
CA TYR F 141 -40.10 4.72 54.82
C TYR F 141 -41.53 5.27 54.93
N HIS F 142 -41.93 6.09 53.96
CA HIS F 142 -43.30 6.58 53.93
C HIS F 142 -44.18 5.74 53.02
N LYS F 143 -45.32 6.29 52.63
CA LYS F 143 -46.25 5.56 51.75
C LYS F 143 -46.23 6.21 50.37
N CYS F 144 -45.91 5.44 49.34
CA CYS F 144 -45.66 6.02 48.03
C CYS F 144 -46.70 5.68 46.96
N ASP F 145 -47.67 6.57 46.75
CA ASP F 145 -48.74 6.31 45.77
C ASP F 145 -48.25 6.50 44.33
N ASP F 146 -49.11 6.19 43.36
CA ASP F 146 -48.75 6.29 41.94
C ASP F 146 -48.17 7.66 41.56
N GLU F 147 -48.83 8.73 41.98
CA GLU F 147 -48.37 10.08 41.65
C GLU F 147 -46.95 10.32 42.17
N CYS F 148 -46.68 9.76 43.34
CA CYS F 148 -45.37 9.93 43.99
C CYS F 148 -44.25 9.16 43.28
N MET F 149 -44.50 7.90 42.92
CA MET F 149 -43.57 7.13 42.10
C MET F 149 -43.27 7.93 40.85
N GLU F 150 -44.32 8.42 40.21
CA GLU F 150 -44.20 9.18 38.99
C GLU F 150 -43.26 10.36 39.19
N SER F 151 -43.23 10.88 40.41
CA SER F 151 -42.39 12.03 40.69
C SER F 151 -40.93 11.60 40.75
N VAL F 152 -40.66 10.44 41.34
CA VAL F 152 -39.30 9.91 41.42
C VAL F 152 -38.76 9.61 40.02
N LYS F 153 -39.61 9.05 39.16
CA LYS F 153 -39.23 8.77 37.77
C LYS F 153 -39.04 10.08 36.99
N ASN F 154 -39.94 11.04 37.21
CA ASN F 154 -39.85 12.39 36.64
C ASN F 154 -38.56 13.10 37.04
N GLY F 155 -38.03 12.75 38.21
CA GLY F 155 -36.93 13.47 38.81
C GLY F 155 -37.41 14.71 39.58
N THR F 156 -38.61 14.59 40.13
CA THR F 156 -39.34 15.71 40.70
C THR F 156 -39.62 15.50 42.19
N TYR F 157 -39.08 14.42 42.75
CA TYR F 157 -39.50 13.86 44.04
C TYR F 157 -39.82 14.87 45.13
N ASP F 158 -38.88 15.74 45.47
CA ASP F 158 -39.14 16.79 46.46
C ASP F 158 -39.63 16.29 47.83
N TYR F 159 -38.67 15.90 48.66
CA TYR F 159 -38.91 15.70 50.07
C TYR F 159 -37.59 15.40 50.76
N PRO F 160 -37.32 16.10 51.85
CA PRO F 160 -36.08 15.91 52.60
C PRO F 160 -35.78 14.43 52.86
C1 SIA G . 41.17 -14.45 -25.91
C2 SIA G . 41.50 -14.34 -27.51
C3 SIA G . 42.00 -15.61 -28.11
C4 SIA G . 40.77 -16.65 -28.17
C5 SIA G . 39.64 -16.06 -29.11
C6 SIA G . 39.05 -14.68 -28.46
C7 SIA G . 38.02 -14.01 -29.34
C8 SIA G . 37.59 -12.63 -28.86
C9 SIA G . 36.52 -12.07 -29.83
C10 SIA G . 38.03 -17.76 -30.14
C11 SIA G . 38.54 -17.73 -31.59
N5 SIA G . 38.56 -17.01 -29.14
O1A SIA G . 42.17 -14.70 -25.19
O1B SIA G . 40.04 -14.31 -25.42
O2 SIA G . 42.55 -13.21 -27.73
O4 SIA G . 41.26 -17.71 -28.67
O6 SIA G . 40.28 -14.07 -28.25
O7 SIA G . 38.57 -13.91 -30.66
O8 SIA G . 37.04 -12.71 -27.55
O9 SIA G . 36.09 -10.79 -29.43
O10 SIA G . 37.08 -18.50 -29.87
C1 SIA H . 13.56 22.39 -43.27
C2 SIA H . 14.10 21.74 -44.67
C3 SIA H . 15.32 22.41 -45.21
C4 SIA H . 16.57 22.02 -44.24
C5 SIA H . 16.77 20.44 -44.28
C6 SIA H . 15.46 19.69 -43.67
C7 SIA H . 15.56 18.19 -43.74
C8 SIA H . 14.26 17.46 -43.37
C9 SIA H . 14.50 15.94 -43.48
C10 SIA H . 19.11 19.61 -43.65
C11 SIA H . 19.61 19.21 -45.04
N5 SIA H . 17.89 20.13 -43.41
O1A SIA H . 13.18 23.59 -43.37
O1B SIA H . 13.50 21.78 -42.19
O4 SIA H . 17.57 22.61 -44.73
O6 SIA H . 14.52 20.36 -44.44
O7 SIA H . 15.92 17.85 -45.09
O8 SIA H . 13.88 17.78 -42.04
O9 SIA H . 13.34 15.21 -43.14
O10 SIA H . 19.86 19.44 -42.69
C1 SIA I . -3.31 -23.56 -44.86
C2 SIA I . -2.25 -23.58 -46.11
C3 SIA I . -2.89 -23.29 -47.43
C4 SIA I . -3.28 -21.72 -47.46
C5 SIA I . -1.96 -20.86 -47.33
C6 SIA I . -1.25 -21.13 -45.88
C7 SIA I . 0.05 -20.40 -45.70
C8 SIA I . 0.83 -20.79 -44.45
C9 SIA I . 2.13 -19.98 -44.37
C10 SIA I . -2.07 -18.47 -48.23
C11 SIA I . -1.22 -18.65 -49.49
N5 SIA I . -2.33 -19.47 -47.36
O1A SIA I . -4.21 -24.42 -44.91
O1B SIA I . -3.25 -22.74 -43.92
O4 SIA I . -3.82 -21.54 -48.59
O6 SIA I . -1.27 -22.52 -45.96
O7 SIA I . 0.86 -20.68 -46.86
O8 SIA I . 0.05 -20.53 -43.28
O9 SIA I . 2.89 -20.30 -43.23
O10 SIA I . -2.54 -17.36 -47.99
#